data_7K0I
#
_entry.id   7K0I
#
_cell.length_a   1.00
_cell.length_b   1.00
_cell.length_c   1.00
_cell.angle_alpha   90.00
_cell.angle_beta   90.00
_cell.angle_gamma   90.00
#
_symmetry.space_group_name_H-M   'P 1'
#
loop_
_entity.id
_entity.type
_entity.pdbx_description
1 polymer 'Serine palmitoyltransferase 1'
2 polymer 'Serine palmitoyltransferase 2'
3 polymer 'Serine palmitoyltransferase small subunit A'
4 non-polymer '(2S)-3-(hexadecanoyloxy)-2-[(9Z)-octadec-9-enoyloxy]propyl 2-(trimethylammonio)ethyl phosphate'
#
loop_
_entity_poly.entity_id
_entity_poly.type
_entity_poly.pdbx_seq_one_letter_code
_entity_poly.pdbx_strand_id
1 'polypeptide(L)'
;MATATEQWVLVEMVQALYEAPAYHLILEGILILWIIRLLFSKTYKLQERSDLTVKEKEELIEEWQPEPLVPPVPKDHPAL
NYNIVSGPPSHKTVVNGKECINFASFNFLGLLDNPRVKAAALASLKKYGVGTCGPRGFYGTFDVHLDLEDRLAKFMKTEE
AIIYSYGFATIASAIPAYSKRGDIVFVDRAACFAIQKGLQASRSDIKLFKHNDMADLERLLKEQEIEDQKNPRKARVTRR
FIVVEGLYMNTGTICPLPELVKLKYKYKARIFLEESLSFGVLGEHGRGVTEHYGINIDDIDLISANMENALASIGGFCCG
RSFVIDHQRLSGQGYCFSASLPPLLAAAAIEALNIMEENPGIFAVLKEKCGQIHKALQGISGLKVVGESLSPAFHLQLEE
STGSREQDVRLLQEIVDQCMNRSIALTQARYLEKEEKCLPPPSIRVVVTVEQTEEELERAASTIKEVAQAVLL
;
A,D
2 'polypeptide(L)'
;MRPEPGGCCCRRTVRANGCVANGEVRNGYVRSSAAAAAAAAAGQIHHVTQNGGLYKRPFNEAFEETPMLVAVLTYVGYGV
LTLFGYLRDFLRYWRIEKCHHATEREEQKDFVSLYQDFENFYTRNLYMRIRDNWNRPICSVPGARVDIMERQSHDYNWSF
KYTGNIIKGVINMGSYNYLGFARNTGSCQEAAAKVLEEYGAGVCSTRQEIGNLDKHEELEELVARFLGVEAAMAYGMGFA
TNSMNIPALVGKGCLILSDELNHASLVLGARLSGATIRIFKHNNMQSLEKLLKDAIVYGQPRTRRPWKKILILVEGIYSM
EGSIVRLPEVIALKKKYKAYLYLDEAHSIGALGPTGRGVVEYFGLDPEDVDVMMGTFT(LLP)SFGASGGYIGGKKELID
YLRTHSHSAVYATSLSPPVVEQIITSMKCIMGQDGTSLGKECVQQLAENTRYFRRRLKEMGFIIYGNEDSPVVPLMLYMP
AKIGAFGREMLKRNIGVVVVGFPATPIIESRARFCLSAAHTKEILDTALKEIDEVGDLLQLKYSRHRL
;
B,E
3 'polypeptide(L)' MAGMALARAWKQMSWFYYQYLLVTALYMLEPWERTVFNSMLVSIVGMALYTGYVFMPQHIMAILHYFEIVQ C,F
#
loop_
_chem_comp.id
_chem_comp.type
_chem_comp.name
_chem_comp.formula
POV non-polymer '(2S)-3-(hexadecanoyloxy)-2-[(9Z)-octadec-9-enoyloxy]propyl 2-(trimethylammonio)ethyl phosphate' 'C42 H82 N O8 P'
#
# COMPACT_ATOMS: atom_id res chain seq x y z
N ASP A 51 0.14 -22.62 2.34
CA ASP A 51 0.49 -21.20 2.35
C ASP A 51 -0.33 -20.43 1.33
N LEU A 52 0.33 -19.91 0.32
CA LEU A 52 -0.32 -19.15 -0.75
C LEU A 52 -0.37 -19.98 -2.02
N THR A 53 -1.54 -20.00 -2.66
CA THR A 53 -1.67 -20.64 -3.95
C THR A 53 -1.06 -19.73 -5.01
N VAL A 54 -0.81 -20.29 -6.20
CA VAL A 54 -0.11 -19.56 -7.24
C VAL A 54 -0.93 -18.36 -7.72
N LYS A 55 -2.24 -18.54 -7.92
CA LYS A 55 -3.08 -17.53 -8.56
C LYS A 55 -3.01 -16.19 -7.84
N GLU A 56 -3.23 -16.20 -6.53
CA GLU A 56 -3.10 -14.95 -5.78
C GLU A 56 -1.69 -14.40 -5.84
N LYS A 57 -0.68 -15.25 -6.03
CA LYS A 57 0.67 -14.73 -6.16
C LYS A 57 0.83 -13.89 -7.43
N GLU A 58 0.39 -14.42 -8.58
CA GLU A 58 0.49 -13.59 -9.79
C GLU A 58 -0.39 -12.36 -9.71
N GLU A 59 -1.58 -12.47 -9.13
CA GLU A 59 -2.42 -11.28 -9.12
C GLU A 59 -1.95 -10.25 -8.09
N LEU A 60 -1.25 -10.68 -7.03
CA LEU A 60 -0.52 -9.74 -6.17
C LEU A 60 0.57 -9.03 -6.95
N ILE A 61 1.38 -9.79 -7.68
CA ILE A 61 2.45 -9.20 -8.48
C ILE A 61 1.87 -8.22 -9.48
N GLU A 62 0.63 -8.47 -9.94
CA GLU A 62 -0.01 -7.57 -10.88
C GLU A 62 -0.48 -6.29 -10.19
N GLU A 63 -1.03 -6.39 -8.98
CA GLU A 63 -1.50 -5.17 -8.31
C GLU A 63 -0.36 -4.19 -8.07
N TRP A 64 0.78 -4.68 -7.58
CA TRP A 64 1.80 -3.83 -7.00
C TRP A 64 2.29 -2.79 -7.99
N GLN A 65 2.19 -1.52 -7.60
CA GLN A 65 2.62 -0.40 -8.43
C GLN A 65 3.66 0.40 -7.65
N PRO A 66 4.88 0.54 -8.15
CA PRO A 66 5.93 1.21 -7.39
C PRO A 66 5.78 2.72 -7.40
N GLU A 67 6.26 3.33 -6.32
CA GLU A 67 6.32 4.78 -6.24
C GLU A 67 7.32 5.31 -7.27
N PRO A 68 7.08 6.49 -7.83
CA PRO A 68 7.99 7.03 -8.84
C PRO A 68 9.40 7.22 -8.29
N LEU A 69 10.38 7.11 -9.18
CA LEU A 69 11.78 7.13 -8.76
C LEU A 69 12.14 8.45 -8.10
N VAL A 70 11.69 9.56 -8.67
CA VAL A 70 12.03 10.90 -8.18
C VAL A 70 10.73 11.64 -7.89
N PRO A 71 10.56 12.21 -6.70
CA PRO A 71 9.37 13.00 -6.43
C PRO A 71 9.36 14.26 -7.28
N PRO A 72 8.18 14.79 -7.60
CA PRO A 72 8.13 16.02 -8.42
C PRO A 72 8.61 17.24 -7.66
N VAL A 73 9.80 17.71 -8.02
CA VAL A 73 10.39 18.87 -7.33
C VAL A 73 9.59 20.12 -7.68
N PRO A 74 9.34 21.02 -6.72
CA PRO A 74 8.69 22.29 -7.06
C PRO A 74 9.56 23.12 -8.00
N LYS A 75 8.90 23.85 -8.90
CA LYS A 75 9.63 24.67 -9.86
C LYS A 75 10.27 25.89 -9.20
N ASP A 76 9.69 26.37 -8.10
CA ASP A 76 10.20 27.54 -7.40
C ASP A 76 11.24 27.15 -6.36
N HIS A 77 12.27 26.44 -6.82
CA HIS A 77 13.36 26.01 -5.96
C HIS A 77 14.59 26.86 -6.26
N PRO A 78 15.08 27.64 -5.29
CA PRO A 78 16.25 28.48 -5.56
C PRO A 78 17.49 27.69 -5.94
N ALA A 79 17.64 26.47 -5.41
CA ALA A 79 18.79 25.66 -5.76
C ALA A 79 18.75 25.21 -7.21
N LEU A 80 17.56 25.15 -7.81
CA LEU A 80 17.44 24.64 -9.17
C LEU A 80 18.12 25.57 -10.17
N ASN A 81 18.01 26.89 -9.98
CA ASN A 81 18.66 27.85 -10.84
C ASN A 81 20.09 28.09 -10.35
N TYR A 82 21.05 27.78 -11.21
CA TYR A 82 22.47 27.87 -10.89
C TYR A 82 23.02 29.19 -11.41
N ASN A 83 24.09 29.67 -10.79
CA ASN A 83 24.79 30.83 -11.30
C ASN A 83 25.73 30.41 -12.42
N ILE A 84 25.68 31.13 -13.54
CA ILE A 84 26.48 30.80 -14.72
C ILE A 84 27.65 31.77 -14.74
N VAL A 85 28.77 31.37 -14.14
CA VAL A 85 29.93 32.24 -13.97
C VAL A 85 30.77 32.12 -15.23
N SER A 86 30.54 33.01 -16.18
CA SER A 86 31.36 33.04 -17.39
C SER A 86 32.78 33.45 -17.04
N GLY A 87 33.75 32.84 -17.71
CA GLY A 87 35.14 33.09 -17.43
C GLY A 87 35.58 32.44 -16.14
N PRO A 88 36.84 32.67 -15.74
CA PRO A 88 37.31 32.10 -14.49
C PRO A 88 36.61 32.73 -13.30
N PRO A 89 36.36 31.96 -12.23
CA PRO A 89 35.77 32.53 -11.01
C PRO A 89 36.80 33.26 -10.16
N SER A 90 37.40 34.29 -10.74
CA SER A 90 38.45 35.04 -10.06
C SER A 90 37.88 36.34 -9.50
N HIS A 91 38.76 37.14 -8.92
CA HIS A 91 38.36 38.47 -8.46
C HIS A 91 37.96 39.32 -9.65
N LYS A 92 36.87 40.07 -9.50
CA LYS A 92 36.23 40.80 -10.59
C LYS A 92 35.70 39.84 -11.67
N THR A 93 34.83 38.93 -11.24
CA THR A 93 34.28 37.92 -12.13
C THR A 93 33.09 38.48 -12.90
N VAL A 94 32.40 37.61 -13.64
CA VAL A 94 31.20 37.96 -14.40
C VAL A 94 30.16 36.88 -14.09
N VAL A 95 29.15 37.23 -13.30
CA VAL A 95 28.10 36.31 -12.88
C VAL A 95 26.80 36.74 -13.52
N ASN A 96 26.15 35.81 -14.21
CA ASN A 96 24.83 36.04 -14.80
C ASN A 96 24.85 37.25 -15.75
N GLY A 97 25.99 37.51 -16.37
CA GLY A 97 26.12 38.64 -17.27
C GLY A 97 26.46 39.95 -16.61
N LYS A 98 26.62 39.99 -15.29
CA LYS A 98 26.93 41.21 -14.57
C LYS A 98 28.31 41.11 -13.95
N GLU A 99 29.14 42.13 -14.15
CA GLU A 99 30.47 42.15 -13.55
C GLU A 99 30.36 42.36 -12.05
N CYS A 100 30.99 41.49 -11.27
CA CYS A 100 30.88 41.55 -9.82
C CYS A 100 32.23 41.22 -9.18
N ILE A 101 32.58 41.96 -8.13
CA ILE A 101 33.74 41.62 -7.34
C ILE A 101 33.44 40.39 -6.49
N ASN A 102 34.33 39.41 -6.53
CA ASN A 102 34.01 38.07 -6.07
C ASN A 102 34.10 38.00 -4.55
N PHE A 103 32.95 37.83 -3.90
CA PHE A 103 32.86 37.63 -2.45
C PHE A 103 32.22 36.28 -2.12
N ALA A 104 32.40 35.29 -2.98
CA ALA A 104 31.72 34.01 -2.78
C ALA A 104 32.59 32.79 -2.99
N SER A 105 33.82 32.92 -3.46
CA SER A 105 34.66 31.78 -3.81
C SER A 105 35.74 31.59 -2.76
N PHE A 106 35.89 30.35 -2.29
CA PHE A 106 36.89 30.00 -1.29
C PHE A 106 38.25 29.98 -1.95
N ASN A 107 38.79 31.17 -2.19
CA ASN A 107 40.13 31.36 -2.72
C ASN A 107 40.82 32.35 -1.80
N PHE A 108 41.36 31.85 -0.69
CA PHE A 108 41.81 32.75 0.37
C PHE A 108 43.11 33.45 0.00
N LEU A 109 44.05 32.74 -0.60
CA LEU A 109 45.35 33.32 -0.90
C LEU A 109 45.43 33.89 -2.31
N GLY A 110 44.39 33.73 -3.11
CA GLY A 110 44.43 34.21 -4.48
C GLY A 110 45.42 33.46 -5.34
N LEU A 111 45.47 32.13 -5.21
CA LEU A 111 46.43 31.32 -5.94
C LEU A 111 45.83 30.62 -7.15
N LEU A 112 44.55 30.86 -7.45
CA LEU A 112 43.95 30.23 -8.62
C LEU A 112 44.52 30.81 -9.91
N ASP A 113 44.69 32.13 -9.96
CA ASP A 113 45.09 32.83 -11.18
C ASP A 113 46.55 33.23 -11.19
N ASN A 114 47.35 32.73 -10.26
CA ASN A 114 48.74 33.14 -10.18
C ASN A 114 49.49 32.61 -11.40
N PRO A 115 50.24 33.45 -12.12
CA PRO A 115 50.95 32.95 -13.31
C PRO A 115 51.91 31.81 -13.04
N ARG A 116 52.58 31.79 -11.89
CA ARG A 116 53.51 30.69 -11.60
C ARG A 116 52.77 29.36 -11.49
N VAL A 117 51.61 29.36 -10.83
CA VAL A 117 50.83 28.13 -10.69
C VAL A 117 50.39 27.62 -12.06
N LYS A 118 49.88 28.53 -12.91
CA LYS A 118 49.46 28.14 -14.25
C LYS A 118 50.64 27.61 -15.06
N ALA A 119 51.80 28.25 -14.96
CA ALA A 119 52.95 27.78 -15.72
C ALA A 119 53.40 26.40 -15.27
N ALA A 120 53.41 26.15 -13.95
CA ALA A 120 53.80 24.84 -13.46
C ALA A 120 52.81 23.77 -13.91
N ALA A 121 51.51 24.09 -13.83
CA ALA A 121 50.50 23.13 -14.28
C ALA A 121 50.64 22.85 -15.77
N LEU A 122 50.94 23.88 -16.56
CA LEU A 122 51.12 23.69 -18.00
C LEU A 122 52.33 22.82 -18.29
N ALA A 123 53.43 23.01 -17.56
CA ALA A 123 54.60 22.18 -17.77
C ALA A 123 54.30 20.72 -17.46
N SER A 124 53.63 20.47 -16.33
CA SER A 124 53.30 19.09 -15.99
C SER A 124 52.30 18.49 -16.98
N LEU A 125 51.38 19.30 -17.50
CA LEU A 125 50.44 18.82 -18.50
C LEU A 125 51.16 18.45 -19.79
N LYS A 126 52.16 19.24 -20.18
CA LYS A 126 52.96 18.88 -21.34
C LYS A 126 53.77 17.61 -21.11
N LYS A 127 54.20 17.37 -19.88
CA LYS A 127 54.97 16.16 -19.60
C LYS A 127 54.08 14.92 -19.62
N TYR A 128 53.10 14.85 -18.71
CA TYR A 128 52.38 13.60 -18.49
C TYR A 128 51.03 13.51 -19.18
N GLY A 129 50.37 14.61 -19.47
CA GLY A 129 49.01 14.57 -19.97
C GLY A 129 47.99 14.83 -18.87
N VAL A 130 46.72 14.64 -19.23
CA VAL A 130 45.65 15.00 -18.32
C VAL A 130 45.21 13.87 -17.41
N GLY A 131 45.26 12.62 -17.88
CA GLY A 131 44.69 11.50 -17.16
C GLY A 131 45.75 10.55 -16.63
N THR A 132 45.47 9.95 -15.48
CA THR A 132 46.36 8.98 -14.87
C THR A 132 46.04 7.54 -15.25
N CYS A 133 44.77 7.24 -15.48
CA CYS A 133 44.35 5.96 -16.06
C CYS A 133 44.66 4.78 -15.14
N GLY A 134 44.33 4.90 -13.86
CA GLY A 134 44.45 3.78 -12.96
C GLY A 134 44.53 4.17 -11.50
N PRO A 135 44.20 3.22 -10.62
CA PRO A 135 44.29 3.51 -9.18
C PRO A 135 45.72 3.70 -8.73
N ARG A 136 45.92 4.01 -7.45
CA ARG A 136 47.28 4.15 -6.95
C ARG A 136 48.01 2.82 -6.86
N GLY A 137 47.31 1.70 -6.99
CA GLY A 137 47.94 0.41 -6.92
C GLY A 137 48.37 -0.16 -8.26
N PHE A 138 47.73 0.27 -9.34
CA PHE A 138 47.94 -0.32 -10.66
C PHE A 138 48.48 0.76 -11.60
N TYR A 139 49.78 0.99 -11.57
CA TYR A 139 50.44 1.90 -12.52
C TYR A 139 49.76 3.26 -12.55
N GLY A 140 49.38 3.76 -11.39
CA GLY A 140 48.72 5.04 -11.32
C GLY A 140 49.43 6.00 -10.40
N THR A 141 50.57 5.59 -9.88
CA THR A 141 51.36 6.40 -8.96
C THR A 141 52.49 7.05 -9.74
N PHE A 142 52.31 8.31 -10.12
CA PHE A 142 53.36 9.04 -10.81
C PHE A 142 54.39 9.52 -9.80
N ASP A 143 55.45 10.16 -10.30
CA ASP A 143 56.44 10.73 -9.41
C ASP A 143 55.96 12.03 -8.77
N VAL A 144 55.09 12.77 -9.45
CA VAL A 144 54.58 14.01 -8.86
C VAL A 144 53.73 13.71 -7.64
N HIS A 145 53.03 12.58 -7.62
CA HIS A 145 52.25 12.22 -6.44
C HIS A 145 53.16 12.06 -5.22
N LEU A 146 54.25 11.32 -5.40
CA LEU A 146 55.19 11.11 -4.29
C LEU A 146 55.84 12.42 -3.87
N ASP A 147 56.22 13.26 -4.83
CA ASP A 147 56.81 14.54 -4.49
C ASP A 147 55.83 15.41 -3.71
N LEU A 148 54.56 15.42 -4.11
CA LEU A 148 53.56 16.21 -3.41
C LEU A 148 53.32 15.68 -2.00
N GLU A 149 53.26 14.35 -1.84
CA GLU A 149 53.08 13.78 -0.50
C GLU A 149 54.24 14.18 0.40
N ASP A 150 55.47 14.09 -0.11
CA ASP A 150 56.63 14.46 0.69
C ASP A 150 56.61 15.95 1.03
N ARG A 151 56.22 16.79 0.06
CA ARG A 151 56.15 18.23 0.32
C ARG A 151 55.13 18.54 1.41
N LEU A 152 53.97 17.89 1.37
CA LEU A 152 52.97 18.11 2.41
C LEU A 152 53.50 17.67 3.77
N ALA A 153 54.15 16.51 3.83
CA ALA A 153 54.66 16.02 5.11
C ALA A 153 55.72 16.97 5.67
N LYS A 154 56.58 17.51 4.82
CA LYS A 154 57.58 18.47 5.28
C LYS A 154 56.94 19.79 5.70
N PHE A 155 55.93 20.25 4.95
CA PHE A 155 55.30 21.53 5.26
C PHE A 155 54.59 21.48 6.59
N MET A 156 53.91 20.37 6.90
CA MET A 156 53.17 20.26 8.14
C MET A 156 54.00 19.69 9.29
N LYS A 157 55.29 19.42 9.06
CA LYS A 157 56.19 18.93 10.10
C LYS A 157 55.68 17.64 10.72
N THR A 158 55.43 16.64 9.88
CA THR A 158 54.90 15.37 10.31
C THR A 158 55.64 14.28 9.56
N GLU A 159 55.30 13.02 9.82
CA GLU A 159 56.00 11.92 9.14
C GLU A 159 55.39 11.63 7.77
N GLU A 160 54.10 11.34 7.71
CA GLU A 160 53.50 10.88 6.46
C GLU A 160 52.26 11.68 6.13
N ALA A 161 51.97 11.77 4.82
CA ALA A 161 50.74 12.36 4.31
C ALA A 161 50.25 11.51 3.14
N ILE A 162 48.93 11.51 2.94
CA ILE A 162 48.29 10.68 1.94
C ILE A 162 47.35 11.54 1.12
N ILE A 163 47.32 11.31 -0.19
CA ILE A 163 46.70 12.19 -1.17
C ILE A 163 45.46 11.50 -1.72
N TYR A 164 44.32 12.17 -1.61
CA TYR A 164 43.05 11.70 -2.15
C TYR A 164 42.64 12.57 -3.33
N SER A 165 41.91 11.96 -4.27
CA SER A 165 41.55 12.61 -5.52
C SER A 165 40.34 13.52 -5.41
N TYR A 166 39.68 13.58 -4.26
CA TYR A 166 38.45 14.35 -4.14
C TYR A 166 38.32 14.85 -2.71
N GLY A 167 38.00 16.13 -2.56
CA GLY A 167 38.04 16.76 -1.25
C GLY A 167 37.06 16.17 -0.26
N PHE A 168 35.88 15.76 -0.73
CA PHE A 168 34.89 15.14 0.16
C PHE A 168 35.38 13.77 0.64
N ALA A 169 35.96 12.99 -0.26
CA ALA A 169 36.29 11.60 0.05
C ALA A 169 37.39 11.48 1.09
N THR A 170 38.25 12.48 1.26
CA THR A 170 39.36 12.32 2.19
C THR A 170 38.86 12.08 3.61
N ILE A 171 37.93 12.91 4.08
CA ILE A 171 37.38 12.72 5.42
C ILE A 171 36.10 11.92 5.41
N ALA A 172 35.51 11.64 4.25
CA ALA A 172 34.48 10.62 4.25
C ALA A 172 35.05 9.22 4.22
N SER A 173 36.37 9.07 4.06
CA SER A 173 37.02 7.77 4.03
C SER A 173 38.09 7.59 5.09
N ALA A 174 38.58 8.66 5.71
CA ALA A 174 39.51 8.48 6.82
C ALA A 174 38.82 7.90 8.05
N ILE A 175 37.66 8.43 8.40
CA ILE A 175 36.97 7.99 9.61
C ILE A 175 36.53 6.53 9.54
N PRO A 176 35.90 6.05 8.47
CA PRO A 176 35.48 4.64 8.45
C PRO A 176 36.62 3.65 8.51
N ALA A 177 37.84 4.06 8.18
CA ALA A 177 38.96 3.11 8.19
C ALA A 177 39.36 2.76 9.61
N TYR A 178 39.43 3.75 10.50
CA TYR A 178 39.87 3.52 11.87
C TYR A 178 38.74 3.10 12.79
N SER A 179 37.59 3.76 12.69
CA SER A 179 36.46 3.47 13.56
C SER A 179 35.61 2.35 12.96
N LYS A 180 35.35 1.32 13.74
CA LYS A 180 34.56 0.18 13.32
C LYS A 180 33.31 0.09 14.19
N ARG A 181 32.56 -1.00 14.03
CA ARG A 181 31.37 -1.21 14.83
C ARG A 181 31.73 -1.42 16.29
N GLY A 182 31.01 -0.74 17.18
CA GLY A 182 31.20 -0.88 18.60
C GLY A 182 31.97 0.23 19.26
N ASP A 183 32.62 1.09 18.49
CA ASP A 183 33.42 2.18 19.06
C ASP A 183 32.55 3.41 19.30
N ILE A 184 33.13 4.39 19.99
CA ILE A 184 32.41 5.57 20.43
C ILE A 184 33.06 6.80 19.81
N VAL A 185 32.24 7.69 19.26
CA VAL A 185 32.72 8.91 18.61
C VAL A 185 32.00 10.10 19.21
N PHE A 186 32.75 11.05 19.77
CA PHE A 186 32.19 12.27 20.33
C PHE A 186 32.42 13.40 19.33
N VAL A 187 31.54 13.51 18.36
CA VAL A 187 31.67 14.48 17.28
C VAL A 187 31.00 15.78 17.69
N ASP A 188 31.57 16.89 17.26
CA ASP A 188 30.95 18.19 17.51
C ASP A 188 29.62 18.28 16.77
N ARG A 189 28.73 19.12 17.29
CA ARG A 189 27.40 19.22 16.70
C ARG A 189 27.45 19.89 15.32
N ALA A 190 28.22 20.96 15.20
CA ALA A 190 28.27 21.74 13.96
C ALA A 190 29.40 21.24 13.05
N ALA A 191 29.34 19.96 12.72
CA ALA A 191 30.33 19.32 11.86
C ALA A 191 29.80 19.24 10.44
N CYS A 192 30.69 19.52 9.48
CA CYS A 192 30.29 19.57 8.07
C CYS A 192 29.69 18.24 7.61
N PHE A 193 29.09 18.25 6.43
CA PHE A 193 28.41 17.06 5.92
C PHE A 193 29.39 15.93 5.65
N ALA A 194 30.62 16.25 5.27
CA ALA A 194 31.59 15.19 4.99
C ALA A 194 31.87 14.36 6.24
N ILE A 195 32.03 15.02 7.38
CA ILE A 195 32.25 14.30 8.63
C ILE A 195 31.03 13.46 8.99
N GLN A 196 29.83 14.00 8.76
CA GLN A 196 28.63 13.24 9.07
C GLN A 196 28.53 11.98 8.23
N LYS A 197 28.83 12.08 6.93
CA LYS A 197 28.77 10.88 6.09
C LYS A 197 29.90 9.92 6.41
N GLY A 198 31.07 10.43 6.81
CA GLY A 198 32.12 9.55 7.27
C GLY A 198 31.72 8.76 8.50
N LEU A 199 31.08 9.43 9.46
CA LEU A 199 30.61 8.73 10.66
C LEU A 199 29.51 7.74 10.33
N GLN A 200 28.61 8.09 9.41
CA GLN A 200 27.55 7.16 9.04
C GLN A 200 28.08 5.94 8.31
N ALA A 201 29.14 6.11 7.51
CA ALA A 201 29.69 4.97 6.77
C ALA A 201 30.19 3.88 7.71
N SER A 202 30.92 4.29 8.75
CA SER A 202 31.23 3.38 9.84
C SER A 202 29.99 3.18 10.70
N ARG A 203 29.98 2.09 11.47
CA ARG A 203 28.82 1.75 12.27
C ARG A 203 29.03 2.03 13.76
N SER A 204 29.89 2.99 14.09
CA SER A 204 30.18 3.28 15.48
C SER A 204 29.02 4.05 16.10
N ASP A 205 29.09 4.22 17.42
CA ASP A 205 28.04 4.90 18.18
C ASP A 205 28.41 6.38 18.30
N ILE A 206 27.60 7.24 17.70
CA ILE A 206 27.92 8.66 17.56
C ILE A 206 27.25 9.44 18.68
N LYS A 207 28.05 10.24 19.39
CA LYS A 207 27.56 11.09 20.47
C LYS A 207 27.89 12.53 20.13
N LEU A 208 26.86 13.36 19.96
CA LEU A 208 27.03 14.74 19.52
C LEU A 208 27.00 15.66 20.73
N PHE A 209 28.07 16.38 20.97
CA PHE A 209 28.10 17.35 22.05
C PHE A 209 27.86 18.75 21.50
N LYS A 210 27.56 19.68 22.41
CA LYS A 210 27.22 21.04 22.02
C LYS A 210 28.42 21.76 21.43
N HIS A 211 28.14 22.72 20.55
CA HIS A 211 29.18 23.38 19.78
C HIS A 211 30.14 24.14 20.68
N ASN A 212 31.42 23.74 20.65
CA ASN A 212 32.49 24.39 21.42
C ASN A 212 32.13 24.50 22.90
N ASP A 213 31.58 23.43 23.46
CA ASP A 213 31.14 23.41 24.85
C ASP A 213 31.83 22.24 25.54
N MET A 214 32.95 22.52 26.21
CA MET A 214 33.72 21.47 26.87
C MET A 214 33.03 20.92 28.11
N ALA A 215 32.10 21.66 28.72
CA ALA A 215 31.32 21.08 29.81
C ALA A 215 30.52 19.89 29.31
N ASP A 216 29.91 20.02 28.12
CA ASP A 216 29.14 18.91 27.56
C ASP A 216 30.03 17.74 27.17
N LEU A 217 31.22 18.03 26.62
CA LEU A 217 32.12 16.94 26.28
C LEU A 217 32.60 16.20 27.52
N GLU A 218 32.95 16.93 28.57
CA GLU A 218 33.39 16.27 29.80
C GLU A 218 32.25 15.48 30.41
N ARG A 219 31.02 15.99 30.32
CA ARG A 219 29.87 15.24 30.81
C ARG A 219 29.70 13.93 30.07
N LEU A 220 29.81 13.97 28.73
CA LEU A 220 29.70 12.73 27.95
C LEU A 220 30.83 11.76 28.28
N LEU A 221 32.04 12.28 28.44
CA LEU A 221 33.18 11.42 28.75
C LEU A 221 33.02 10.76 30.11
N LYS A 222 32.52 11.49 31.11
CA LYS A 222 32.31 10.89 32.42
C LYS A 222 31.22 9.84 32.39
N GLU A 223 30.13 10.09 31.66
CA GLU A 223 29.11 9.06 31.51
C GLU A 223 29.69 7.82 30.85
N GLN A 224 30.58 8.01 29.88
CA GLN A 224 31.24 6.85 29.26
C GLN A 224 32.15 6.14 30.25
N GLU A 225 32.81 6.88 31.16
CA GLU A 225 33.60 6.22 32.19
C GLU A 225 32.74 5.34 33.07
N ILE A 226 31.56 5.84 33.47
CA ILE A 226 30.66 5.03 34.28
C ILE A 226 30.22 3.78 33.52
N GLU A 227 29.82 3.95 32.26
CA GLU A 227 29.40 2.80 31.46
C GLU A 227 30.55 1.80 31.27
N ASP A 228 31.79 2.29 31.22
CA ASP A 228 32.95 1.40 31.17
C ASP A 228 33.08 0.62 32.46
N GLN A 229 32.96 1.30 33.60
CA GLN A 229 33.09 0.59 34.87
C GLN A 229 31.96 -0.41 35.06
N LYS A 230 30.84 -0.22 34.38
CA LYS A 230 29.76 -1.21 34.43
C LYS A 230 30.18 -2.54 33.82
N ASN A 231 30.89 -2.49 32.68
CA ASN A 231 31.34 -3.69 31.98
C ASN A 231 32.77 -3.50 31.51
N PRO A 232 33.75 -4.05 32.22
CA PRO A 232 35.15 -3.81 31.87
C PRO A 232 35.62 -4.62 30.67
N ARG A 233 35.11 -5.83 30.51
CA ARG A 233 35.58 -6.70 29.42
C ARG A 233 35.30 -6.07 28.06
N LYS A 234 34.13 -5.48 27.88
CA LYS A 234 33.85 -4.74 26.65
C LYS A 234 34.65 -3.46 26.58
N ALA A 235 34.81 -2.77 27.71
CA ALA A 235 35.55 -1.51 27.73
C ALA A 235 37.02 -1.68 27.41
N ARG A 236 37.54 -2.92 27.43
CA ARG A 236 38.92 -3.13 27.04
C ARG A 236 39.11 -3.13 25.52
N VAL A 237 38.04 -3.29 24.74
CA VAL A 237 38.17 -3.38 23.29
C VAL A 237 37.29 -2.33 22.61
N THR A 238 37.11 -1.18 23.25
CA THR A 238 36.39 -0.05 22.68
C THR A 238 37.31 1.15 22.59
N ARG A 239 37.38 1.75 21.40
CA ARG A 239 38.22 2.92 21.16
C ARG A 239 37.35 4.17 21.11
N ARG A 240 37.86 5.26 21.66
CA ARG A 240 37.09 6.50 21.79
C ARG A 240 37.75 7.58 20.95
N PHE A 241 36.98 8.16 20.04
CA PHE A 241 37.45 9.20 19.13
C PHE A 241 36.69 10.50 19.38
N ILE A 242 37.40 11.62 19.28
CA ILE A 242 36.81 12.95 19.30
C ILE A 242 37.08 13.55 17.93
N VAL A 243 36.02 13.75 17.15
CA VAL A 243 36.15 14.29 15.80
C VAL A 243 35.77 15.76 15.83
N VAL A 244 36.73 16.64 15.57
CA VAL A 244 36.49 18.07 15.60
C VAL A 244 37.06 18.71 14.35
N GLU A 245 36.60 19.91 14.06
CA GLU A 245 37.08 20.68 12.91
C GLU A 245 37.85 21.91 13.39
N GLY A 246 38.89 22.26 12.66
CA GLY A 246 39.74 23.35 13.08
C GLY A 246 39.07 24.71 13.02
N LEU A 247 38.27 24.94 11.99
CA LEU A 247 37.53 26.20 11.86
C LEU A 247 36.26 25.87 11.09
N TYR A 248 35.13 25.87 11.79
CA TYR A 248 33.92 25.30 11.23
C TYR A 248 33.38 26.14 10.08
N MET A 249 32.93 25.45 9.02
CA MET A 249 32.31 26.15 7.91
C MET A 249 30.89 26.58 8.22
N ASN A 250 30.15 25.78 9.00
CA ASN A 250 28.78 26.11 9.34
C ASN A 250 28.67 27.26 10.33
N THR A 251 29.75 27.63 11.00
CA THR A 251 29.64 28.73 11.95
C THR A 251 30.70 29.80 11.77
N GLY A 252 31.92 29.43 11.38
CA GLY A 252 33.02 30.37 11.34
C GLY A 252 33.79 30.52 12.63
N THR A 253 33.51 29.70 13.63
CA THR A 253 34.20 29.75 14.93
C THR A 253 35.27 28.68 15.02
N ILE A 254 36.23 28.91 15.90
CA ILE A 254 37.44 28.09 16.02
C ILE A 254 37.34 27.26 17.28
N CYS A 255 37.85 26.01 17.21
CA CYS A 255 37.73 25.06 18.30
C CYS A 255 38.83 25.26 19.35
N PRO A 256 38.51 25.05 20.63
CA PRO A 256 39.50 25.23 21.71
C PRO A 256 40.39 24.01 21.91
N LEU A 257 41.48 23.90 21.17
CA LEU A 257 42.37 22.76 21.31
C LEU A 257 43.08 22.65 22.65
N PRO A 258 43.38 23.74 23.37
CA PRO A 258 44.04 23.54 24.68
C PRO A 258 43.26 22.68 25.65
N GLU A 259 41.93 22.76 25.65
CA GLU A 259 41.15 21.88 26.50
C GLU A 259 40.83 20.54 25.86
N LEU A 260 40.69 20.48 24.53
CA LEU A 260 40.50 19.19 23.89
C LEU A 260 41.70 18.28 24.10
N VAL A 261 42.91 18.83 24.05
CA VAL A 261 44.10 18.03 24.27
C VAL A 261 44.12 17.48 25.69
N LYS A 262 43.81 18.32 26.68
CA LYS A 262 43.80 17.86 28.06
C LYS A 262 42.73 16.79 28.28
N LEU A 263 41.55 16.97 27.70
CA LEU A 263 40.50 15.97 27.83
C LEU A 263 40.91 14.67 27.16
N LYS A 264 41.57 14.74 26.01
CA LYS A 264 42.05 13.53 25.34
C LYS A 264 43.04 12.79 26.22
N TYR A 265 43.99 13.51 26.81
CA TYR A 265 44.99 12.84 27.63
C TYR A 265 44.40 12.30 28.92
N LYS A 266 43.38 12.96 29.47
CA LYS A 266 42.80 12.49 30.71
C LYS A 266 41.88 11.29 30.50
N TYR A 267 41.09 11.28 29.42
CA TYR A 267 40.03 10.30 29.26
C TYR A 267 40.32 9.28 28.16
N LYS A 268 41.58 9.13 27.74
CA LYS A 268 41.98 8.06 26.83
C LYS A 268 41.20 8.09 25.52
N ALA A 269 41.18 9.25 24.87
CA ALA A 269 40.51 9.43 23.59
C ALA A 269 41.54 9.71 22.50
N ARG A 270 41.06 9.91 21.27
CA ARG A 270 41.93 10.18 20.14
C ARG A 270 41.29 11.25 19.27
N ILE A 271 42.01 12.34 19.01
CA ILE A 271 41.46 13.47 18.28
C ILE A 271 41.68 13.27 16.80
N PHE A 272 40.61 13.43 16.02
CA PHE A 272 40.66 13.52 14.56
C PHE A 272 40.29 14.95 14.18
N LEU A 273 41.24 15.68 13.61
CA LEU A 273 41.05 17.09 13.33
C LEU A 273 40.85 17.31 11.85
N GLU A 274 39.86 18.13 11.48
CA GLU A 274 39.65 18.49 10.05
C GLU A 274 40.05 19.96 9.88
N GLU A 275 41.17 20.24 9.19
CA GLU A 275 41.66 21.64 9.08
C GLU A 275 41.29 22.28 7.74
N SER A 276 40.42 21.65 6.95
CA SER A 276 40.05 22.17 5.60
C SER A 276 40.11 23.70 5.49
N LEU A 277 39.30 24.43 6.28
CA LEU A 277 39.22 25.88 6.16
C LEU A 277 40.34 26.62 6.88
N SER A 278 41.04 25.99 7.82
CA SER A 278 42.10 26.68 8.55
C SER A 278 43.49 26.28 8.08
N PHE A 279 43.61 25.40 7.09
CA PHE A 279 44.92 24.90 6.70
C PHE A 279 45.83 26.01 6.22
N GLY A 280 45.38 26.79 5.24
CA GLY A 280 46.23 27.78 4.63
C GLY A 280 46.00 29.21 5.07
N VAL A 281 45.26 29.45 6.15
CA VAL A 281 44.91 30.82 6.51
C VAL A 281 45.38 31.18 7.92
N LEU A 282 45.49 30.19 8.80
CA LEU A 282 45.69 30.43 10.22
C LEU A 282 47.11 30.08 10.63
N GLY A 283 47.71 30.96 11.43
CA GLY A 283 49.06 30.78 11.90
C GLY A 283 50.04 31.67 11.16
N GLU A 284 51.21 31.88 11.76
CA GLU A 284 52.23 32.71 11.14
C GLU A 284 52.72 32.09 9.83
N HIS A 285 52.89 30.77 9.82
CA HIS A 285 53.33 30.06 8.63
C HIS A 285 52.21 29.27 7.97
N GLY A 286 50.98 29.43 8.44
CA GLY A 286 49.84 28.78 7.81
C GLY A 286 49.85 27.27 7.90
N ARG A 287 50.14 26.73 9.08
CA ARG A 287 50.06 25.29 9.31
C ARG A 287 48.73 24.87 9.91
N GLY A 288 47.81 25.80 10.16
CA GLY A 288 46.52 25.41 10.68
C GLY A 288 46.23 25.97 12.05
N VAL A 289 45.32 25.31 12.77
CA VAL A 289 44.95 25.77 14.10
C VAL A 289 45.99 25.36 15.14
N THR A 290 46.73 24.29 14.88
CA THR A 290 47.75 23.84 15.83
C THR A 290 48.84 24.89 16.00
N GLU A 291 49.22 25.56 14.90
CA GLU A 291 50.19 26.64 15.01
C GLU A 291 49.59 27.89 15.63
N HIS A 292 48.31 28.16 15.34
CA HIS A 292 47.66 29.31 15.96
C HIS A 292 47.63 29.19 17.48
N TYR A 293 47.33 27.99 17.98
CA TYR A 293 47.32 27.76 19.41
C TYR A 293 48.70 27.43 19.98
N GLY A 294 49.65 27.05 19.13
CA GLY A 294 50.94 26.61 19.60
C GLY A 294 50.99 25.18 20.05
N ILE A 295 49.87 24.45 19.98
CA ILE A 295 49.84 23.05 20.36
C ILE A 295 50.83 22.25 19.54
N ASN A 296 51.46 21.26 20.17
CA ASN A 296 52.34 20.36 19.46
C ASN A 296 51.56 19.63 18.37
N ILE A 297 52.25 19.29 17.28
CA ILE A 297 51.62 18.60 16.18
C ILE A 297 51.42 17.12 16.48
N ASP A 298 52.14 16.57 17.46
CA ASP A 298 52.06 15.14 17.75
C ASP A 298 50.81 14.76 18.53
N ASP A 299 50.28 15.66 19.35
CA ASP A 299 49.11 15.33 20.16
C ASP A 299 47.91 14.98 19.28
N ILE A 300 47.72 15.72 18.21
CA ILE A 300 46.64 15.43 17.26
C ILE A 300 47.05 14.24 16.41
N ASP A 301 46.16 13.25 16.31
CA ASP A 301 46.51 12.02 15.61
C ASP A 301 46.47 12.20 14.11
N LEU A 302 45.31 12.56 13.56
CA LEU A 302 45.10 12.61 12.12
C LEU A 302 44.55 13.98 11.76
N ILE A 303 45.28 14.72 10.92
CA ILE A 303 44.85 16.03 10.45
C ILE A 303 44.47 15.89 8.99
N SER A 304 43.19 16.04 8.68
CA SER A 304 42.70 15.88 7.32
C SER A 304 42.19 17.20 6.80
N ALA A 305 42.58 17.54 5.57
CA ALA A 305 42.20 18.80 4.96
C ALA A 305 41.96 18.54 3.47
N ASN A 306 41.55 19.56 2.75
CA ASN A 306 41.41 19.47 1.31
C ASN A 306 42.18 20.60 0.65
N MET A 307 42.73 20.31 -0.51
CA MET A 307 43.59 21.23 -1.23
C MET A 307 42.82 22.16 -2.16
N GLU A 308 41.50 22.16 -2.07
CA GLU A 308 40.67 22.88 -3.03
C GLU A 308 40.54 24.36 -2.67
N ASN A 309 40.46 24.67 -1.38
CA ASN A 309 40.18 26.04 -0.95
C ASN A 309 41.39 26.95 -1.09
N ALA A 310 42.45 26.68 -0.34
CA ALA A 310 43.58 27.60 -0.32
C ALA A 310 44.56 27.32 -1.45
N LEU A 311 44.84 26.04 -1.72
CA LEU A 311 45.79 25.68 -2.77
C LEU A 311 45.21 25.81 -4.17
N ALA A 312 43.88 25.84 -4.29
CA ALA A 312 43.20 26.00 -5.57
C ALA A 312 43.62 24.90 -6.57
N SER A 313 43.45 23.66 -6.14
CA SER A 313 43.59 22.51 -7.02
C SER A 313 42.87 21.34 -6.37
N ILE A 314 42.08 20.61 -7.17
CA ILE A 314 41.19 19.59 -6.62
C ILE A 314 42.00 18.53 -5.87
N GLY A 315 41.42 18.01 -4.81
CA GLY A 315 42.03 16.92 -4.07
C GLY A 315 41.75 17.02 -2.60
N GLY A 316 42.51 16.23 -1.84
CA GLY A 316 42.46 16.27 -0.38
C GLY A 316 43.64 15.51 0.16
N PHE A 317 43.87 15.63 1.46
CA PHE A 317 45.01 14.94 2.03
C PHE A 317 44.85 14.76 3.53
N CYS A 318 45.36 13.65 4.03
CA CYS A 318 45.40 13.38 5.46
C CYS A 318 46.85 13.20 5.89
N CYS A 319 47.27 13.92 6.92
CA CYS A 319 48.63 13.82 7.41
C CYS A 319 48.65 13.34 8.85
N GLY A 320 49.71 12.64 9.20
CA GLY A 320 49.86 12.10 10.55
C GLY A 320 51.10 11.24 10.62
N ARG A 321 51.26 10.61 11.79
CA ARG A 321 52.32 9.65 11.96
C ARG A 321 52.10 8.44 11.07
N SER A 322 53.21 7.81 10.64
CA SER A 322 53.11 6.71 9.71
C SER A 322 52.28 5.56 10.27
N PHE A 323 52.31 5.39 11.59
CA PHE A 323 51.52 4.34 12.22
C PHE A 323 50.03 4.51 11.93
N VAL A 324 49.55 5.75 11.92
CA VAL A 324 48.14 6.00 11.65
C VAL A 324 47.87 6.00 10.15
N ILE A 325 48.75 6.62 9.37
CA ILE A 325 48.47 6.86 7.96
C ILE A 325 48.54 5.57 7.15
N ASP A 326 49.51 4.70 7.45
CA ASP A 326 49.75 3.56 6.57
C ASP A 326 48.56 2.60 6.51
N HIS A 327 47.60 2.71 7.42
CA HIS A 327 46.42 1.87 7.33
C HIS A 327 45.50 2.33 6.20
N GLN A 328 45.51 3.62 5.88
CA GLN A 328 44.60 4.15 4.87
C GLN A 328 44.98 3.71 3.47
N ARG A 329 46.26 3.41 3.25
CA ARG A 329 46.69 2.99 1.92
C ARG A 329 46.06 1.68 1.49
N LEU A 330 45.55 0.91 2.44
CA LEU A 330 44.91 -0.36 2.14
C LEU A 330 43.46 -0.44 2.56
N SER A 331 43.03 0.31 3.57
CA SER A 331 41.65 0.27 4.00
C SER A 331 40.90 1.56 3.73
N GLY A 332 41.48 2.48 2.94
CA GLY A 332 40.77 3.68 2.55
C GLY A 332 40.09 3.50 1.22
N GLN A 333 38.76 3.51 1.21
CA GLN A 333 38.02 3.19 0.00
C GLN A 333 38.21 4.25 -1.08
N GLY A 334 38.19 5.52 -0.70
CA GLY A 334 38.41 6.57 -1.69
C GLY A 334 39.79 6.57 -2.29
N TYR A 335 40.73 5.82 -1.70
CA TYR A 335 42.10 5.71 -2.16
C TYR A 335 42.34 4.45 -2.98
N CYS A 336 41.89 3.30 -2.47
CA CYS A 336 42.16 2.04 -3.15
C CYS A 336 41.33 1.90 -4.41
N PHE A 337 40.04 2.26 -4.37
CA PHE A 337 39.09 1.95 -5.42
C PHE A 337 38.78 3.14 -6.31
N SER A 338 39.75 3.99 -6.61
CA SER A 338 39.47 5.11 -7.50
C SER A 338 40.78 5.61 -8.10
N ALA A 339 40.67 6.28 -9.23
CA ALA A 339 41.84 6.74 -9.95
C ALA A 339 42.58 7.80 -9.14
N SER A 340 43.84 8.01 -9.50
CA SER A 340 44.68 8.95 -8.80
C SER A 340 44.47 10.37 -9.33
N LEU A 341 45.00 11.32 -8.59
CA LEU A 341 44.84 12.73 -8.94
C LEU A 341 45.60 13.03 -10.23
N PRO A 342 45.00 13.74 -11.19
CA PRO A 342 45.69 14.05 -12.43
C PRO A 342 46.97 14.83 -12.17
N PRO A 343 48.01 14.59 -12.96
CA PRO A 343 49.33 15.20 -12.64
C PRO A 343 49.34 16.72 -12.64
N LEU A 344 48.58 17.37 -13.53
CA LEU A 344 48.61 18.82 -13.60
C LEU A 344 48.13 19.45 -12.31
N LEU A 345 47.07 18.89 -11.71
CA LEU A 345 46.58 19.40 -10.44
C LEU A 345 47.61 19.20 -9.33
N ALA A 346 48.31 18.07 -9.33
CA ALA A 346 49.33 17.84 -8.31
C ALA A 346 50.48 18.83 -8.45
N ALA A 347 50.91 19.11 -9.68
CA ALA A 347 51.97 20.10 -9.86
C ALA A 347 51.51 21.49 -9.47
N ALA A 348 50.25 21.82 -9.75
CA ALA A 348 49.72 23.11 -9.31
C ALA A 348 49.73 23.21 -7.79
N ALA A 349 49.36 22.13 -7.11
CA ALA A 349 49.39 22.12 -5.65
C ALA A 349 50.82 22.27 -5.12
N ILE A 350 51.79 21.61 -5.78
CA ILE A 350 53.18 21.74 -5.35
C ILE A 350 53.65 23.18 -5.51
N GLU A 351 53.31 23.82 -6.62
CA GLU A 351 53.73 25.21 -6.81
C GLU A 351 53.04 26.13 -5.82
N ALA A 352 51.77 25.86 -5.48
CA ALA A 352 51.10 26.64 -4.46
C ALA A 352 51.78 26.48 -3.10
N LEU A 353 52.21 25.26 -2.77
CA LEU A 353 52.94 25.05 -1.52
C LEU A 353 54.26 25.80 -1.53
N ASN A 354 54.95 25.82 -2.67
CA ASN A 354 56.17 26.62 -2.76
C ASN A 354 55.88 28.09 -2.47
N ILE A 355 54.83 28.63 -3.10
CA ILE A 355 54.53 30.05 -2.92
C ILE A 355 54.15 30.34 -1.47
N MET A 356 53.39 29.45 -0.84
CA MET A 356 53.10 29.60 0.58
C MET A 356 54.36 29.56 1.43
N GLU A 357 55.33 28.73 1.06
CA GLU A 357 56.55 28.65 1.85
C GLU A 357 57.48 29.84 1.65
N GLU A 358 57.43 30.50 0.49
CA GLU A 358 58.36 31.61 0.25
C GLU A 358 58.02 32.82 1.12
N ASN A 359 56.82 33.39 0.94
CA ASN A 359 56.46 34.60 1.68
C ASN A 359 55.31 34.31 2.63
N PRO A 360 55.53 34.34 3.94
CA PRO A 360 54.44 34.09 4.88
C PRO A 360 53.68 35.34 5.30
N GLY A 361 53.84 36.46 4.57
CA GLY A 361 53.11 37.67 4.90
C GLY A 361 51.68 37.70 4.41
N ILE A 362 51.33 36.84 3.46
CA ILE A 362 49.98 36.83 2.94
C ILE A 362 49.00 36.39 4.02
N PHE A 363 49.43 35.53 4.95
CA PHE A 363 48.59 35.18 6.08
C PHE A 363 48.30 36.42 6.93
N ALA A 364 49.31 37.25 7.16
CA ALA A 364 49.10 38.47 7.94
C ALA A 364 48.13 39.42 7.24
N VAL A 365 48.29 39.59 5.92
CA VAL A 365 47.42 40.53 5.22
C VAL A 365 45.98 40.00 5.17
N LEU A 366 45.81 38.69 5.00
CA LEU A 366 44.47 38.11 5.06
C LEU A 366 43.87 38.30 6.45
N LYS A 367 44.67 38.15 7.50
CA LYS A 367 44.17 38.36 8.85
C LYS A 367 43.68 39.79 9.04
N GLU A 368 44.46 40.77 8.55
CA GLU A 368 44.05 42.15 8.74
C GLU A 368 42.84 42.51 7.88
N LYS A 369 42.69 41.89 6.71
CA LYS A 369 41.49 42.14 5.92
C LYS A 369 40.26 41.54 6.57
N CYS A 370 40.38 40.35 7.16
CA CYS A 370 39.27 39.78 7.91
C CYS A 370 38.91 40.68 9.08
N GLY A 371 39.91 41.21 9.78
CA GLY A 371 39.63 42.16 10.85
C GLY A 371 38.88 43.39 10.36
N GLN A 372 39.31 43.96 9.23
CA GLN A 372 38.67 45.16 8.70
C GLN A 372 37.21 44.90 8.32
N ILE A 373 36.96 43.82 7.58
CA ILE A 373 35.59 43.57 7.15
C ILE A 373 34.70 43.20 8.32
N HIS A 374 35.21 42.41 9.27
CA HIS A 374 34.40 42.05 10.42
C HIS A 374 34.06 43.27 11.27
N LYS A 375 35.02 44.18 11.43
CA LYS A 375 34.73 45.39 12.19
C LYS A 375 33.74 46.27 11.47
N ALA A 376 33.84 46.37 10.13
CA ALA A 376 32.93 47.24 9.40
C ALA A 376 31.52 46.68 9.37
N LEU A 377 31.36 45.35 9.32
CA LEU A 377 30.02 44.77 9.19
C LEU A 377 29.17 44.95 10.45
N GLN A 378 29.74 45.39 11.56
CA GLN A 378 28.93 45.63 12.75
C GLN A 378 28.07 46.87 12.53
N GLY A 379 26.75 46.68 12.50
CA GLY A 379 25.84 47.79 12.30
C GLY A 379 24.76 47.54 11.27
N ILE A 380 24.71 46.33 10.72
CA ILE A 380 23.61 45.98 9.83
C ILE A 380 22.31 46.01 10.61
N SER A 381 21.28 46.63 10.05
CA SER A 381 20.04 46.79 10.79
C SER A 381 19.33 45.45 10.98
N GLY A 382 19.18 44.68 9.92
CA GLY A 382 18.41 43.46 9.96
C GLY A 382 19.19 42.17 10.06
N LEU A 383 20.52 42.24 10.09
CA LEU A 383 21.35 41.04 10.05
C LEU A 383 22.34 41.06 11.21
N LYS A 384 22.82 39.88 11.57
CA LYS A 384 23.86 39.72 12.56
C LYS A 384 25.02 38.93 11.96
N VAL A 385 26.22 39.27 12.40
CA VAL A 385 27.44 38.61 11.93
C VAL A 385 27.70 37.39 12.80
N VAL A 386 27.85 36.23 12.18
CA VAL A 386 28.15 34.99 12.87
C VAL A 386 29.52 34.53 12.41
N GLY A 387 30.54 34.80 13.21
CA GLY A 387 31.91 34.56 12.81
C GLY A 387 32.85 35.32 13.71
N GLU A 388 34.14 35.21 13.40
CA GLU A 388 35.19 35.75 14.25
C GLU A 388 36.17 36.58 13.43
N SER A 389 36.87 37.48 14.13
CA SER A 389 37.78 38.40 13.46
C SER A 389 38.96 37.69 12.81
N LEU A 390 39.19 36.43 13.15
CA LEU A 390 40.23 35.64 12.52
C LEU A 390 39.71 34.81 11.35
N SER A 391 38.44 34.43 11.38
CA SER A 391 37.89 33.53 10.40
C SER A 391 37.84 34.19 9.02
N PRO A 392 38.35 33.55 7.97
CA PRO A 392 38.26 34.12 6.62
C PRO A 392 36.84 34.19 6.08
N ALA A 393 36.10 33.09 6.20
CA ALA A 393 34.76 32.98 5.63
C ALA A 393 33.74 32.88 6.77
N PHE A 394 32.92 33.91 6.92
CA PHE A 394 31.92 33.89 7.97
C PHE A 394 30.53 34.14 7.38
N HIS A 395 29.55 34.32 8.26
CA HIS A 395 28.15 34.31 7.89
C HIS A 395 27.47 35.61 8.28
N LEU A 396 26.35 35.87 7.60
CA LEU A 396 25.42 36.93 7.94
C LEU A 396 24.04 36.27 8.05
N GLN A 397 23.49 36.24 9.25
CA GLN A 397 22.21 35.60 9.50
C GLN A 397 21.16 36.64 9.89
N LEU A 398 19.92 36.19 9.97
CA LEU A 398 18.80 37.06 10.30
C LEU A 398 18.65 37.18 11.80
N GLU A 399 18.54 38.41 12.30
CA GLU A 399 18.41 38.63 13.74
C GLU A 399 17.14 37.97 14.27
N GLU A 400 16.00 38.28 13.65
CA GLU A 400 14.70 37.79 14.09
C GLU A 400 14.10 36.99 12.95
N SER A 401 13.96 35.68 13.16
CA SER A 401 13.54 34.78 12.09
C SER A 401 12.02 34.66 12.06
N THR A 402 11.46 34.68 10.85
CA THR A 402 10.04 34.49 10.67
C THR A 402 9.66 33.04 10.96
N GLY A 403 8.37 32.74 10.86
CA GLY A 403 7.90 31.41 11.20
C GLY A 403 8.46 30.34 10.29
N SER A 404 8.49 30.61 8.98
CA SER A 404 8.92 29.63 7.99
C SER A 404 10.35 29.93 7.55
N ARG A 405 11.13 28.85 7.36
CA ARG A 405 12.49 29.01 6.88
C ARG A 405 12.52 29.54 5.45
N GLU A 406 11.51 29.20 4.65
CA GLU A 406 11.51 29.61 3.24
C GLU A 406 11.47 31.12 3.10
N GLN A 407 10.74 31.81 3.98
CA GLN A 407 10.70 33.27 3.91
C GLN A 407 12.07 33.86 4.21
N ASP A 408 12.79 33.28 5.19
CA ASP A 408 14.15 33.73 5.45
C ASP A 408 15.04 33.49 4.24
N VAL A 409 14.91 32.33 3.60
CA VAL A 409 15.71 32.01 2.43
C VAL A 409 15.46 33.01 1.32
N ARG A 410 14.19 33.36 1.08
CA ARG A 410 13.89 34.29 -0.01
C ARG A 410 14.26 35.73 0.34
N LEU A 411 14.19 36.13 1.60
CA LEU A 411 14.69 37.44 1.98
C LEU A 411 16.19 37.54 1.73
N LEU A 412 16.93 36.51 2.14
CA LEU A 412 18.37 36.52 1.91
C LEU A 412 18.69 36.48 0.42
N GLN A 413 17.90 35.76 -0.36
CA GLN A 413 18.10 35.73 -1.81
C GLN A 413 17.85 37.11 -2.43
N GLU A 414 16.84 37.82 -1.93
CA GLU A 414 16.62 39.19 -2.40
C GLU A 414 17.83 40.06 -2.10
N ILE A 415 18.39 39.93 -0.89
CA ILE A 415 19.58 40.72 -0.54
C ILE A 415 20.73 40.36 -1.47
N VAL A 416 20.92 39.07 -1.73
CA VAL A 416 22.02 38.62 -2.58
C VAL A 416 21.87 39.20 -3.99
N ASP A 417 20.67 39.13 -4.55
CA ASP A 417 20.45 39.64 -5.90
C ASP A 417 20.66 41.14 -5.98
N GLN A 418 20.14 41.88 -5.00
CA GLN A 418 20.31 43.33 -5.02
C GLN A 418 21.78 43.70 -4.90
N CYS A 419 22.53 42.96 -4.08
CA CYS A 419 23.97 43.21 -3.99
C CYS A 419 24.65 42.90 -5.32
N MET A 420 24.25 41.80 -5.97
CA MET A 420 24.86 41.42 -7.24
C MET A 420 24.65 42.49 -8.31
N ASN A 421 23.44 43.06 -8.37
CA ASN A 421 23.21 44.16 -9.32
C ASN A 421 24.10 45.37 -9.03
N ARG A 422 24.62 45.48 -7.81
CA ARG A 422 25.49 46.59 -7.42
C ARG A 422 26.96 46.21 -7.46
N SER A 423 27.29 45.13 -8.19
CA SER A 423 28.68 44.73 -8.47
C SER A 423 29.40 44.18 -7.24
N ILE A 424 28.68 43.47 -6.38
CA ILE A 424 29.28 42.66 -5.31
C ILE A 424 28.58 41.32 -5.30
N ALA A 425 29.33 40.25 -5.56
CA ALA A 425 28.76 38.92 -5.76
C ALA A 425 28.84 38.15 -4.45
N LEU A 426 27.69 37.92 -3.84
CA LEU A 426 27.61 37.13 -2.62
C LEU A 426 26.99 35.79 -2.94
N THR A 427 26.88 34.95 -1.92
CA THR A 427 26.21 33.66 -2.08
C THR A 427 25.59 33.27 -0.75
N GLN A 428 24.58 32.43 -0.82
CA GLN A 428 23.90 31.94 0.37
C GLN A 428 24.33 30.51 0.64
N ALA A 429 24.50 30.19 1.92
CA ALA A 429 24.92 28.86 2.29
C ALA A 429 23.84 27.86 1.91
N ARG A 430 24.25 26.77 1.24
CA ARG A 430 23.34 25.76 0.74
C ARG A 430 23.52 24.48 1.53
N TYR A 431 22.42 23.98 2.10
CA TYR A 431 22.41 22.76 2.88
C TYR A 431 21.34 21.82 2.33
N LEU A 432 21.50 20.53 2.63
CA LEU A 432 20.48 19.54 2.33
C LEU A 432 19.55 19.46 3.54
N GLU A 433 18.35 20.04 3.41
CA GLU A 433 17.46 20.16 4.56
C GLU A 433 17.04 18.80 5.08
N LYS A 434 16.85 17.83 4.20
CA LYS A 434 16.34 16.53 4.64
C LYS A 434 17.42 15.72 5.36
N GLU A 435 18.70 15.97 5.08
CA GLU A 435 19.77 15.07 5.49
C GLU A 435 20.59 15.56 6.67
N GLU A 436 20.75 16.87 6.83
CA GLU A 436 21.56 17.40 7.93
C GLU A 436 21.03 16.95 9.27
N LYS A 437 21.92 16.48 10.14
CA LYS A 437 21.52 16.14 11.50
C LYS A 437 21.27 17.40 12.33
N CYS A 438 22.16 18.38 12.22
CA CYS A 438 22.00 19.68 12.88
C CYS A 438 22.01 20.73 11.79
N LEU A 439 20.82 21.22 11.44
CA LEU A 439 20.66 22.07 10.26
C LEU A 439 20.83 23.53 10.66
N PRO A 440 21.83 24.23 10.13
CA PRO A 440 22.08 25.61 10.55
C PRO A 440 21.02 26.56 10.00
N PRO A 441 20.87 27.73 10.60
CA PRO A 441 19.94 28.72 10.05
C PRO A 441 20.44 29.22 8.70
N PRO A 442 19.54 29.69 7.83
CA PRO A 442 19.99 30.23 6.54
C PRO A 442 20.81 31.49 6.74
N SER A 443 21.77 31.70 5.83
CA SER A 443 22.73 32.77 6.05
C SER A 443 23.47 33.09 4.75
N ILE A 444 23.63 34.38 4.48
CA ILE A 444 24.55 34.80 3.44
C ILE A 444 25.96 34.49 3.91
N ARG A 445 26.87 34.27 2.98
CA ARG A 445 28.24 33.90 3.29
C ARG A 445 29.17 34.97 2.76
N VAL A 446 30.04 35.50 3.61
CA VAL A 446 31.00 36.52 3.22
C VAL A 446 32.39 35.90 3.32
N VAL A 447 33.13 35.94 2.22
CA VAL A 447 34.44 35.32 2.12
C VAL A 447 35.46 36.39 1.77
N VAL A 448 36.56 36.43 2.52
CA VAL A 448 37.56 37.47 2.39
C VAL A 448 38.82 36.85 1.79
N THR A 449 39.69 37.70 1.25
CA THR A 449 40.85 37.25 0.51
C THR A 449 41.88 38.37 0.47
N VAL A 450 43.15 37.99 0.29
CA VAL A 450 44.24 38.95 0.25
C VAL A 450 44.15 39.88 -0.96
N GLU A 451 43.38 39.51 -1.97
CA GLU A 451 43.37 40.26 -3.22
C GLU A 451 42.43 41.46 -3.18
N GLN A 452 41.35 41.39 -2.40
CA GLN A 452 40.38 42.49 -2.37
C GLN A 452 40.97 43.69 -1.65
N THR A 453 40.96 44.84 -2.31
CA THR A 453 41.56 46.04 -1.79
C THR A 453 40.77 46.52 -0.57
N GLU A 454 41.36 47.45 0.20
CA GLU A 454 40.64 48.05 1.33
C GLU A 454 39.38 48.77 0.85
N GLU A 455 39.49 49.51 -0.25
CA GLU A 455 38.33 50.25 -0.75
C GLU A 455 37.20 49.30 -1.13
N GLU A 456 37.53 48.17 -1.74
CA GLU A 456 36.50 47.20 -2.08
C GLU A 456 35.82 46.63 -0.84
N LEU A 457 36.57 46.49 0.25
CA LEU A 457 35.98 46.02 1.50
C LEU A 457 35.03 47.07 2.09
N GLU A 458 35.44 48.33 2.11
CA GLU A 458 34.57 49.38 2.61
C GLU A 458 33.30 49.48 1.77
N ARG A 459 33.45 49.40 0.44
CA ARG A 459 32.28 49.49 -0.43
C ARG A 459 31.38 48.29 -0.26
N ALA A 460 31.95 47.10 -0.05
CA ALA A 460 31.10 45.94 0.22
C ALA A 460 30.32 46.11 1.50
N ALA A 461 30.96 46.64 2.55
CA ALA A 461 30.26 46.87 3.80
C ALA A 461 29.11 47.86 3.61
N SER A 462 29.38 48.97 2.93
CA SER A 462 28.33 49.98 2.73
C SER A 462 27.20 49.45 1.87
N THR A 463 27.52 48.72 0.80
CA THR A 463 26.49 48.15 -0.06
C THR A 463 25.61 47.18 0.70
N ILE A 464 26.21 46.31 1.51
CA ILE A 464 25.40 45.36 2.26
C ILE A 464 24.55 46.08 3.30
N LYS A 465 25.10 47.13 3.92
CA LYS A 465 24.32 47.91 4.88
C LYS A 465 23.07 48.49 4.22
N GLU A 466 23.25 49.21 3.11
CA GLU A 466 22.11 49.86 2.48
C GLU A 466 21.10 48.84 1.97
N VAL A 467 21.56 47.78 1.31
CA VAL A 467 20.65 46.79 0.75
C VAL A 467 19.88 46.08 1.87
N ALA A 468 20.56 45.73 2.96
CA ALA A 468 19.89 45.00 4.03
C ALA A 468 18.90 45.88 4.77
N GLN A 469 19.25 47.14 5.00
CA GLN A 469 18.31 48.06 5.64
C GLN A 469 17.07 48.28 4.76
N ALA A 470 17.27 48.41 3.45
CA ALA A 470 16.13 48.60 2.56
C ALA A 470 15.24 47.36 2.50
N VAL A 471 15.84 46.19 2.32
CA VAL A 471 15.06 44.98 2.12
C VAL A 471 14.37 44.56 3.41
N LEU A 472 15.07 44.64 4.54
CA LEU A 472 14.48 44.24 5.82
C LEU A 472 13.42 45.22 6.28
N LEU A 473 13.38 46.43 5.73
CA LEU A 473 12.35 47.40 6.03
C LEU A 473 11.04 47.04 5.33
N GLY B 53 14.00 -11.42 -23.66
CA GLY B 53 15.44 -11.36 -23.73
C GLY B 53 16.01 -11.99 -24.99
N LEU B 54 16.16 -11.18 -26.03
CA LEU B 54 16.61 -11.66 -27.34
C LEU B 54 18.01 -11.13 -27.62
N TYR B 55 18.93 -12.03 -27.97
CA TYR B 55 20.29 -11.67 -28.34
C TYR B 55 20.41 -11.74 -29.85
N LYS B 56 20.54 -10.58 -30.49
CA LYS B 56 20.66 -10.54 -31.95
C LYS B 56 21.90 -11.28 -32.43
N ARG B 57 23.02 -11.08 -31.74
CA ARG B 57 24.25 -11.80 -31.99
C ARG B 57 24.50 -12.79 -30.86
N PRO B 58 25.27 -13.85 -31.10
CA PRO B 58 25.47 -14.86 -30.06
C PRO B 58 26.12 -14.27 -28.82
N PHE B 59 25.76 -14.81 -27.67
CA PHE B 59 26.25 -14.39 -26.37
C PHE B 59 26.92 -15.58 -25.70
N ASN B 60 28.20 -15.77 -26.00
CA ASN B 60 28.96 -16.90 -25.47
C ASN B 60 30.05 -16.41 -24.52
N GLU B 61 30.08 -16.99 -23.33
CA GLU B 61 31.06 -16.65 -22.30
C GLU B 61 31.47 -17.92 -21.57
N ALA B 62 32.75 -18.01 -21.24
CA ALA B 62 33.32 -19.23 -20.67
C ALA B 62 34.02 -18.93 -19.36
N PHE B 63 33.59 -19.58 -18.28
CA PHE B 63 34.25 -19.54 -16.98
C PHE B 63 34.59 -20.98 -16.60
N GLU B 64 35.75 -21.45 -17.04
CA GLU B 64 36.13 -22.83 -16.81
C GLU B 64 36.41 -23.05 -15.32
N GLU B 65 36.06 -24.24 -14.84
CA GLU B 65 36.05 -24.52 -13.41
C GLU B 65 37.46 -24.73 -12.86
N THR B 66 37.61 -24.41 -11.57
CA THR B 66 38.86 -24.67 -10.86
C THR B 66 39.15 -26.17 -10.86
N PRO B 67 40.36 -26.59 -11.22
CA PRO B 67 40.70 -28.01 -11.13
C PRO B 67 40.67 -28.48 -9.68
N MET B 68 40.77 -29.80 -9.50
CA MET B 68 40.84 -30.35 -8.16
C MET B 68 42.21 -30.15 -7.55
N LEU B 69 43.24 -30.73 -8.19
CA LEU B 69 44.59 -30.69 -7.64
C LEU B 69 45.06 -29.26 -7.42
N VAL B 70 44.63 -28.34 -8.28
CA VAL B 70 45.03 -26.95 -8.12
C VAL B 70 44.42 -26.34 -6.87
N ALA B 71 43.15 -26.65 -6.60
CA ALA B 71 42.53 -26.17 -5.38
C ALA B 71 43.21 -26.75 -4.15
N VAL B 72 43.55 -28.03 -4.19
CA VAL B 72 44.22 -28.66 -3.05
C VAL B 72 45.58 -27.99 -2.80
N LEU B 73 46.35 -27.75 -3.86
CA LEU B 73 47.66 -27.13 -3.69
C LEU B 73 47.55 -25.68 -3.26
N THR B 74 46.53 -24.96 -3.73
CA THR B 74 46.26 -23.62 -3.23
C THR B 74 46.04 -23.63 -1.73
N TYR B 75 45.22 -24.57 -1.26
CA TYR B 75 44.93 -24.63 0.17
C TYR B 75 46.17 -25.00 0.97
N VAL B 76 47.00 -25.91 0.47
CA VAL B 76 48.24 -26.23 1.17
C VAL B 76 49.14 -25.01 1.26
N GLY B 77 49.27 -24.27 0.17
CA GLY B 77 50.10 -23.07 0.20
C GLY B 77 49.60 -22.03 1.19
N TYR B 78 48.28 -21.80 1.19
CA TYR B 78 47.72 -20.85 2.15
C TYR B 78 47.92 -21.33 3.58
N GLY B 79 47.84 -22.64 3.81
CA GLY B 79 48.10 -23.15 5.15
C GLY B 79 49.53 -22.92 5.58
N VAL B 80 50.50 -23.18 4.70
CA VAL B 80 51.89 -22.95 5.05
C VAL B 80 52.12 -21.47 5.37
N LEU B 81 51.55 -20.58 4.55
CA LEU B 81 51.71 -19.15 4.80
C LEU B 81 51.09 -18.76 6.13
N THR B 82 49.92 -19.33 6.46
CA THR B 82 49.27 -18.99 7.72
C THR B 82 50.07 -19.46 8.92
N LEU B 83 50.57 -20.69 8.89
CA LEU B 83 51.37 -21.19 10.01
C LEU B 83 52.64 -20.36 10.19
N PHE B 84 53.36 -20.08 9.11
CA PHE B 84 54.57 -19.29 9.27
C PHE B 84 54.28 -17.84 9.63
N GLY B 85 53.11 -17.33 9.24
CA GLY B 85 52.71 -16.02 9.73
C GLY B 85 52.45 -16.01 11.23
N TYR B 86 51.80 -17.07 11.73
CA TYR B 86 51.64 -17.19 13.17
C TYR B 86 52.98 -17.26 13.88
N LEU B 87 53.92 -18.03 13.34
CA LEU B 87 55.24 -18.13 13.95
C LEU B 87 55.96 -16.79 13.95
N ARG B 88 55.90 -16.05 12.84
CA ARG B 88 56.55 -14.75 12.78
C ARG B 88 55.90 -13.76 13.73
N ASP B 89 54.58 -13.79 13.85
CA ASP B 89 53.90 -12.91 14.80
C ASP B 89 54.28 -13.27 16.23
N PHE B 90 54.40 -14.55 16.53
CA PHE B 90 54.82 -14.97 17.86
C PHE B 90 56.23 -14.50 18.17
N LEU B 91 57.15 -14.62 17.22
CA LEU B 91 58.50 -14.11 17.43
C LEU B 91 58.51 -12.60 17.58
N ARG B 92 57.66 -11.90 16.82
CA ARG B 92 57.60 -10.45 16.94
C ARG B 92 57.07 -10.01 18.30
N TYR B 93 56.08 -10.74 18.84
CA TYR B 93 55.49 -10.35 20.11
C TYR B 93 56.49 -10.44 21.25
N TRP B 94 57.24 -11.55 21.31
CA TRP B 94 58.22 -11.76 22.37
C TRP B 94 59.50 -10.97 22.14
N ARG B 95 59.52 -10.08 21.14
CA ARG B 95 60.64 -9.19 20.84
C ARG B 95 61.92 -9.95 20.54
N ILE B 96 61.82 -11.25 20.21
CA ILE B 96 63.00 -12.00 19.84
C ILE B 96 63.54 -11.52 18.49
N GLU B 97 62.66 -11.05 17.62
CA GLU B 97 63.04 -10.54 16.30
C GLU B 97 62.68 -9.06 16.19
N LYS B 98 63.58 -8.29 15.61
CA LYS B 98 63.32 -6.87 15.39
C LYS B 98 62.20 -6.69 14.36
N CYS B 99 61.31 -5.74 14.63
CA CYS B 99 60.15 -5.48 13.79
C CYS B 99 60.33 -4.14 13.08
N HIS B 100 60.14 -4.13 11.77
CA HIS B 100 60.21 -2.91 10.98
C HIS B 100 58.84 -2.26 10.86
N HIS B 101 58.19 -2.07 11.99
CA HIS B 101 56.84 -1.50 12.04
C HIS B 101 56.81 -0.36 13.05
N ALA B 102 56.02 0.65 12.74
CA ALA B 102 55.86 1.77 13.66
C ALA B 102 55.02 1.35 14.86
N THR B 103 55.36 1.90 16.01
CA THR B 103 54.68 1.61 17.26
C THR B 103 54.11 2.90 17.85
N GLU B 104 52.98 2.77 18.55
CA GLU B 104 52.30 3.93 19.08
C GLU B 104 53.21 4.70 20.02
N ARG B 105 53.09 6.02 19.99
CA ARG B 105 54.01 6.87 20.74
C ARG B 105 53.91 6.58 22.23
N GLU B 106 55.02 6.80 22.94
CA GLU B 106 55.14 6.33 24.31
C GLU B 106 54.08 6.92 25.23
N GLU B 107 53.63 8.15 24.95
CA GLU B 107 52.60 8.75 25.78
C GLU B 107 51.22 8.19 25.51
N GLN B 108 51.07 7.32 24.52
CA GLN B 108 49.78 6.75 24.16
C GLN B 108 49.79 5.23 24.20
N LYS B 109 50.71 4.63 24.94
CA LYS B 109 50.74 3.18 25.05
C LYS B 109 49.60 2.65 25.92
N ASP B 110 49.16 3.44 26.90
CA ASP B 110 48.05 3.05 27.76
C ASP B 110 46.70 3.19 27.09
N PHE B 111 46.62 3.87 25.95
CA PHE B 111 45.39 3.93 25.20
C PHE B 111 45.03 2.54 24.67
N VAL B 112 43.75 2.35 24.38
CA VAL B 112 43.31 1.13 23.72
C VAL B 112 44.04 1.02 22.38
N SER B 113 44.50 -0.19 22.06
CA SER B 113 45.25 -0.40 20.83
C SER B 113 44.42 0.02 19.63
N LEU B 114 45.02 0.83 18.74
CA LEU B 114 44.29 1.35 17.59
C LEU B 114 43.90 0.22 16.64
N TYR B 115 44.84 -0.64 16.29
CA TYR B 115 44.60 -1.77 15.41
C TYR B 115 44.58 -3.06 16.23
N GLN B 116 43.52 -3.84 16.07
CA GLN B 116 43.53 -5.20 16.61
C GLN B 116 44.41 -6.07 15.73
N ASP B 117 45.18 -6.96 16.36
CA ASP B 117 46.22 -7.69 15.64
C ASP B 117 45.64 -8.48 14.48
N PHE B 118 44.66 -9.34 14.77
CA PHE B 118 44.13 -10.23 13.74
C PHE B 118 43.61 -9.46 12.53
N GLU B 119 43.11 -8.25 12.75
CA GLU B 119 42.56 -7.46 11.65
C GLU B 119 43.59 -7.27 10.54
N ASN B 120 44.84 -7.03 10.91
CA ASN B 120 45.89 -6.79 9.93
C ASN B 120 46.68 -8.04 9.58
N PHE B 121 46.26 -9.22 10.08
CA PHE B 121 47.03 -10.44 9.86
C PHE B 121 47.43 -10.59 8.40
N TYR B 122 46.43 -10.69 7.52
CA TYR B 122 46.68 -10.95 6.11
C TYR B 122 47.58 -9.88 5.50
N THR B 123 47.51 -8.65 6.00
CA THR B 123 48.34 -7.58 5.43
C THR B 123 49.80 -7.78 5.75
N ARG B 124 50.13 -8.22 6.97
CA ARG B 124 51.53 -8.23 7.37
C ARG B 124 52.25 -9.51 6.99
N ASN B 125 51.54 -10.64 6.93
CA ASN B 125 52.19 -11.92 6.74
C ASN B 125 52.11 -12.45 5.31
N LEU B 126 51.10 -12.04 4.54
CA LEU B 126 50.96 -12.48 3.16
C LEU B 126 51.18 -11.35 2.16
N TYR B 127 50.46 -10.24 2.31
CA TYR B 127 50.54 -9.16 1.33
C TYR B 127 51.91 -8.50 1.33
N MET B 128 52.51 -8.32 2.52
CA MET B 128 53.79 -7.63 2.61
C MET B 128 54.93 -8.40 1.94
N ARG B 129 54.78 -9.71 1.74
CA ARG B 129 55.86 -10.47 1.13
C ARG B 129 55.95 -10.19 -0.37
N ILE B 130 54.83 -9.89 -1.01
CA ILE B 130 54.78 -9.68 -2.46
C ILE B 130 54.28 -8.28 -2.76
N ARG B 131 54.57 -7.33 -1.88
CA ARG B 131 54.14 -5.95 -2.05
C ARG B 131 54.82 -5.26 -3.23
N ASP B 132 55.91 -5.81 -3.74
CA ASP B 132 56.65 -5.14 -4.80
C ASP B 132 55.94 -5.15 -6.15
N ASN B 133 54.85 -5.89 -6.28
CA ASN B 133 54.08 -5.93 -7.53
C ASN B 133 53.01 -4.85 -7.61
N TRP B 134 52.92 -3.97 -6.64
CA TRP B 134 51.87 -2.97 -6.59
C TRP B 134 52.49 -1.61 -6.29
N ASN B 135 51.77 -0.56 -6.68
CA ASN B 135 52.21 0.82 -6.48
C ASN B 135 53.51 1.10 -7.24
N ARG B 136 53.60 0.62 -8.47
CA ARG B 136 54.81 0.84 -9.25
C ARG B 136 54.84 2.27 -9.76
N PRO B 137 55.85 3.05 -9.41
CA PRO B 137 55.90 4.50 -9.75
C PRO B 137 56.32 4.81 -11.18
N ILE B 138 55.33 4.79 -12.09
CA ILE B 138 55.63 5.16 -13.47
C ILE B 138 56.00 6.65 -13.52
N CYS B 139 56.74 7.01 -14.57
CA CYS B 139 57.25 8.37 -14.70
C CYS B 139 57.12 8.86 -16.13
N SER B 140 56.03 8.50 -16.80
CA SER B 140 55.79 8.93 -18.17
C SER B 140 54.30 8.77 -18.46
N VAL B 141 53.91 9.21 -19.64
CA VAL B 141 52.49 9.10 -20.04
C VAL B 141 52.14 7.61 -20.20
N PRO B 142 51.04 7.15 -19.61
CA PRO B 142 50.74 5.70 -19.62
C PRO B 142 50.16 5.23 -20.95
N GLY B 143 50.93 5.41 -22.02
CA GLY B 143 50.48 4.99 -23.34
C GLY B 143 50.64 3.50 -23.55
N ALA B 144 51.02 3.11 -24.76
CA ALA B 144 51.31 1.71 -25.02
C ALA B 144 52.57 1.26 -24.31
N ARG B 145 53.49 2.20 -24.05
CA ARG B 145 54.73 1.90 -23.34
C ARG B 145 54.96 2.97 -22.27
N VAL B 146 55.24 2.53 -21.06
CA VAL B 146 55.39 3.41 -19.92
C VAL B 146 56.76 3.20 -19.30
N ASP B 147 57.28 4.24 -18.65
CA ASP B 147 58.58 4.19 -17.98
C ASP B 147 58.36 4.00 -16.49
N ILE B 148 58.90 2.92 -15.94
CA ILE B 148 58.71 2.56 -14.54
C ILE B 148 60.00 2.83 -13.79
N MET B 149 59.92 3.60 -12.72
CA MET B 149 61.09 3.85 -11.89
C MET B 149 61.45 2.61 -11.09
N GLU B 150 62.73 2.28 -11.08
CA GLU B 150 63.20 1.03 -10.48
C GLU B 150 63.44 1.22 -9.00
N ARG B 151 62.92 0.29 -8.21
CA ARG B 151 63.04 0.34 -6.76
C ARG B 151 63.37 -1.05 -6.23
N GLN B 152 64.11 -1.08 -5.12
CA GLN B 152 64.54 -2.33 -4.51
C GLN B 152 64.43 -2.22 -3.00
N SER B 153 64.25 -3.35 -2.34
CA SER B 153 64.07 -3.41 -0.90
C SER B 153 65.05 -4.37 -0.28
N HIS B 154 65.78 -3.91 0.73
CA HIS B 154 66.68 -4.76 1.50
C HIS B 154 66.04 -5.30 2.77
N ASP B 155 64.82 -4.85 3.11
CA ASP B 155 64.13 -5.27 4.32
C ASP B 155 62.99 -6.23 4.02
N TYR B 156 63.05 -6.92 2.88
CA TYR B 156 61.97 -7.79 2.41
C TYR B 156 60.65 -7.02 2.32
N ASN B 157 60.66 -6.01 1.45
CA ASN B 157 59.50 -5.25 1.02
C ASN B 157 58.90 -4.37 2.11
N TRP B 158 59.57 -4.23 3.25
CA TRP B 158 59.07 -3.33 4.28
C TRP B 158 59.33 -1.87 3.93
N SER B 159 60.46 -1.58 3.29
CA SER B 159 60.80 -0.23 2.87
C SER B 159 61.53 -0.30 1.54
N PHE B 160 61.18 0.61 0.64
CA PHE B 160 61.70 0.61 -0.73
C PHE B 160 62.62 1.80 -0.93
N LYS B 161 63.76 1.55 -1.58
CA LYS B 161 64.71 2.60 -1.95
C LYS B 161 64.79 2.67 -3.45
N TYR B 162 64.72 3.88 -3.99
CA TYR B 162 64.68 4.08 -5.43
C TYR B 162 66.11 4.12 -5.97
N THR B 163 66.48 3.09 -6.72
CA THR B 163 67.75 3.11 -7.43
C THR B 163 67.67 4.12 -8.58
N GLY B 164 68.85 4.47 -9.10
CA GLY B 164 68.90 5.51 -10.11
C GLY B 164 68.21 5.13 -11.41
N ASN B 165 68.36 3.89 -11.84
CA ASN B 165 67.88 3.47 -13.15
C ASN B 165 66.37 3.59 -13.25
N ILE B 166 65.90 3.90 -14.46
CA ILE B 166 64.48 3.87 -14.80
C ILE B 166 64.29 2.90 -15.95
N ILE B 167 63.35 1.98 -15.80
CA ILE B 167 63.09 0.99 -16.83
C ILE B 167 62.28 1.64 -17.94
N LYS B 168 62.79 1.59 -19.16
CA LYS B 168 62.20 2.29 -20.29
C LYS B 168 61.55 1.31 -21.25
N GLY B 169 60.45 1.75 -21.86
CA GLY B 169 59.76 0.95 -22.85
C GLY B 169 59.09 -0.30 -22.30
N VAL B 170 58.51 -0.22 -21.10
CA VAL B 170 57.74 -1.33 -20.57
C VAL B 170 56.39 -1.37 -21.27
N ILE B 171 56.07 -2.54 -21.86
CA ILE B 171 54.75 -2.71 -22.44
C ILE B 171 53.71 -2.65 -21.34
N ASN B 172 52.72 -1.78 -21.50
CA ASN B 172 51.80 -1.45 -20.42
C ASN B 172 50.48 -2.18 -20.63
N MET B 173 50.19 -3.14 -19.77
CA MET B 173 48.94 -3.89 -19.80
C MET B 173 48.17 -3.72 -18.50
N GLY B 174 48.35 -2.60 -17.82
CA GLY B 174 47.63 -2.35 -16.59
C GLY B 174 46.89 -1.03 -16.59
N SER B 175 47.14 -0.22 -17.62
CA SER B 175 46.47 1.07 -17.76
C SER B 175 45.15 0.91 -18.50
N TYR B 176 44.26 1.86 -18.27
CA TYR B 176 42.86 1.73 -18.67
C TYR B 176 42.52 2.42 -19.98
N ASN B 177 43.49 2.93 -20.72
CA ASN B 177 43.16 3.70 -21.92
C ASN B 177 42.72 2.75 -23.02
N TYR B 178 41.45 2.35 -22.96
CA TYR B 178 40.91 1.42 -23.94
C TYR B 178 40.99 1.99 -25.36
N LEU B 179 40.64 3.27 -25.51
CA LEU B 179 40.66 3.90 -26.82
C LEU B 179 41.96 4.62 -27.11
N GLY B 180 42.91 4.58 -26.18
CA GLY B 180 44.21 5.18 -26.41
C GLY B 180 44.21 6.69 -26.54
N PHE B 181 43.49 7.39 -25.67
CA PHE B 181 43.49 8.84 -25.65
C PHE B 181 44.52 9.42 -24.68
N ALA B 182 45.33 8.58 -24.04
CA ALA B 182 46.33 9.05 -23.08
C ALA B 182 47.60 9.40 -23.84
N ARG B 183 47.68 10.63 -24.33
CA ARG B 183 48.85 11.12 -25.04
C ARG B 183 49.19 12.52 -24.53
N ASN B 184 50.48 12.86 -24.61
CA ASN B 184 50.94 14.19 -24.23
C ASN B 184 51.00 15.15 -25.41
N THR B 185 50.54 14.72 -26.58
CA THR B 185 50.41 15.61 -27.73
C THR B 185 49.12 15.30 -28.46
N GLY B 186 48.62 16.30 -29.19
CA GLY B 186 47.38 16.13 -29.92
C GLY B 186 46.43 17.30 -29.77
N SER B 187 45.25 17.19 -30.39
CA SER B 187 44.26 18.27 -30.29
C SER B 187 43.75 18.42 -28.87
N CYS B 188 43.49 17.31 -28.18
CA CYS B 188 42.96 17.38 -26.83
C CYS B 188 43.92 18.10 -25.89
N GLN B 189 45.21 17.79 -25.99
CA GLN B 189 46.18 18.41 -25.10
C GLN B 189 46.30 19.91 -25.36
N GLU B 190 46.27 20.32 -26.63
CA GLU B 190 46.35 21.75 -26.93
C GLU B 190 45.11 22.49 -26.45
N ALA B 191 43.93 21.89 -26.62
CA ALA B 191 42.72 22.51 -26.12
C ALA B 191 42.76 22.64 -24.60
N ALA B 192 43.25 21.60 -23.91
CA ALA B 192 43.38 21.67 -22.46
C ALA B 192 44.38 22.74 -22.05
N ALA B 193 45.43 22.93 -22.84
CA ALA B 193 46.39 23.99 -22.55
C ALA B 193 45.74 25.36 -22.69
N LYS B 194 44.91 25.55 -23.72
CA LYS B 194 44.21 26.83 -23.86
C LYS B 194 43.29 27.08 -22.66
N VAL B 195 42.52 26.07 -22.26
CA VAL B 195 41.61 26.26 -21.13
C VAL B 195 42.39 26.48 -19.84
N LEU B 196 43.54 25.84 -19.68
CA LEU B 196 44.38 26.08 -18.51
C LEU B 196 44.90 27.51 -18.49
N GLU B 197 45.31 28.02 -19.65
CA GLU B 197 45.78 29.40 -19.71
C GLU B 197 44.68 30.39 -19.38
N GLU B 198 43.45 30.12 -19.85
CA GLU B 198 42.37 31.08 -19.64
C GLU B 198 41.74 30.93 -18.26
N TYR B 199 41.12 29.78 -17.99
CA TYR B 199 40.35 29.58 -16.77
C TYR B 199 41.23 29.34 -15.56
N GLY B 200 42.32 28.60 -15.71
CA GLY B 200 43.15 28.22 -14.60
C GLY B 200 42.80 26.83 -14.08
N ALA B 201 43.72 26.28 -13.28
CA ALA B 201 43.57 24.93 -12.75
C ALA B 201 42.71 24.95 -11.49
N GLY B 202 41.64 24.16 -11.50
CA GLY B 202 40.81 24.03 -10.32
C GLY B 202 39.84 25.18 -10.12
N VAL B 203 38.63 24.85 -9.69
CA VAL B 203 37.63 25.82 -9.28
C VAL B 203 37.49 25.74 -7.77
N CYS B 204 37.13 26.86 -7.15
CA CYS B 204 37.27 27.01 -5.71
C CYS B 204 35.95 27.04 -4.95
N SER B 205 34.85 26.61 -5.57
CA SER B 205 33.59 26.64 -4.83
C SER B 205 32.62 25.61 -5.42
N THR B 206 31.58 25.33 -4.64
CA THR B 206 30.61 24.30 -4.99
C THR B 206 29.78 24.72 -6.19
N ARG B 207 29.14 23.73 -6.83
CA ARG B 207 28.35 24.00 -8.03
C ARG B 207 27.22 24.97 -7.75
N GLN B 208 26.51 24.78 -6.65
CA GLN B 208 25.31 25.59 -6.40
C GLN B 208 25.66 27.05 -6.19
N GLU B 209 26.75 27.35 -5.49
CA GLU B 209 26.97 28.73 -5.06
C GLU B 209 27.59 29.59 -6.14
N ILE B 210 28.86 29.38 -6.47
CA ILE B 210 29.49 30.16 -7.53
C ILE B 210 30.35 29.27 -8.40
N GLY B 211 30.46 28.00 -8.04
CA GLY B 211 31.35 27.12 -8.77
C GLY B 211 30.82 26.57 -10.05
N ASN B 212 29.62 26.94 -10.46
CA ASN B 212 29.12 26.55 -11.76
C ASN B 212 29.62 27.51 -12.83
N LEU B 213 30.15 26.97 -13.91
CA LEU B 213 30.73 27.74 -14.99
C LEU B 213 29.99 27.40 -16.29
N ASP B 214 30.50 27.94 -17.41
CA ASP B 214 29.94 27.58 -18.70
C ASP B 214 30.45 26.24 -19.21
N LYS B 215 31.71 25.90 -18.90
CA LYS B 215 32.27 24.65 -19.38
C LYS B 215 31.48 23.45 -18.86
N HIS B 216 31.03 23.52 -17.61
CA HIS B 216 30.26 22.42 -17.05
C HIS B 216 28.95 22.22 -17.80
N GLU B 217 28.29 23.32 -18.18
CA GLU B 217 27.06 23.20 -18.94
C GLU B 217 27.32 22.63 -20.34
N GLU B 218 28.41 23.07 -20.98
CA GLU B 218 28.76 22.51 -22.28
C GLU B 218 29.00 21.01 -22.18
N LEU B 219 29.75 20.60 -21.16
CA LEU B 219 30.03 19.17 -20.99
C LEU B 219 28.75 18.39 -20.73
N GLU B 220 27.85 18.94 -19.92
CA GLU B 220 26.62 18.20 -19.61
C GLU B 220 25.76 18.02 -20.85
N GLU B 221 25.60 19.07 -21.65
CA GLU B 221 24.80 18.91 -22.87
C GLU B 221 25.49 17.97 -23.85
N LEU B 222 26.82 18.03 -23.94
CA LEU B 222 27.54 17.14 -24.85
C LEU B 222 27.37 15.68 -24.42
N VAL B 223 27.42 15.40 -23.12
CA VAL B 223 27.22 14.05 -22.63
C VAL B 223 25.81 13.59 -22.94
N ALA B 224 24.82 14.47 -22.75
CA ALA B 224 23.44 14.10 -23.03
C ALA B 224 23.25 13.76 -24.50
N ARG B 225 23.91 14.50 -25.40
CA ARG B 225 23.85 14.14 -26.81
C ARG B 225 24.60 12.84 -27.09
N PHE B 226 25.73 12.63 -26.42
CA PHE B 226 26.53 11.43 -26.64
C PHE B 226 25.73 10.17 -26.34
N LEU B 227 25.27 10.04 -25.09
CA LEU B 227 24.55 8.82 -24.72
C LEU B 227 23.26 8.67 -25.50
N GLY B 228 22.58 9.78 -25.78
CA GLY B 228 21.27 9.75 -26.39
C GLY B 228 20.12 10.02 -25.44
N VAL B 229 20.37 10.02 -24.13
CA VAL B 229 19.34 10.30 -23.14
C VAL B 229 19.07 11.81 -23.10
N GLU B 230 17.99 12.20 -22.44
CA GLU B 230 17.55 13.60 -22.48
C GLU B 230 18.55 14.51 -21.78
N ALA B 231 19.02 14.13 -20.59
CA ALA B 231 19.89 15.03 -19.84
C ALA B 231 20.92 14.21 -19.08
N ALA B 232 21.99 14.89 -18.67
CA ALA B 232 23.06 14.26 -17.90
C ALA B 232 23.78 15.30 -17.07
N MET B 233 24.38 14.85 -15.98
CA MET B 233 25.09 15.69 -15.03
C MET B 233 26.47 15.11 -14.77
N ALA B 234 27.44 15.99 -14.58
CA ALA B 234 28.85 15.59 -14.46
C ALA B 234 29.38 15.87 -13.06
N TYR B 235 30.18 14.95 -12.55
CA TYR B 235 30.78 15.03 -11.23
C TYR B 235 32.29 14.88 -11.36
N GLY B 236 33.00 15.16 -10.27
CA GLY B 236 34.44 15.10 -10.25
C GLY B 236 35.06 13.79 -9.84
N MET B 237 34.25 12.75 -9.62
CA MET B 237 34.76 11.45 -9.19
C MET B 237 33.68 10.39 -9.36
N GLY B 238 33.98 9.31 -10.09
CA GLY B 238 32.98 8.27 -10.29
C GLY B 238 32.60 7.58 -9.00
N PHE B 239 33.59 7.31 -8.15
CA PHE B 239 33.32 6.82 -6.81
C PHE B 239 32.34 7.75 -6.09
N ALA B 240 32.60 9.06 -6.16
CA ALA B 240 31.69 10.02 -5.57
C ALA B 240 30.34 10.00 -6.26
N THR B 241 30.32 9.83 -7.58
CA THR B 241 29.05 9.75 -8.31
C THR B 241 28.16 8.66 -7.71
N ASN B 242 28.69 7.45 -7.59
CA ASN B 242 27.89 6.36 -7.03
C ASN B 242 27.52 6.64 -5.58
N SER B 243 28.51 6.90 -4.74
CA SER B 243 28.28 7.01 -3.31
C SER B 243 27.48 8.23 -2.93
N MET B 244 27.25 9.16 -3.86
CA MET B 244 26.55 10.38 -3.56
C MET B 244 25.26 10.54 -4.32
N ASN B 245 24.99 9.68 -5.29
CA ASN B 245 23.69 9.72 -5.95
C ASN B 245 22.85 8.48 -5.75
N ILE B 246 23.42 7.36 -5.31
CA ILE B 246 22.57 6.24 -4.91
C ILE B 246 21.74 6.61 -3.67
N PRO B 247 22.32 7.23 -2.62
CA PRO B 247 21.49 7.56 -1.45
C PRO B 247 20.40 8.57 -1.74
N ALA B 248 20.51 9.36 -2.80
CA ALA B 248 19.45 10.33 -3.11
C ALA B 248 18.23 9.67 -3.74
N LEU B 249 18.44 8.60 -4.51
CA LEU B 249 17.33 7.97 -5.22
C LEU B 249 16.45 7.14 -4.29
N VAL B 250 17.04 6.40 -3.36
CA VAL B 250 16.31 5.47 -2.51
C VAL B 250 16.50 5.85 -1.05
N GLY B 251 15.72 5.22 -0.20
CA GLY B 251 15.80 5.44 1.22
C GLY B 251 15.24 4.26 1.98
N LYS B 252 14.83 4.52 3.21
CA LYS B 252 14.19 3.47 4.01
C LYS B 252 12.87 3.05 3.37
N GLY B 253 12.60 1.75 3.39
CA GLY B 253 11.40 1.23 2.78
C GLY B 253 11.52 0.88 1.32
N CYS B 254 12.73 0.75 0.80
CA CYS B 254 12.97 0.35 -0.58
C CYS B 254 13.97 -0.79 -0.59
N LEU B 255 13.93 -1.58 -1.66
CA LEU B 255 14.82 -2.73 -1.80
C LEU B 255 15.85 -2.46 -2.89
N ILE B 256 17.10 -2.82 -2.61
CA ILE B 256 18.19 -2.67 -3.55
C ILE B 256 18.70 -4.06 -3.87
N LEU B 257 18.53 -4.48 -5.11
CA LEU B 257 19.00 -5.78 -5.57
C LEU B 257 20.32 -5.56 -6.29
N SER B 258 21.43 -5.94 -5.65
CA SER B 258 22.75 -5.70 -6.20
C SER B 258 23.40 -7.03 -6.59
N ASP B 259 24.19 -6.98 -7.65
CA ASP B 259 24.91 -8.14 -8.13
C ASP B 259 25.85 -8.66 -7.04
N GLU B 260 26.35 -9.88 -7.24
CA GLU B 260 27.30 -10.43 -6.30
C GLU B 260 28.61 -9.66 -6.30
N LEU B 261 29.07 -9.27 -7.49
CA LEU B 261 30.36 -8.60 -7.66
C LEU B 261 30.10 -7.19 -8.18
N ASN B 262 29.84 -6.26 -7.27
CA ASN B 262 29.73 -4.85 -7.61
C ASN B 262 30.95 -4.11 -7.07
N HIS B 263 31.28 -3.02 -7.75
CA HIS B 263 32.36 -2.16 -7.30
C HIS B 263 32.07 -1.66 -5.89
N ALA B 264 33.12 -1.37 -5.13
CA ALA B 264 32.94 -0.93 -3.76
C ALA B 264 32.15 0.36 -3.67
N SER B 265 32.16 1.18 -4.73
CA SER B 265 31.37 2.41 -4.70
C SER B 265 29.88 2.11 -4.64
N LEU B 266 29.41 1.16 -5.44
CA LEU B 266 27.99 0.82 -5.42
C LEU B 266 27.57 0.23 -4.08
N VAL B 267 28.40 -0.64 -3.51
CA VAL B 267 28.08 -1.22 -2.21
C VAL B 267 28.06 -0.14 -1.13
N LEU B 268 29.02 0.77 -1.16
CA LEU B 268 29.05 1.86 -0.18
C LEU B 268 27.83 2.77 -0.35
N GLY B 269 27.47 3.09 -1.59
CA GLY B 269 26.30 3.92 -1.81
C GLY B 269 25.02 3.26 -1.33
N ALA B 270 24.91 1.95 -1.55
CA ALA B 270 23.75 1.22 -1.05
C ALA B 270 23.72 1.21 0.47
N ARG B 271 24.89 1.03 1.11
CA ARG B 271 24.93 1.01 2.57
C ARG B 271 24.58 2.37 3.16
N LEU B 272 25.04 3.45 2.55
CA LEU B 272 24.77 4.78 3.11
C LEU B 272 23.29 5.07 3.14
N SER B 273 22.56 4.71 2.08
CA SER B 273 21.11 4.79 2.10
C SER B 273 20.54 3.66 2.97
N GLY B 274 19.37 3.92 3.55
CA GLY B 274 18.80 2.96 4.46
C GLY B 274 18.10 1.78 3.84
N ALA B 275 18.09 1.68 2.51
CA ALA B 275 17.33 0.64 1.83
C ALA B 275 17.88 -0.74 2.17
N THR B 276 16.99 -1.72 2.21
CA THR B 276 17.40 -3.10 2.41
C THR B 276 18.16 -3.60 1.19
N ILE B 277 19.22 -4.36 1.43
CA ILE B 277 20.13 -4.80 0.39
C ILE B 277 20.07 -6.32 0.30
N ARG B 278 19.73 -6.84 -0.88
CA ARG B 278 19.74 -8.26 -1.14
C ARG B 278 20.63 -8.53 -2.35
N ILE B 279 21.39 -9.62 -2.29
CA ILE B 279 22.43 -9.92 -3.26
C ILE B 279 22.00 -11.16 -4.04
N PHE B 280 21.99 -11.06 -5.36
CA PHE B 280 21.72 -12.20 -6.21
C PHE B 280 23.01 -12.68 -6.87
N LYS B 281 23.00 -13.96 -7.27
CA LYS B 281 24.19 -14.58 -7.82
C LYS B 281 24.61 -13.87 -9.11
N HIS B 282 25.92 -13.86 -9.35
CA HIS B 282 26.48 -13.09 -10.45
C HIS B 282 25.93 -13.55 -11.79
N ASN B 283 25.18 -12.67 -12.45
CA ASN B 283 24.62 -12.91 -13.78
C ASN B 283 23.84 -14.22 -13.83
N ASN B 284 23.02 -14.44 -12.81
CA ASN B 284 22.15 -15.61 -12.74
C ASN B 284 20.72 -15.08 -12.73
N MET B 285 20.07 -15.10 -13.90
CA MET B 285 18.78 -14.44 -14.04
C MET B 285 17.68 -15.17 -13.29
N GLN B 286 17.85 -16.48 -13.07
CA GLN B 286 16.91 -17.22 -12.26
C GLN B 286 16.88 -16.69 -10.83
N SER B 287 18.06 -16.40 -10.27
CA SER B 287 18.11 -15.87 -8.91
C SER B 287 17.52 -14.47 -8.84
N LEU B 288 17.79 -13.64 -9.85
CA LEU B 288 17.18 -12.32 -9.88
C LEU B 288 15.66 -12.41 -9.94
N GLU B 289 15.13 -13.32 -10.77
CA GLU B 289 13.69 -13.47 -10.89
C GLU B 289 13.08 -13.96 -9.59
N LYS B 290 13.71 -14.94 -8.94
CA LYS B 290 13.20 -15.44 -7.67
C LYS B 290 13.20 -14.34 -6.61
N LEU B 291 14.28 -13.56 -6.54
CA LEU B 291 14.34 -12.48 -5.57
C LEU B 291 13.27 -11.43 -5.84
N LEU B 292 13.05 -11.09 -7.12
CA LEU B 292 12.02 -10.12 -7.44
C LEU B 292 10.64 -10.63 -7.03
N LYS B 293 10.32 -11.88 -7.36
CA LYS B 293 9.01 -12.41 -7.00
C LYS B 293 8.81 -12.43 -5.50
N ASP B 294 9.81 -12.93 -4.76
CA ASP B 294 9.65 -13.00 -3.30
C ASP B 294 9.56 -11.60 -2.69
N ALA B 295 10.32 -10.64 -3.23
CA ALA B 295 10.26 -9.29 -2.69
C ALA B 295 8.91 -8.65 -2.93
N ILE B 296 8.36 -8.82 -4.14
CA ILE B 296 7.07 -8.20 -4.44
C ILE B 296 5.96 -8.87 -3.64
N VAL B 297 6.04 -10.19 -3.45
CA VAL B 297 4.97 -10.90 -2.77
C VAL B 297 5.04 -10.70 -1.26
N TYR B 298 6.14 -11.12 -0.64
CA TYR B 298 6.21 -11.15 0.82
C TYR B 298 6.46 -9.79 1.44
N GLY B 299 6.76 -8.76 0.65
CA GLY B 299 6.89 -7.43 1.21
C GLY B 299 8.08 -7.29 2.15
N GLN B 300 7.99 -6.27 3.01
CA GLN B 300 9.07 -5.92 3.90
C GLN B 300 9.26 -7.01 4.96
N PRO B 301 10.45 -7.07 5.58
CA PRO B 301 10.76 -8.22 6.45
C PRO B 301 9.91 -8.32 7.71
N ARG B 302 9.80 -7.23 8.47
CA ARG B 302 9.07 -7.27 9.74
C ARG B 302 7.59 -6.96 9.55
N THR B 303 7.29 -5.76 9.06
CA THR B 303 5.92 -5.34 8.80
C THR B 303 5.66 -5.55 7.32
N ARG B 304 4.89 -6.59 6.98
CA ARG B 304 4.89 -7.07 5.61
C ARG B 304 4.10 -6.15 4.70
N ARG B 305 4.44 -4.88 4.69
CA ARG B 305 3.90 -3.91 3.77
C ARG B 305 4.62 -3.99 2.42
N PRO B 306 4.00 -3.51 1.35
CA PRO B 306 4.69 -3.51 0.05
C PRO B 306 5.88 -2.55 0.04
N TRP B 307 6.86 -2.89 -0.78
CA TRP B 307 8.03 -2.04 -0.93
C TRP B 307 7.66 -0.74 -1.64
N LYS B 308 8.28 0.36 -1.22
CA LYS B 308 8.09 1.61 -1.95
C LYS B 308 8.66 1.51 -3.35
N LYS B 309 9.85 0.93 -3.49
CA LYS B 309 10.56 0.85 -4.76
C LYS B 309 11.47 -0.36 -4.74
N ILE B 310 11.85 -0.82 -5.93
CA ILE B 310 12.83 -1.88 -6.08
C ILE B 310 13.85 -1.44 -7.12
N LEU B 311 15.12 -1.43 -6.73
CA LEU B 311 16.20 -0.92 -7.57
C LEU B 311 17.21 -2.03 -7.82
N ILE B 312 17.66 -2.15 -9.06
CA ILE B 312 18.62 -3.17 -9.48
C ILE B 312 19.91 -2.48 -9.88
N LEU B 313 20.99 -2.77 -9.17
CA LEU B 313 22.30 -2.19 -9.43
C LEU B 313 23.12 -3.19 -10.24
N VAL B 314 23.49 -2.83 -11.47
CA VAL B 314 24.30 -3.70 -12.32
C VAL B 314 25.40 -2.88 -12.98
N GLU B 315 26.38 -3.57 -13.53
CA GLU B 315 27.52 -2.96 -14.18
C GLU B 315 27.58 -3.34 -15.65
N GLY B 316 28.27 -2.51 -16.43
CA GLY B 316 28.46 -2.84 -17.84
C GLY B 316 29.39 -4.00 -18.04
N ILE B 317 30.68 -3.82 -17.72
CA ILE B 317 31.66 -4.88 -17.71
C ILE B 317 32.21 -5.00 -16.30
N TYR B 318 32.25 -6.21 -15.78
CA TYR B 318 32.89 -6.45 -14.49
C TYR B 318 34.38 -6.65 -14.72
N SER B 319 35.18 -5.74 -14.18
CA SER B 319 36.59 -5.68 -14.56
C SER B 319 37.33 -6.95 -14.19
N MET B 320 37.12 -7.46 -12.98
CA MET B 320 37.82 -8.66 -12.55
C MET B 320 37.39 -9.87 -13.36
N GLU B 321 36.08 -10.09 -13.48
CA GLU B 321 35.60 -11.26 -14.21
C GLU B 321 35.75 -11.10 -15.71
N GLY B 322 35.49 -9.91 -16.23
CA GLY B 322 35.45 -9.70 -17.66
C GLY B 322 34.11 -10.01 -18.30
N SER B 323 33.10 -10.32 -17.52
CA SER B 323 31.81 -10.75 -18.04
C SER B 323 30.92 -9.56 -18.32
N ILE B 324 30.29 -9.54 -19.49
CA ILE B 324 29.32 -8.51 -19.83
C ILE B 324 27.97 -8.91 -19.27
N VAL B 325 27.23 -7.92 -18.76
CA VAL B 325 25.95 -8.21 -18.12
C VAL B 325 24.92 -8.58 -19.17
N ARG B 326 24.04 -9.52 -18.83
CA ARG B 326 22.95 -9.92 -19.73
C ARG B 326 21.88 -8.84 -19.66
N LEU B 327 22.12 -7.77 -20.42
CA LEU B 327 21.21 -6.62 -20.37
C LEU B 327 19.80 -6.91 -20.85
N PRO B 328 19.58 -7.59 -21.99
CA PRO B 328 18.19 -7.79 -22.44
C PRO B 328 17.32 -8.49 -21.42
N GLU B 329 17.86 -9.50 -20.73
CA GLU B 329 17.06 -10.19 -19.73
C GLU B 329 16.82 -9.31 -18.51
N VAL B 330 17.80 -8.48 -18.15
CA VAL B 330 17.59 -7.55 -17.05
C VAL B 330 16.45 -6.59 -17.38
N ILE B 331 16.43 -6.06 -18.59
CA ILE B 331 15.37 -5.13 -18.97
C ILE B 331 14.03 -5.86 -19.06
N ALA B 332 14.03 -7.10 -19.54
CA ALA B 332 12.79 -7.87 -19.60
C ALA B 332 12.20 -8.07 -18.21
N LEU B 333 13.01 -8.52 -17.26
CA LEU B 333 12.52 -8.70 -15.89
C LEU B 333 12.13 -7.37 -15.26
N LYS B 334 12.87 -6.30 -15.56
CA LYS B 334 12.52 -4.98 -15.04
C LYS B 334 11.14 -4.56 -15.49
N LYS B 335 10.86 -4.66 -16.79
CA LYS B 335 9.56 -4.26 -17.30
C LYS B 335 8.46 -5.19 -16.80
N LYS B 336 8.75 -6.48 -16.65
CA LYS B 336 7.74 -7.41 -16.18
C LYS B 336 7.37 -7.15 -14.73
N TYR B 337 8.34 -6.90 -13.87
CA TYR B 337 8.10 -6.75 -12.43
C TYR B 337 8.12 -5.30 -11.96
N LYS B 338 8.21 -4.34 -12.88
CA LYS B 338 8.12 -2.92 -12.56
C LYS B 338 9.19 -2.49 -11.56
N ALA B 339 10.44 -2.83 -11.86
CA ALA B 339 11.57 -2.39 -11.06
C ALA B 339 12.26 -1.21 -11.75
N TYR B 340 13.31 -0.71 -11.11
CA TYR B 340 14.12 0.37 -11.67
C TYR B 340 15.55 -0.12 -11.87
N LEU B 341 16.24 0.45 -12.85
CA LEU B 341 17.55 -0.03 -13.25
C LEU B 341 18.61 1.06 -13.11
N TYR B 342 19.68 0.73 -12.40
CA TYR B 342 20.88 1.55 -12.30
C TYR B 342 22.00 0.80 -12.99
N LEU B 343 22.59 1.40 -14.01
CA LEU B 343 23.58 0.74 -14.86
C LEU B 343 24.89 1.52 -14.79
N ASP B 344 25.89 0.93 -14.14
CA ASP B 344 27.23 1.49 -14.08
C ASP B 344 27.98 1.08 -15.34
N GLU B 345 28.32 2.05 -16.17
CA GLU B 345 29.01 1.82 -17.43
C GLU B 345 30.43 2.36 -17.39
N ALA B 346 31.14 2.16 -16.28
CA ALA B 346 32.48 2.70 -16.17
C ALA B 346 33.41 2.09 -17.21
N HIS B 347 33.33 0.78 -17.41
CA HIS B 347 34.28 0.08 -18.28
C HIS B 347 33.80 -0.06 -19.71
N SER B 348 32.50 0.11 -19.97
CA SER B 348 31.92 -0.19 -21.28
C SER B 348 31.55 1.04 -22.09
N ILE B 349 31.77 2.25 -21.56
CA ILE B 349 31.25 3.43 -22.23
C ILE B 349 32.08 3.80 -23.46
N GLY B 350 33.35 3.46 -23.50
CA GLY B 350 34.16 3.79 -24.65
C GLY B 350 34.61 2.56 -25.41
N ALA B 351 34.59 1.41 -24.75
CA ALA B 351 35.05 0.17 -25.37
C ALA B 351 33.97 -0.46 -26.23
N LEU B 352 32.85 -0.85 -25.61
CA LEU B 352 31.85 -1.66 -26.27
C LEU B 352 30.97 -0.82 -27.20
N GLY B 353 30.52 -1.44 -28.28
CA GLY B 353 29.65 -0.79 -29.23
C GLY B 353 30.33 -0.51 -30.55
N PRO B 354 29.57 -0.59 -31.64
CA PRO B 354 30.17 -0.32 -32.96
C PRO B 354 30.71 1.09 -33.10
N THR B 355 30.09 2.06 -32.43
CA THR B 355 30.60 3.42 -32.35
C THR B 355 30.94 3.82 -30.91
N GLY B 356 30.98 2.89 -29.99
CA GLY B 356 31.37 3.18 -28.63
C GLY B 356 30.44 4.06 -27.80
N ARG B 357 29.13 3.83 -27.88
CA ARG B 357 28.19 4.53 -27.04
C ARG B 357 27.87 3.77 -25.76
N GLY B 358 28.43 2.58 -25.58
CA GLY B 358 28.25 1.84 -24.35
C GLY B 358 27.87 0.41 -24.63
N VAL B 359 27.21 -0.20 -23.65
CA VAL B 359 26.70 -1.56 -23.81
C VAL B 359 25.29 -1.55 -24.39
N VAL B 360 24.53 -0.47 -24.23
CA VAL B 360 23.20 -0.40 -24.81
C VAL B 360 23.28 -0.36 -26.33
N GLU B 361 24.31 0.29 -26.90
CA GLU B 361 24.51 0.18 -28.34
C GLU B 361 25.01 -1.21 -28.70
N TYR B 362 25.86 -1.81 -27.86
CA TYR B 362 26.39 -3.13 -28.14
C TYR B 362 25.26 -4.14 -28.31
N PHE B 363 24.33 -4.17 -27.37
CA PHE B 363 23.17 -5.04 -27.49
C PHE B 363 22.12 -4.49 -28.43
N GLY B 364 22.22 -3.23 -28.84
CA GLY B 364 21.25 -2.62 -29.73
C GLY B 364 19.98 -2.14 -29.08
N LEU B 365 19.89 -2.19 -27.75
CA LEU B 365 18.66 -1.82 -27.06
C LEU B 365 18.48 -0.30 -27.07
N ASP B 366 17.41 0.14 -26.44
CA ASP B 366 17.03 1.55 -26.38
C ASP B 366 17.55 2.18 -25.09
N PRO B 367 18.27 3.30 -25.16
CA PRO B 367 18.75 3.94 -23.93
C PRO B 367 17.65 4.42 -23.02
N GLU B 368 16.45 4.66 -23.55
CA GLU B 368 15.35 5.15 -22.72
C GLU B 368 14.81 4.09 -21.78
N ASP B 369 15.14 2.82 -22.01
CA ASP B 369 14.68 1.76 -21.12
C ASP B 369 15.46 1.74 -19.82
N VAL B 370 16.74 2.09 -19.85
CA VAL B 370 17.56 2.12 -18.65
C VAL B 370 17.25 3.40 -17.88
N ASP B 371 16.88 3.25 -16.61
CA ASP B 371 16.42 4.39 -15.84
C ASP B 371 17.57 5.35 -15.50
N VAL B 372 18.64 4.84 -14.89
CA VAL B 372 19.79 5.67 -14.54
C VAL B 372 21.02 5.05 -15.18
N MET B 373 21.77 5.85 -15.96
CA MET B 373 22.99 5.37 -16.60
C MET B 373 24.17 6.12 -16.01
N MET B 374 24.88 5.48 -15.08
CA MET B 374 26.11 6.06 -14.57
C MET B 374 27.21 5.89 -15.61
N GLY B 375 28.33 6.57 -15.37
CA GLY B 375 29.47 6.40 -16.26
C GLY B 375 30.66 7.17 -15.73
N THR B 376 31.81 6.86 -16.30
CA THR B 376 33.06 7.43 -15.82
C THR B 376 33.98 7.73 -17.01
N PHE B 377 34.59 8.91 -16.98
CA PHE B 377 35.49 9.31 -18.06
C PHE B 377 36.93 8.87 -17.82
N THR B 378 37.22 8.23 -16.68
CA THR B 378 38.61 7.90 -16.37
C THR B 378 39.16 6.87 -17.33
N1 LLP B 379 33.27 1.92 -10.83
C2 LLP B 379 33.85 1.04 -11.70
C2' LLP B 379 33.10 -0.16 -12.17
C3 LLP B 379 35.14 1.26 -12.16
O3 LLP B 379 35.70 0.37 -13.04
C4 LLP B 379 35.87 2.37 -11.76
C4' LLP B 379 36.89 2.87 -12.73
C5 LLP B 379 35.27 3.26 -10.86
C6 LLP B 379 33.98 3.03 -10.41
C5' LLP B 379 35.97 4.49 -10.35
OP4 LLP B 379 36.32 5.41 -11.36
P LLP B 379 36.93 6.83 -10.91
OP1 LLP B 379 37.17 7.72 -12.11
OP2 LLP B 379 35.98 7.50 -9.96
OP3 LLP B 379 38.25 6.59 -10.22
N LLP B 379 38.38 5.84 -17.63
CA LLP B 379 38.90 4.69 -18.38
CB LLP B 379 37.90 3.54 -18.32
CG LLP B 379 37.29 3.32 -16.94
CD LLP B 379 38.36 2.98 -15.93
CE LLP B 379 37.76 2.40 -14.66
NZ LLP B 379 36.69 3.22 -14.07
C LLP B 379 39.20 5.06 -19.83
O LLP B 379 40.35 5.04 -20.26
N SER B 380 38.18 5.44 -20.57
CA SER B 380 38.30 5.57 -22.03
C SER B 380 38.75 6.96 -22.46
N PHE B 381 38.09 8.00 -21.95
CA PHE B 381 38.32 9.35 -22.45
C PHE B 381 39.58 10.00 -21.90
N GLY B 382 40.26 9.37 -20.95
CA GLY B 382 41.54 9.85 -20.50
C GLY B 382 41.52 11.05 -19.58
N ALA B 383 40.41 11.30 -18.90
CA ALA B 383 40.32 12.40 -17.95
C ALA B 383 39.40 12.01 -16.81
N SER B 384 39.80 12.35 -15.58
CA SER B 384 39.05 11.94 -14.40
C SER B 384 37.68 12.63 -14.35
N GLY B 385 36.70 11.94 -13.81
CA GLY B 385 35.38 12.50 -13.68
C GLY B 385 34.34 11.40 -13.65
N GLY B 386 33.08 11.82 -13.65
CA GLY B 386 31.97 10.88 -13.68
C GLY B 386 30.74 11.57 -14.21
N TYR B 387 29.70 10.78 -14.49
CA TYR B 387 28.48 11.35 -15.02
C TYR B 387 27.30 10.44 -14.72
N ILE B 388 26.11 11.02 -14.75
CA ILE B 388 24.84 10.30 -14.66
C ILE B 388 23.91 10.81 -15.74
N GLY B 389 23.31 9.90 -16.49
CA GLY B 389 22.40 10.26 -17.56
C GLY B 389 21.01 9.69 -17.33
N GLY B 390 19.99 10.47 -17.69
CA GLY B 390 18.62 10.04 -17.55
C GLY B 390 17.67 11.10 -18.06
N LYS B 391 16.39 10.91 -17.74
CA LYS B 391 15.37 11.87 -18.12
C LYS B 391 15.53 13.15 -17.32
N LYS B 392 14.97 14.24 -17.85
CA LYS B 392 15.20 15.55 -17.26
C LYS B 392 14.64 15.67 -15.85
N GLU B 393 13.58 14.93 -15.54
CA GLU B 393 13.05 14.95 -14.17
C GLU B 393 14.10 14.43 -13.19
N LEU B 394 14.73 13.30 -13.53
CA LEU B 394 15.78 12.74 -12.69
C LEU B 394 16.95 13.71 -12.56
N ILE B 395 17.36 14.33 -13.66
CA ILE B 395 18.52 15.20 -13.63
C ILE B 395 18.25 16.45 -12.82
N ASP B 396 17.03 17.00 -12.91
CA ASP B 396 16.71 18.14 -12.06
C ASP B 396 16.66 17.75 -10.59
N TYR B 397 16.07 16.59 -10.28
CA TYR B 397 16.03 16.16 -8.89
C TYR B 397 17.44 15.95 -8.34
N LEU B 398 18.35 15.44 -9.17
CA LEU B 398 19.73 15.27 -8.72
C LEU B 398 20.44 16.61 -8.58
N ARG B 399 20.25 17.51 -9.55
CA ARG B 399 20.86 18.83 -9.45
C ARG B 399 20.40 19.54 -8.18
N THR B 400 19.23 19.19 -7.66
CA THR B 400 18.79 19.78 -6.41
C THR B 400 19.26 19.00 -5.17
N HIS B 401 19.21 17.67 -5.20
CA HIS B 401 19.38 16.86 -4.00
C HIS B 401 20.56 15.90 -4.08
N SER B 402 21.63 16.26 -4.77
CA SER B 402 22.82 15.43 -4.82
C SER B 402 23.85 15.95 -3.83
N HIS B 403 24.41 15.05 -3.03
CA HIS B 403 25.31 15.46 -1.96
C HIS B 403 26.50 16.23 -2.50
N SER B 404 27.08 15.76 -3.61
CA SER B 404 28.22 16.44 -4.21
C SER B 404 27.84 17.71 -4.95
N ALA B 405 26.59 17.84 -5.38
CA ALA B 405 26.16 19.09 -5.98
C ALA B 405 26.09 20.20 -4.93
N VAL B 406 25.87 19.84 -3.67
CA VAL B 406 25.66 20.81 -2.61
C VAL B 406 26.94 21.07 -1.82
N TYR B 407 27.72 20.03 -1.54
CA TYR B 407 28.83 20.14 -0.60
C TYR B 407 30.21 19.92 -1.19
N ALA B 408 30.34 19.62 -2.48
CA ALA B 408 31.63 19.22 -3.02
C ALA B 408 32.02 20.10 -4.19
N THR B 409 33.33 20.33 -4.32
CA THR B 409 33.86 21.14 -5.40
C THR B 409 33.64 20.45 -6.74
N SER B 410 33.37 21.26 -7.76
CA SER B 410 33.03 20.75 -9.08
C SER B 410 34.30 20.34 -9.84
N LEU B 411 34.13 19.96 -11.11
CA LEU B 411 35.23 19.54 -11.94
C LEU B 411 36.19 20.70 -12.21
N SER B 412 37.39 20.34 -12.66
CA SER B 412 38.37 21.31 -13.09
C SER B 412 38.11 21.70 -14.55
N PRO B 413 38.53 22.88 -14.96
CA PRO B 413 38.26 23.32 -16.34
C PRO B 413 39.09 22.60 -17.39
N PRO B 414 40.41 22.40 -17.20
CA PRO B 414 41.15 21.64 -18.22
C PRO B 414 40.65 20.22 -18.39
N VAL B 415 40.21 19.58 -17.30
CA VAL B 415 39.68 18.23 -17.40
C VAL B 415 38.41 18.20 -18.23
N VAL B 416 37.50 19.16 -18.00
CA VAL B 416 36.27 19.16 -18.79
C VAL B 416 36.58 19.49 -20.24
N GLU B 417 37.60 20.30 -20.50
CA GLU B 417 37.97 20.54 -21.89
C GLU B 417 38.49 19.27 -22.55
N GLN B 418 39.30 18.50 -21.82
CA GLN B 418 39.80 17.25 -22.38
C GLN B 418 38.66 16.27 -22.65
N ILE B 419 37.69 16.19 -21.73
CA ILE B 419 36.56 15.29 -21.95
C ILE B 419 35.76 15.73 -23.16
N ILE B 420 35.53 17.04 -23.30
CA ILE B 420 34.76 17.54 -24.44
C ILE B 420 35.47 17.23 -25.75
N THR B 421 36.79 17.46 -25.80
CA THR B 421 37.52 17.19 -27.03
C THR B 421 37.53 15.70 -27.36
N SER B 422 37.68 14.83 -26.34
CA SER B 422 37.65 13.40 -26.60
C SER B 422 36.28 12.96 -27.12
N MET B 423 35.20 13.47 -26.53
CA MET B 423 33.87 13.10 -27.00
C MET B 423 33.61 13.59 -28.41
N LYS B 424 34.05 14.80 -28.73
CA LYS B 424 33.89 15.29 -30.10
C LYS B 424 34.73 14.50 -31.08
N CYS B 425 35.90 14.01 -30.65
CA CYS B 425 36.68 13.14 -31.52
C CYS B 425 35.98 11.82 -31.77
N ILE B 426 35.42 11.22 -30.73
CA ILE B 426 34.73 9.94 -30.89
C ILE B 426 33.50 10.08 -31.78
N MET B 427 32.70 11.13 -31.56
CA MET B 427 31.45 11.25 -32.31
C MET B 427 31.67 11.68 -33.75
N GLY B 428 32.88 11.99 -34.16
CA GLY B 428 33.11 12.46 -35.51
C GLY B 428 32.83 13.92 -35.73
N GLN B 429 32.54 14.68 -34.67
CA GLN B 429 32.33 16.12 -34.81
C GLN B 429 33.61 16.83 -35.25
N ASP B 430 34.77 16.26 -34.92
CA ASP B 430 36.02 16.86 -35.37
C ASP B 430 36.16 16.83 -36.89
N GLY B 431 35.54 15.85 -37.53
CA GLY B 431 35.62 15.69 -38.97
C GLY B 431 36.65 14.69 -39.44
N THR B 432 37.52 14.22 -38.56
CA THR B 432 38.57 13.27 -38.92
C THR B 432 38.20 11.88 -38.41
N SER B 433 38.82 10.86 -39.01
CA SER B 433 38.44 9.47 -38.83
C SER B 433 39.14 8.80 -37.65
N LEU B 434 39.60 9.55 -36.65
CA LEU B 434 40.17 8.91 -35.47
C LEU B 434 39.12 8.18 -34.66
N GLY B 435 37.90 8.70 -34.61
CA GLY B 435 36.86 8.07 -33.81
C GLY B 435 36.47 6.71 -34.33
N LYS B 436 36.45 6.53 -35.65
CA LYS B 436 36.08 5.25 -36.23
C LYS B 436 37.20 4.22 -36.10
N GLU B 437 38.45 4.65 -36.29
CA GLU B 437 39.56 3.70 -36.33
C GLU B 437 39.81 3.06 -34.96
N CYS B 438 39.70 3.85 -33.89
CA CYS B 438 40.08 3.36 -32.57
C CYS B 438 39.19 2.20 -32.12
N VAL B 439 37.88 2.30 -32.35
CA VAL B 439 36.98 1.25 -31.88
C VAL B 439 37.20 -0.04 -32.65
N GLN B 440 37.35 0.06 -33.97
CA GLN B 440 37.62 -1.14 -34.76
C GLN B 440 38.94 -1.78 -34.37
N GLN B 441 39.97 -0.97 -34.15
CA GLN B 441 41.26 -1.53 -33.78
C GLN B 441 41.20 -2.18 -32.40
N LEU B 442 40.47 -1.58 -31.46
CA LEU B 442 40.33 -2.20 -30.14
C LEU B 442 39.60 -3.54 -30.25
N ALA B 443 38.57 -3.62 -31.07
CA ALA B 443 37.87 -4.89 -31.23
C ALA B 443 38.78 -5.94 -31.84
N GLU B 444 39.57 -5.58 -32.85
CA GLU B 444 40.49 -6.53 -33.45
C GLU B 444 41.52 -6.99 -32.43
N ASN B 445 42.07 -6.06 -31.64
CA ASN B 445 43.04 -6.44 -30.62
C ASN B 445 42.44 -7.40 -29.61
N THR B 446 41.22 -7.14 -29.15
CA THR B 446 40.60 -8.00 -28.16
C THR B 446 40.40 -9.40 -28.70
N ARG B 447 39.84 -9.52 -29.91
CA ARG B 447 39.61 -10.85 -30.45
C ARG B 447 40.91 -11.60 -30.66
N TYR B 448 41.93 -10.92 -31.21
CA TYR B 448 43.21 -11.56 -31.47
C TYR B 448 43.86 -12.05 -30.17
N PHE B 449 43.90 -11.19 -29.15
CA PHE B 449 44.56 -11.56 -27.91
C PHE B 449 43.85 -12.71 -27.21
N ARG B 450 42.51 -12.63 -27.11
CA ARG B 450 41.78 -13.70 -26.43
C ARG B 450 41.93 -15.02 -27.18
N ARG B 451 41.87 -14.99 -28.51
CA ARG B 451 42.05 -16.23 -29.27
C ARG B 451 43.44 -16.82 -29.01
N ARG B 452 44.48 -15.98 -29.09
CA ARG B 452 45.83 -16.51 -28.95
C ARG B 452 46.06 -17.09 -27.56
N LEU B 453 45.56 -16.44 -26.51
CA LEU B 453 45.79 -17.00 -25.18
C LEU B 453 44.96 -18.25 -24.95
N LYS B 454 43.68 -18.25 -25.35
CA LYS B 454 42.88 -19.46 -25.17
C LYS B 454 43.41 -20.64 -25.96
N GLU B 455 44.15 -20.40 -27.04
CA GLU B 455 44.71 -21.52 -27.80
C GLU B 455 46.10 -21.93 -27.33
N MET B 456 46.64 -21.26 -26.30
CA MET B 456 47.91 -21.69 -25.71
C MET B 456 47.73 -22.67 -24.56
N GLY B 457 46.54 -22.73 -23.98
CA GLY B 457 46.27 -23.62 -22.86
C GLY B 457 45.97 -22.95 -21.55
N PHE B 458 45.80 -21.64 -21.53
CA PHE B 458 45.52 -20.92 -20.29
C PHE B 458 44.04 -21.05 -19.94
N ILE B 459 43.66 -20.45 -18.81
CA ILE B 459 42.27 -20.31 -18.43
C ILE B 459 41.94 -18.82 -18.40
N ILE B 460 40.92 -18.42 -19.16
CA ILE B 460 40.51 -17.03 -19.28
C ILE B 460 39.02 -16.95 -19.01
N TYR B 461 38.60 -15.83 -18.42
CA TYR B 461 37.23 -15.63 -18.01
C TYR B 461 36.53 -14.63 -18.92
N GLY B 462 35.21 -14.60 -18.84
CA GLY B 462 34.41 -13.52 -19.36
C GLY B 462 33.98 -13.71 -20.81
N ASN B 463 33.07 -12.84 -21.22
CA ASN B 463 32.57 -12.84 -22.59
C ASN B 463 33.70 -12.60 -23.57
N GLU B 464 33.58 -13.16 -24.76
CA GLU B 464 34.66 -13.11 -25.74
C GLU B 464 34.87 -11.72 -26.30
N ASP B 465 33.98 -10.77 -26.02
CA ASP B 465 34.07 -9.42 -26.58
C ASP B 465 34.55 -8.37 -25.60
N SER B 466 34.88 -8.76 -24.37
CA SER B 466 35.28 -7.76 -23.40
C SER B 466 36.79 -7.54 -23.45
N PRO B 467 37.26 -6.29 -23.48
CA PRO B 467 38.70 -6.04 -23.56
C PRO B 467 39.50 -6.56 -22.37
N VAL B 468 38.95 -6.55 -21.16
CA VAL B 468 39.71 -7.04 -20.01
C VAL B 468 39.82 -8.55 -20.08
N VAL B 469 41.04 -9.05 -19.96
CA VAL B 469 41.35 -10.47 -20.09
C VAL B 469 41.93 -10.96 -18.76
N PRO B 470 41.12 -11.49 -17.87
CA PRO B 470 41.70 -12.05 -16.63
C PRO B 470 42.25 -13.45 -16.83
N LEU B 471 43.57 -13.57 -16.91
CA LEU B 471 44.23 -14.87 -16.89
C LEU B 471 44.27 -15.36 -15.45
N MET B 472 44.32 -16.67 -15.25
CA MET B 472 44.15 -17.23 -13.91
C MET B 472 45.40 -17.99 -13.50
N LEU B 473 45.83 -17.77 -12.25
CA LEU B 473 47.05 -18.32 -11.66
C LEU B 473 46.78 -19.34 -10.57
N TYR B 474 45.89 -19.02 -9.64
CA TYR B 474 45.28 -19.86 -8.60
C TYR B 474 46.16 -20.12 -7.37
N MET B 475 47.42 -19.68 -7.33
CA MET B 475 48.19 -19.99 -6.14
C MET B 475 48.88 -18.74 -5.59
N PRO B 476 49.12 -18.69 -4.28
CA PRO B 476 49.59 -17.44 -3.66
C PRO B 476 51.05 -17.11 -3.95
N ALA B 477 51.88 -18.11 -4.23
CA ALA B 477 53.25 -17.82 -4.67
C ALA B 477 53.29 -17.38 -6.11
N LYS B 478 52.41 -17.93 -6.96
CA LYS B 478 52.41 -17.59 -8.36
C LYS B 478 51.94 -16.17 -8.62
N ILE B 479 51.16 -15.59 -7.70
CA ILE B 479 50.79 -14.18 -7.83
C ILE B 479 52.03 -13.30 -7.88
N GLY B 480 52.94 -13.48 -6.92
CA GLY B 480 54.18 -12.73 -6.94
C GLY B 480 55.09 -13.14 -8.08
N ALA B 481 55.19 -14.44 -8.33
CA ALA B 481 56.12 -14.92 -9.34
C ALA B 481 55.77 -14.39 -10.72
N PHE B 482 54.48 -14.38 -11.07
CA PHE B 482 54.08 -13.92 -12.40
C PHE B 482 54.41 -12.44 -12.58
N GLY B 483 54.13 -11.62 -11.58
CA GLY B 483 54.46 -10.20 -11.69
C GLY B 483 55.94 -9.97 -11.87
N ARG B 484 56.76 -10.62 -11.05
CA ARG B 484 58.20 -10.41 -11.16
C ARG B 484 58.74 -10.92 -12.49
N GLU B 485 58.26 -12.08 -12.95
CA GLU B 485 58.77 -12.65 -14.19
C GLU B 485 58.31 -11.87 -15.41
N MET B 486 57.11 -11.29 -15.37
CA MET B 486 56.71 -10.36 -16.43
C MET B 486 57.62 -9.14 -16.43
N LEU B 487 57.79 -8.50 -15.27
CA LEU B 487 58.57 -7.26 -15.27
C LEU B 487 60.01 -7.49 -15.68
N LYS B 488 60.56 -8.68 -15.43
CA LYS B 488 61.90 -8.96 -15.94
C LYS B 488 61.94 -9.02 -17.46
N ARG B 489 60.81 -9.25 -18.12
CA ARG B 489 60.74 -9.36 -19.57
C ARG B 489 60.15 -8.15 -20.25
N ASN B 490 60.00 -7.03 -19.52
CA ASN B 490 59.47 -5.77 -20.06
C ASN B 490 58.02 -5.91 -20.48
N ILE B 491 57.20 -6.44 -19.58
CA ILE B 491 55.74 -6.35 -19.67
C ILE B 491 55.23 -5.97 -18.29
N GLY B 492 54.27 -5.04 -18.26
CA GLY B 492 53.62 -4.67 -17.02
C GLY B 492 52.24 -5.28 -16.97
N VAL B 493 51.99 -6.07 -15.92
CA VAL B 493 50.71 -6.74 -15.74
C VAL B 493 50.19 -6.42 -14.35
N VAL B 494 48.88 -6.55 -14.20
CA VAL B 494 48.21 -6.30 -12.93
C VAL B 494 47.79 -7.64 -12.34
N VAL B 495 48.33 -7.98 -11.18
CA VAL B 495 48.01 -9.24 -10.51
C VAL B 495 47.18 -8.91 -9.28
N VAL B 496 46.04 -9.59 -9.13
CA VAL B 496 45.14 -9.36 -8.02
C VAL B 496 44.78 -10.69 -7.38
N GLY B 497 44.59 -10.66 -6.07
CA GLY B 497 44.34 -11.85 -5.30
C GLY B 497 43.19 -11.76 -4.31
N PHE B 498 43.48 -12.06 -3.04
CA PHE B 498 42.42 -12.24 -2.06
C PHE B 498 41.59 -10.98 -1.77
N PRO B 499 42.16 -9.79 -1.54
CA PRO B 499 41.31 -8.67 -1.13
C PRO B 499 40.25 -8.29 -2.16
N ALA B 500 40.52 -8.49 -3.45
CA ALA B 500 39.60 -8.09 -4.49
C ALA B 500 38.94 -9.26 -5.21
N THR B 501 39.42 -10.48 -5.02
CA THR B 501 38.87 -11.67 -5.65
C THR B 501 38.71 -12.76 -4.59
N PRO B 502 37.85 -13.75 -4.85
CA PRO B 502 37.79 -14.92 -3.97
C PRO B 502 39.18 -15.52 -3.77
N ILE B 503 39.35 -16.21 -2.65
CA ILE B 503 40.67 -16.64 -2.22
C ILE B 503 41.30 -17.60 -3.22
N ILE B 504 40.52 -18.56 -3.72
CA ILE B 504 41.07 -19.57 -4.61
C ILE B 504 41.42 -18.97 -5.97
N GLU B 505 40.59 -18.05 -6.47
CA GLU B 505 40.77 -17.49 -7.80
C GLU B 505 41.65 -16.25 -7.70
N SER B 506 42.92 -16.41 -8.08
CA SER B 506 43.87 -15.32 -8.14
C SER B 506 44.25 -15.09 -9.59
N ARG B 507 44.18 -13.85 -10.05
CA ARG B 507 44.22 -13.60 -11.48
C ARG B 507 45.25 -12.54 -11.82
N ALA B 508 45.57 -12.48 -13.11
CA ALA B 508 46.39 -11.44 -13.72
C ALA B 508 45.53 -10.83 -14.82
N ARG B 509 45.05 -9.63 -14.57
CA ARG B 509 44.15 -8.95 -15.50
C ARG B 509 44.95 -8.17 -16.53
N PHE B 510 44.65 -8.41 -17.81
CA PHE B 510 45.19 -7.60 -18.89
C PHE B 510 44.12 -6.64 -19.36
N CYS B 511 44.52 -5.41 -19.69
CA CYS B 511 43.61 -4.41 -20.24
C CYS B 511 44.12 -4.00 -21.61
N LEU B 512 43.42 -4.41 -22.65
CA LEU B 512 43.82 -4.12 -24.01
C LEU B 512 43.47 -2.69 -24.38
N SER B 513 44.01 -2.25 -25.52
CA SER B 513 43.93 -0.85 -25.89
C SER B 513 44.03 -0.72 -27.40
N ALA B 514 43.61 0.43 -27.90
CA ALA B 514 43.81 0.74 -29.31
C ALA B 514 45.20 1.28 -29.58
N ALA B 515 45.99 1.54 -28.54
CA ALA B 515 47.37 1.95 -28.73
C ALA B 515 48.28 0.78 -29.07
N HIS B 516 47.92 -0.43 -28.66
CA HIS B 516 48.75 -1.61 -28.86
C HIS B 516 48.67 -2.05 -30.31
N THR B 517 49.71 -1.76 -31.08
CA THR B 517 49.81 -2.29 -32.43
C THR B 517 50.04 -3.80 -32.38
N LYS B 518 50.08 -4.43 -33.55
CA LYS B 518 50.15 -5.89 -33.57
C LYS B 518 51.52 -6.39 -33.13
N GLU B 519 52.58 -5.61 -33.34
CA GLU B 519 53.90 -6.04 -32.90
C GLU B 519 54.00 -6.09 -31.38
N ILE B 520 53.38 -5.12 -30.69
CA ILE B 520 53.38 -5.14 -29.24
C ILE B 520 52.62 -6.35 -28.71
N LEU B 521 51.48 -6.67 -29.30
CA LEU B 521 50.73 -7.85 -28.88
C LEU B 521 51.52 -9.12 -29.18
N ASP B 522 52.23 -9.17 -30.31
CA ASP B 522 53.04 -10.35 -30.61
C ASP B 522 54.12 -10.55 -29.57
N THR B 523 54.81 -9.48 -29.20
CA THR B 523 55.86 -9.61 -28.19
C THR B 523 55.28 -10.02 -26.85
N ALA B 524 54.17 -9.41 -26.44
CA ALA B 524 53.57 -9.78 -25.16
C ALA B 524 53.11 -11.24 -25.16
N LEU B 525 52.56 -11.70 -26.28
CA LEU B 525 52.13 -13.10 -26.36
C LEU B 525 53.32 -14.04 -26.27
N LYS B 526 54.43 -13.71 -26.94
CA LYS B 526 55.61 -14.57 -26.85
C LYS B 526 56.12 -14.66 -25.42
N GLU B 527 56.20 -13.53 -24.72
CA GLU B 527 56.72 -13.58 -23.37
C GLU B 527 55.74 -14.27 -22.41
N ILE B 528 54.44 -14.09 -22.60
CA ILE B 528 53.47 -14.78 -21.75
C ILE B 528 53.53 -16.28 -21.98
N ASP B 529 53.73 -16.70 -23.23
CA ASP B 529 53.91 -18.13 -23.49
C ASP B 529 55.14 -18.68 -22.80
N GLU B 530 56.26 -17.95 -22.87
CA GLU B 530 57.48 -18.41 -22.20
C GLU B 530 57.27 -18.53 -20.70
N VAL B 531 56.68 -17.51 -20.08
CA VAL B 531 56.48 -17.54 -18.63
C VAL B 531 55.51 -18.64 -18.23
N GLY B 532 54.40 -18.79 -18.97
CA GLY B 532 53.48 -19.86 -18.67
C GLY B 532 54.13 -21.23 -18.74
N ASP B 533 55.04 -21.43 -19.70
CA ASP B 533 55.85 -22.64 -19.68
C ASP B 533 56.68 -22.72 -18.41
N LEU B 534 57.25 -21.60 -17.98
CA LEU B 534 58.14 -21.59 -16.82
C LEU B 534 57.40 -21.90 -15.52
N LEU B 535 56.24 -21.27 -15.31
CA LEU B 535 55.51 -21.37 -14.06
C LEU B 535 54.42 -22.44 -14.07
N GLN B 536 54.20 -23.11 -15.20
CA GLN B 536 53.13 -24.10 -15.36
C GLN B 536 51.76 -23.46 -15.06
N LEU B 537 51.40 -22.50 -15.89
CA LEU B 537 50.14 -21.76 -15.74
C LEU B 537 49.05 -22.24 -16.69
N LYS B 538 49.28 -23.34 -17.39
CA LYS B 538 48.34 -23.83 -18.41
C LYS B 538 47.49 -24.94 -17.79
N TYR B 539 46.39 -24.53 -17.14
CA TYR B 539 45.51 -25.46 -16.45
C TYR B 539 44.31 -25.88 -17.29
N SER B 540 44.28 -25.57 -18.58
CA SER B 540 43.08 -25.82 -19.37
C SER B 540 42.99 -27.28 -19.79
N ARG B 541 41.83 -27.88 -19.56
CA ARG B 541 41.57 -29.25 -20.04
C ARG B 541 41.19 -29.26 -21.51
N HIS B 542 40.29 -28.36 -21.92
CA HIS B 542 39.66 -28.48 -23.23
C HIS B 542 40.65 -28.17 -24.36
N ARG B 543 41.44 -27.11 -24.21
CA ARG B 543 42.29 -26.64 -25.30
C ARG B 543 43.75 -26.69 -24.88
N LEU B 544 44.64 -26.84 -25.86
CA LEU B 544 46.07 -26.85 -25.60
C LEU B 544 46.85 -26.56 -26.88
N ARG C 8 72.45 -31.75 -18.47
CA ARG C 8 71.08 -31.26 -18.60
C ARG C 8 70.19 -31.76 -17.48
N ALA C 9 70.65 -32.83 -16.80
CA ALA C 9 69.89 -33.36 -15.67
C ALA C 9 69.85 -32.37 -14.51
N TRP C 10 70.95 -31.64 -14.31
CA TRP C 10 71.00 -30.70 -13.19
C TRP C 10 69.99 -29.57 -13.37
N LYS C 11 69.84 -29.07 -14.60
CA LYS C 11 68.84 -28.04 -14.84
C LYS C 11 67.44 -28.56 -14.59
N GLN C 12 67.17 -29.81 -14.97
CA GLN C 12 65.88 -30.43 -14.71
C GLN C 12 65.61 -30.52 -13.21
N MET C 13 66.60 -30.95 -12.43
CA MET C 13 66.43 -31.02 -10.98
C MET C 13 66.20 -29.63 -10.39
N SER C 14 66.95 -28.63 -10.86
CA SER C 14 66.79 -27.28 -10.34
C SER C 14 65.40 -26.73 -10.63
N TRP C 15 64.88 -26.98 -11.84
CA TRP C 15 63.53 -26.52 -12.13
C TRP C 15 62.49 -27.29 -11.32
N PHE C 16 62.74 -28.57 -11.05
CA PHE C 16 61.82 -29.29 -10.17
C PHE C 16 61.79 -28.66 -8.78
N TYR C 17 62.96 -28.29 -8.26
CA TYR C 17 63.00 -27.63 -6.96
C TYR C 17 62.27 -26.28 -7.01
N TYR C 18 62.44 -25.53 -8.10
CA TYR C 18 61.74 -24.26 -8.23
C TYR C 18 60.23 -24.47 -8.24
N GLN C 19 59.77 -25.53 -8.90
CA GLN C 19 58.35 -25.86 -8.88
C GLN C 19 57.88 -26.19 -7.47
N TYR C 20 58.72 -26.91 -6.71
CA TYR C 20 58.40 -27.19 -5.31
C TYR C 20 58.22 -25.89 -4.53
N LEU C 21 59.14 -24.93 -4.72
CA LEU C 21 59.03 -23.64 -4.03
C LEU C 21 57.74 -22.92 -4.42
N LEU C 22 57.40 -22.93 -5.70
CA LEU C 22 56.17 -22.26 -6.14
C LEU C 22 54.93 -22.91 -5.54
N VAL C 23 54.87 -24.24 -5.55
CA VAL C 23 53.66 -24.93 -5.12
C VAL C 23 53.45 -24.80 -3.62
N THR C 24 54.51 -25.00 -2.82
CA THR C 24 54.36 -25.02 -1.37
C THR C 24 54.49 -23.63 -0.74
N ALA C 25 54.35 -22.57 -1.52
CA ALA C 25 54.34 -21.19 -1.04
C ALA C 25 55.66 -20.79 -0.39
N LEU C 26 56.65 -21.68 -0.42
CA LEU C 26 57.96 -21.36 0.12
C LEU C 26 58.71 -20.31 -0.68
N TYR C 27 58.23 -19.98 -1.88
CA TYR C 27 58.91 -18.98 -2.69
C TYR C 27 58.91 -17.62 -1.99
N MET C 28 57.81 -17.30 -1.31
CA MET C 28 57.68 -16.02 -0.63
C MET C 28 58.50 -15.94 0.65
N LEU C 29 58.74 -17.08 1.30
CA LEU C 29 59.33 -17.10 2.63
C LEU C 29 60.83 -16.90 2.60
N GLU C 30 61.35 -16.32 3.67
CA GLU C 30 62.78 -16.03 3.80
C GLU C 30 63.58 -17.32 3.92
N PRO C 31 64.89 -17.27 3.63
CA PRO C 31 65.67 -18.53 3.57
C PRO C 31 65.63 -19.36 4.83
N TRP C 32 65.69 -18.75 6.01
CA TRP C 32 65.64 -19.55 7.23
C TRP C 32 64.29 -20.20 7.41
N GLU C 33 63.22 -19.56 6.91
CA GLU C 33 61.91 -20.18 6.93
C GLU C 33 61.88 -21.41 6.02
N ARG C 34 62.56 -21.32 4.87
CA ARG C 34 62.66 -22.49 3.99
C ARG C 34 63.43 -23.61 4.67
N THR C 35 64.52 -23.29 5.38
CA THR C 35 65.26 -24.34 6.07
C THR C 35 64.42 -24.97 7.17
N VAL C 36 63.66 -24.17 7.92
CA VAL C 36 62.77 -24.72 8.93
C VAL C 36 61.79 -25.69 8.30
N PHE C 37 61.13 -25.27 7.23
CA PHE C 37 60.11 -26.14 6.63
C PHE C 37 60.73 -27.41 6.04
N ASN C 38 61.87 -27.29 5.37
CA ASN C 38 62.51 -28.47 4.80
C ASN C 38 62.93 -29.45 5.89
N SER C 39 63.51 -28.94 6.99
CA SER C 39 63.89 -29.82 8.08
C SER C 39 62.68 -30.51 8.67
N MET C 40 61.57 -29.79 8.84
CA MET C 40 60.36 -30.40 9.37
C MET C 40 59.86 -31.51 8.45
N LEU C 41 59.83 -31.25 7.14
CA LEU C 41 59.35 -32.26 6.20
C LEU C 41 60.23 -33.50 6.21
N VAL C 42 61.55 -33.31 6.16
CA VAL C 42 62.46 -34.46 6.14
C VAL C 42 62.36 -35.24 7.45
N SER C 43 62.20 -34.55 8.58
CA SER C 43 62.07 -35.25 9.85
C SER C 43 60.81 -36.10 9.88
N ILE C 44 59.68 -35.54 9.46
CA ILE C 44 58.43 -36.31 9.47
C ILE C 44 58.54 -37.49 8.50
N VAL C 45 59.12 -37.26 7.33
CA VAL C 45 59.25 -38.33 6.35
C VAL C 45 60.12 -39.47 6.87
N GLY C 46 61.24 -39.13 7.51
CA GLY C 46 62.09 -40.16 8.08
C GLY C 46 61.42 -40.92 9.20
N MET C 47 60.64 -40.22 10.04
CA MET C 47 59.91 -40.91 11.10
C MET C 47 58.90 -41.88 10.51
N ALA C 48 58.16 -41.46 9.49
CA ALA C 48 57.20 -42.35 8.85
C ALA C 48 57.89 -43.53 8.19
N LEU C 49 59.05 -43.30 7.57
CA LEU C 49 59.80 -44.39 6.95
C LEU C 49 60.25 -45.42 7.98
N TYR C 50 60.75 -44.95 9.14
CA TYR C 50 61.12 -45.88 10.19
C TYR C 50 59.92 -46.65 10.70
N THR C 51 58.79 -45.96 10.88
CA THR C 51 57.57 -46.63 11.35
C THR C 51 57.12 -47.71 10.38
N GLY C 52 57.19 -47.43 9.07
CA GLY C 52 56.88 -48.44 8.08
C GLY C 52 57.87 -49.59 8.10
N TYR C 53 59.15 -49.27 8.32
CA TYR C 53 60.16 -50.33 8.38
C TYR C 53 59.89 -51.29 9.53
N VAL C 54 59.51 -50.77 10.68
CA VAL C 54 59.35 -51.64 11.86
C VAL C 54 57.95 -52.25 11.94
N PHE C 55 56.89 -51.46 11.67
CA PHE C 55 55.53 -51.98 11.79
C PHE C 55 55.01 -52.59 10.49
N MET C 56 55.04 -51.83 9.41
CA MET C 56 54.40 -52.26 8.17
C MET C 56 55.13 -53.46 7.56
N PRO C 57 54.41 -54.33 6.87
CA PRO C 57 55.05 -55.49 6.24
C PRO C 57 55.96 -55.08 5.09
N GLN C 58 56.93 -55.95 4.82
CA GLN C 58 57.85 -55.73 3.71
C GLN C 58 57.22 -55.99 2.35
N HIS C 59 55.99 -56.53 2.32
CA HIS C 59 55.31 -56.76 1.05
C HIS C 59 55.06 -55.46 0.30
N ILE C 60 54.84 -54.36 1.02
CA ILE C 60 54.74 -53.06 0.38
C ILE C 60 56.06 -52.70 -0.30
N MET C 61 57.17 -52.98 0.37
CA MET C 61 58.47 -52.77 -0.26
C MET C 61 58.65 -53.66 -1.47
N ALA C 62 58.20 -54.90 -1.39
CA ALA C 62 58.27 -55.80 -2.54
C ALA C 62 57.42 -55.27 -3.70
N ILE C 63 56.23 -54.77 -3.40
CA ILE C 63 55.37 -54.21 -4.45
C ILE C 63 56.04 -53.00 -5.08
N LEU C 64 56.63 -52.13 -4.26
CA LEU C 64 57.31 -50.95 -4.80
C LEU C 64 58.50 -51.35 -5.67
N HIS C 65 59.27 -52.35 -5.24
CA HIS C 65 60.40 -52.82 -6.04
C HIS C 65 59.93 -53.41 -7.37
N TYR C 66 58.84 -54.19 -7.34
CA TYR C 66 58.30 -54.73 -8.58
C TYR C 66 57.82 -53.62 -9.51
N PHE C 67 57.18 -52.60 -8.96
CA PHE C 67 56.73 -51.48 -9.77
C PHE C 67 57.90 -50.72 -10.39
N GLU C 68 58.97 -50.53 -9.61
CA GLU C 68 60.13 -49.80 -10.12
C GLU C 68 60.78 -50.54 -11.28
N ILE C 69 60.90 -51.86 -11.19
CA ILE C 69 61.51 -52.65 -12.25
C ILE C 69 60.43 -53.18 -13.20
N ASP D 51 7.99 -10.13 18.71
CA ASP D 51 7.20 -9.75 17.54
C ASP D 51 7.47 -8.31 17.12
N LEU D 52 6.46 -7.46 17.26
CA LEU D 52 6.58 -6.05 16.91
C LEU D 52 6.64 -5.22 18.19
N THR D 53 7.58 -4.28 18.22
CA THR D 53 7.64 -3.32 19.32
C THR D 53 6.54 -2.27 19.12
N VAL D 54 6.25 -1.52 20.18
CA VAL D 54 5.14 -0.59 20.15
C VAL D 54 5.38 0.53 19.13
N LYS D 55 6.60 1.08 19.10
CA LYS D 55 6.89 2.27 18.32
C LYS D 55 6.54 2.10 16.85
N GLU D 56 7.02 1.02 16.23
CA GLU D 56 6.65 0.77 14.84
C GLU D 56 5.16 0.54 14.69
N LYS D 57 4.47 0.07 15.73
CA LYS D 57 3.03 -0.08 15.63
C LYS D 57 2.34 1.28 15.49
N GLU D 58 2.67 2.23 16.35
CA GLU D 58 2.04 3.55 16.19
C GLU D 58 2.45 4.21 14.88
N GLU D 59 3.71 4.06 14.47
CA GLU D 59 4.08 4.75 13.23
C GLU D 59 3.53 4.05 11.98
N LEU D 60 3.25 2.75 12.05
CA LEU D 60 2.46 2.09 11.02
C LEU D 60 1.05 2.65 10.97
N ILE D 61 0.40 2.75 12.14
CA ILE D 61 -0.95 3.30 12.20
C ILE D 61 -0.96 4.72 11.65
N GLU D 62 0.16 5.44 11.80
CA GLU D 62 0.24 6.80 11.28
C GLU D 62 0.39 6.81 9.77
N GLU D 63 1.19 5.89 9.21
CA GLU D 63 1.36 5.89 7.76
C GLU D 63 0.04 5.66 7.03
N TRP D 64 -0.73 4.67 7.50
CA TRP D 64 -1.83 4.12 6.72
C TRP D 64 -2.84 5.20 6.35
N GLN D 65 -3.09 5.33 5.06
CA GLN D 65 -4.05 6.30 4.53
C GLN D 65 -5.10 5.57 3.72
N PRO D 66 -6.37 5.65 4.09
CA PRO D 66 -7.40 4.87 3.38
C PRO D 66 -7.76 5.45 2.04
N GLU D 67 -8.18 4.58 1.14
CA GLU D 67 -8.71 4.99 -0.15
C GLU D 67 -10.02 5.74 0.05
N PRO D 68 -10.32 6.74 -0.79
CA PRO D 68 -11.56 7.51 -0.61
C PRO D 68 -12.78 6.63 -0.72
N LEU D 69 -13.84 7.03 0.00
CA LEU D 69 -15.04 6.21 0.09
C LEU D 69 -15.67 5.98 -1.27
N VAL D 70 -15.76 7.02 -2.10
CA VAL D 70 -16.41 6.95 -3.40
C VAL D 70 -15.41 7.39 -4.46
N PRO D 71 -15.18 6.60 -5.51
CA PRO D 71 -14.30 7.05 -6.58
C PRO D 71 -14.90 8.24 -7.31
N PRO D 72 -14.06 9.10 -7.90
CA PRO D 72 -14.60 10.27 -8.61
C PRO D 72 -15.29 9.88 -9.90
N VAL D 73 -16.62 9.95 -9.91
CA VAL D 73 -17.40 9.57 -11.09
C VAL D 73 -17.17 10.58 -12.21
N PRO D 74 -17.02 10.15 -13.46
CA PRO D 74 -16.93 11.12 -14.56
C PRO D 74 -18.21 11.94 -14.69
N LYS D 75 -18.04 13.20 -15.08
CA LYS D 75 -19.19 14.09 -15.22
C LYS D 75 -20.03 13.72 -16.43
N ASP D 76 -19.42 13.12 -17.45
CA ASP D 76 -20.15 12.76 -18.68
C ASP D 76 -20.74 11.36 -18.56
N HIS D 77 -21.55 11.17 -17.52
CA HIS D 77 -22.23 9.90 -17.27
C HIS D 77 -23.70 10.06 -17.62
N PRO D 78 -24.21 9.32 -18.62
CA PRO D 78 -25.62 9.47 -18.98
C PRO D 78 -26.57 9.11 -17.86
N ALA D 79 -26.19 8.16 -16.99
CA ALA D 79 -27.05 7.79 -15.88
C ALA D 79 -27.17 8.91 -14.87
N LEU D 80 -26.18 9.81 -14.81
CA LEU D 80 -26.20 10.87 -13.81
C LEU D 80 -27.34 11.85 -14.02
N ASN D 81 -27.64 12.17 -15.29
CA ASN D 81 -28.75 13.06 -15.61
C ASN D 81 -30.03 12.24 -15.72
N TYR D 82 -31.00 12.56 -14.86
CA TYR D 82 -32.25 11.84 -14.79
C TYR D 82 -33.31 12.58 -15.59
N ASN D 83 -34.32 11.85 -16.04
CA ASN D 83 -35.47 12.46 -16.68
C ASN D 83 -36.43 12.99 -15.62
N ILE D 84 -36.87 14.24 -15.77
CA ILE D 84 -37.74 14.88 -14.80
C ILE D 84 -39.14 14.86 -15.38
N VAL D 85 -39.91 13.82 -15.05
CA VAL D 85 -41.23 13.59 -15.63
C VAL D 85 -42.23 14.35 -14.79
N SER D 86 -42.52 15.59 -15.20
CA SER D 86 -43.54 16.38 -14.53
C SER D 86 -44.91 15.74 -14.72
N GLY D 87 -45.73 15.78 -13.69
CA GLY D 87 -47.04 15.17 -13.73
C GLY D 87 -46.95 13.67 -13.62
N PRO D 88 -48.09 12.98 -13.74
CA PRO D 88 -48.06 11.52 -13.67
C PRO D 88 -47.37 10.94 -14.90
N PRO D 89 -46.67 9.83 -14.74
CA PRO D 89 -46.05 9.15 -15.89
C PRO D 89 -47.06 8.32 -16.69
N SER D 90 -48.08 8.98 -17.20
CA SER D 90 -49.15 8.32 -17.93
C SER D 90 -48.93 8.48 -19.43
N HIS D 91 -49.88 7.95 -20.20
CA HIS D 91 -49.86 8.14 -21.64
C HIS D 91 -50.04 9.63 -21.95
N LYS D 92 -49.26 10.13 -22.91
CA LYS D 92 -49.15 11.56 -23.21
C LYS D 92 -48.58 12.33 -22.02
N THR D 93 -47.38 11.93 -21.61
CA THR D 93 -46.72 12.52 -20.45
C THR D 93 -45.98 13.80 -20.86
N VAL D 94 -45.22 14.36 -19.93
CA VAL D 94 -44.40 15.55 -20.16
C VAL D 94 -43.02 15.25 -19.58
N VAL D 95 -42.04 15.02 -20.46
CA VAL D 95 -40.69 14.67 -20.05
C VAL D 95 -39.77 15.82 -20.43
N ASN D 96 -39.00 16.31 -19.46
CA ASN D 96 -38.01 17.35 -19.69
C ASN D 96 -38.62 18.60 -20.34
N GLY D 97 -39.89 18.86 -20.04
CA GLY D 97 -40.58 19.99 -20.61
C GLY D 97 -41.20 19.77 -21.97
N LYS D 98 -41.08 18.57 -22.54
CA LYS D 98 -41.61 18.27 -23.86
C LYS D 98 -42.71 17.23 -23.74
N GLU D 99 -43.85 17.49 -24.35
CA GLU D 99 -44.95 16.53 -24.35
C GLU D 99 -44.60 15.34 -25.22
N CYS D 100 -44.73 14.14 -24.66
CA CYS D 100 -44.33 12.92 -25.36
C CYS D 100 -45.32 11.81 -25.06
N ILE D 101 -45.66 11.03 -26.09
CA ILE D 101 -46.45 9.82 -25.88
C ILE D 101 -45.58 8.76 -25.24
N ASN D 102 -46.08 8.15 -24.18
CA ASN D 102 -45.23 7.37 -23.27
C ASN D 102 -44.96 5.99 -23.86
N PHE D 103 -43.71 5.74 -24.25
CA PHE D 103 -43.25 4.45 -24.72
C PHE D 103 -42.14 3.90 -23.83
N ALA D 104 -42.16 4.24 -22.55
CA ALA D 104 -41.07 3.83 -21.67
C ALA D 104 -41.49 3.29 -20.31
N SER D 105 -42.77 3.34 -19.96
CA SER D 105 -43.24 2.96 -18.63
C SER D 105 -43.93 1.62 -18.68
N PHE D 106 -43.55 0.72 -17.77
CA PHE D 106 -44.13 -0.62 -17.69
C PHE D 106 -45.53 -0.50 -17.09
N ASN D 107 -46.46 -0.05 -17.91
CA ASN D 107 -47.88 0.04 -17.54
C ASN D 107 -48.64 -0.65 -18.67
N PHE D 108 -48.73 -1.98 -18.60
CA PHE D 108 -49.22 -2.73 -19.75
C PHE D 108 -50.72 -2.59 -19.92
N LEU D 109 -51.48 -2.64 -18.83
CA LEU D 109 -52.93 -2.60 -18.92
C LEU D 109 -53.50 -1.20 -18.79
N GLY D 110 -52.66 -0.21 -18.53
CA GLY D 110 -53.15 1.15 -18.33
C GLY D 110 -54.00 1.31 -17.09
N LEU D 111 -53.58 0.71 -15.98
CA LEU D 111 -54.34 0.74 -14.74
C LEU D 111 -53.82 1.76 -13.73
N LEU D 112 -52.77 2.52 -14.08
CA LEU D 112 -52.27 3.52 -13.16
C LEU D 112 -53.26 4.66 -12.98
N ASP D 113 -53.88 5.12 -14.07
CA ASP D 113 -54.73 6.29 -14.06
C ASP D 113 -56.21 5.96 -14.10
N ASN D 114 -56.57 4.71 -13.89
CA ASN D 114 -57.97 4.31 -13.98
C ASN D 114 -58.74 4.94 -12.82
N PRO D 115 -59.87 5.61 -13.08
CA PRO D 115 -60.61 6.25 -11.97
C PRO D 115 -61.05 5.28 -10.88
N ARG D 116 -61.41 4.04 -11.22
CA ARG D 116 -61.82 3.10 -10.19
C ARG D 116 -60.69 2.78 -9.24
N VAL D 117 -59.47 2.60 -9.77
CA VAL D 117 -58.32 2.30 -8.93
C VAL D 117 -58.03 3.46 -7.99
N LYS D 118 -58.07 4.68 -8.52
CA LYS D 118 -57.83 5.85 -7.68
C LYS D 118 -58.90 6.00 -6.61
N ALA D 119 -60.17 5.75 -6.96
CA ALA D 119 -61.23 5.86 -5.97
C ALA D 119 -61.08 4.83 -4.86
N ALA D 120 -60.74 3.59 -5.22
CA ALA D 120 -60.54 2.56 -4.21
C ALA D 120 -59.36 2.90 -3.30
N ALA D 121 -58.26 3.38 -3.87
CA ALA D 121 -57.12 3.77 -3.07
C ALA D 121 -57.47 4.93 -2.14
N LEU D 122 -58.26 5.89 -2.64
CA LEU D 122 -58.67 7.01 -1.81
C LEU D 122 -59.55 6.56 -0.65
N ALA D 123 -60.46 5.63 -0.90
CA ALA D 123 -61.31 5.12 0.17
C ALA D 123 -60.48 4.43 1.25
N SER D 124 -59.53 3.58 0.83
CA SER D 124 -58.69 2.91 1.82
C SER D 124 -57.79 3.89 2.55
N LEU D 125 -57.32 4.93 1.87
CA LEU D 125 -56.52 5.97 2.52
C LEU D 125 -57.33 6.71 3.56
N LYS D 126 -58.60 7.00 3.26
CA LYS D 126 -59.46 7.62 4.26
C LYS D 126 -59.72 6.70 5.44
N LYS D 127 -59.78 5.40 5.20
CA LYS D 127 -60.01 4.47 6.30
C LYS D 127 -58.79 4.34 7.21
N TYR D 128 -57.67 3.86 6.66
CA TYR D 128 -56.54 3.45 7.50
C TYR D 128 -55.42 4.47 7.59
N GLY D 129 -55.25 5.34 6.60
CA GLY D 129 -54.10 6.22 6.56
C GLY D 129 -53.02 5.68 5.64
N VAL D 130 -51.87 6.35 5.69
CA VAL D 130 -50.80 6.06 4.73
C VAL D 130 -49.82 5.00 5.24
N GLY D 131 -49.55 4.96 6.54
CA GLY D 131 -48.50 4.12 7.09
C GLY D 131 -49.04 2.97 7.92
N THR D 132 -48.33 1.84 7.87
CA THR D 132 -48.71 0.67 8.65
C THR D 132 -48.01 0.60 9.99
N CYS D 133 -46.78 1.12 10.09
CA CYS D 133 -46.10 1.31 11.36
C CYS D 133 -45.79 -0.01 12.06
N GLY D 134 -45.25 -0.98 11.33
CA GLY D 134 -44.80 -2.20 11.95
C GLY D 134 -44.68 -3.37 10.99
N PRO D 135 -43.88 -4.36 11.35
CA PRO D 135 -43.74 -5.54 10.50
C PRO D 135 -45.02 -6.34 10.44
N ARG D 136 -45.04 -7.42 9.66
CA ARG D 136 -46.23 -8.26 9.61
C ARG D 136 -46.43 -9.07 10.89
N GLY D 137 -45.44 -9.11 11.76
CA GLY D 137 -45.56 -9.84 13.01
C GLY D 137 -46.06 -9.01 14.18
N PHE D 138 -45.85 -7.70 14.14
CA PHE D 138 -46.13 -6.82 15.27
C PHE D 138 -47.18 -5.80 14.86
N TYR D 139 -48.45 -6.18 14.93
CA TYR D 139 -49.56 -5.24 14.69
C TYR D 139 -49.40 -4.50 13.37
N GLY D 140 -48.96 -5.23 12.35
CA GLY D 140 -48.78 -4.61 11.05
C GLY D 140 -49.56 -5.31 9.96
N THR D 141 -50.35 -6.30 10.35
CA THR D 141 -51.16 -7.08 9.41
C THR D 141 -52.58 -6.53 9.43
N PHE D 142 -52.91 -5.70 8.45
CA PHE D 142 -54.27 -5.20 8.36
C PHE D 142 -55.17 -6.25 7.71
N ASP D 143 -56.45 -5.93 7.60
CA ASP D 143 -57.36 -6.86 6.94
C ASP D 143 -57.22 -6.79 5.42
N VAL D 144 -56.82 -5.64 4.87
CA VAL D 144 -56.63 -5.54 3.42
C VAL D 144 -55.50 -6.44 2.96
N HIS D 145 -54.46 -6.62 3.78
CA HIS D 145 -53.38 -7.51 3.41
C HIS D 145 -53.89 -8.94 3.23
N LEU D 146 -54.69 -9.42 4.19
CA LEU D 146 -55.23 -10.77 4.09
C LEU D 146 -56.19 -10.89 2.91
N ASP D 147 -57.03 -9.88 2.68
CA ASP D 147 -57.92 -9.92 1.53
C ASP D 147 -57.15 -9.97 0.22
N LEU D 148 -56.08 -9.19 0.11
CA LEU D 148 -55.27 -9.21 -1.10
C LEU D 148 -54.57 -10.55 -1.30
N GLU D 149 -54.03 -11.13 -0.22
CA GLU D 149 -53.40 -12.43 -0.35
C GLU D 149 -54.39 -13.47 -0.84
N ASP D 150 -55.60 -13.46 -0.28
CA ASP D 150 -56.62 -14.42 -0.69
C ASP D 150 -57.03 -14.18 -2.15
N ARG D 151 -57.16 -12.92 -2.54
CA ARG D 151 -57.52 -12.61 -3.93
C ARG D 151 -56.46 -13.11 -4.90
N LEU D 152 -55.18 -12.91 -4.56
CA LEU D 152 -54.12 -13.41 -5.42
C LEU D 152 -54.16 -14.94 -5.52
N ALA D 153 -54.35 -15.61 -4.39
CA ALA D 153 -54.40 -17.07 -4.41
C ALA D 153 -55.55 -17.59 -5.25
N LYS D 154 -56.71 -16.93 -5.17
CA LYS D 154 -57.85 -17.33 -6.00
C LYS D 154 -57.61 -17.02 -7.46
N PHE D 155 -57.01 -15.87 -7.76
CA PHE D 155 -56.79 -15.47 -9.15
C PHE D 155 -55.83 -16.41 -9.84
N MET D 156 -54.78 -16.85 -9.15
CA MET D 156 -53.79 -17.73 -9.77
C MET D 156 -54.11 -19.21 -9.58
N LYS D 157 -55.26 -19.53 -8.97
CA LYS D 157 -55.70 -20.92 -8.79
C LYS D 157 -54.66 -21.75 -8.05
N THR D 158 -54.28 -21.28 -6.87
CA THR D 158 -53.27 -21.93 -6.06
C THR D 158 -53.75 -21.91 -4.61
N GLU D 159 -52.96 -22.46 -3.70
CA GLU D 159 -53.37 -22.49 -2.29
C GLU D 159 -53.01 -21.20 -1.58
N GLU D 160 -51.74 -20.81 -1.57
CA GLU D 160 -51.31 -19.68 -0.76
C GLU D 160 -50.51 -18.69 -1.59
N ALA D 161 -50.55 -17.43 -1.16
CA ALA D 161 -49.74 -16.36 -1.72
C ALA D 161 -49.25 -15.48 -0.58
N ILE D 162 -48.08 -14.86 -0.77
CA ILE D 162 -47.43 -14.07 0.25
C ILE D 162 -47.03 -12.73 -0.35
N ILE D 163 -47.21 -11.66 0.43
CA ILE D 163 -47.14 -10.28 -0.06
C ILE D 163 -45.90 -9.63 0.52
N TYR D 164 -45.04 -9.12 -0.36
CA TYR D 164 -43.84 -8.38 0.00
C TYR D 164 -44.02 -6.91 -0.33
N SER D 165 -43.34 -6.06 0.45
CA SER D 165 -43.49 -4.62 0.35
C SER D 165 -42.67 -3.98 -0.76
N TYR D 166 -41.83 -4.75 -1.45
CA TYR D 166 -40.93 -4.17 -2.44
C TYR D 166 -40.68 -5.20 -3.52
N GLY D 167 -40.78 -4.78 -4.78
CA GLY D 167 -40.75 -5.71 -5.89
C GLY D 167 -39.43 -6.46 -6.03
N PHE D 168 -38.32 -5.80 -5.72
CA PHE D 168 -37.02 -6.47 -5.77
C PHE D 168 -36.90 -7.53 -4.69
N ALA D 169 -37.37 -7.21 -3.47
CA ALA D 169 -37.14 -8.09 -2.34
C ALA D 169 -37.88 -9.41 -2.44
N THR D 170 -38.97 -9.48 -3.20
CA THR D 170 -39.73 -10.73 -3.23
C THR D 170 -38.89 -11.88 -3.74
N ILE D 171 -38.21 -11.69 -4.88
CA ILE D 171 -37.37 -12.75 -5.42
C ILE D 171 -35.91 -12.60 -4.99
N ALA D 172 -35.53 -11.49 -4.38
CA ALA D 172 -34.24 -11.49 -3.70
C ALA D 172 -34.31 -12.16 -2.34
N SER D 173 -35.50 -12.50 -1.86
CA SER D 173 -35.67 -13.16 -0.57
C SER D 173 -36.36 -14.51 -0.63
N ALA D 174 -37.04 -14.84 -1.73
CA ALA D 174 -37.60 -16.18 -1.86
C ALA D 174 -36.51 -17.23 -2.03
N ILE D 175 -35.54 -16.95 -2.91
CA ILE D 175 -34.50 -17.95 -3.20
C ILE D 175 -33.62 -18.25 -1.99
N PRO D 176 -33.12 -17.28 -1.24
CA PRO D 176 -32.25 -17.63 -0.10
C PRO D 176 -32.96 -18.40 1.00
N ALA D 177 -34.29 -18.37 1.04
CA ALA D 177 -34.99 -19.08 2.10
C ALA D 177 -34.93 -20.59 1.89
N TYR D 178 -35.13 -21.04 0.65
CA TYR D 178 -35.18 -22.47 0.34
C TYR D 178 -33.81 -23.04 0.05
N SER D 179 -32.98 -22.34 -0.72
CA SER D 179 -31.67 -22.83 -1.09
C SER D 179 -30.64 -22.41 -0.04
N LYS D 180 -29.89 -23.38 0.47
CA LYS D 180 -28.88 -23.15 1.48
C LYS D 180 -27.51 -23.51 0.91
N ARG D 181 -26.50 -23.50 1.76
CA ARG D 181 -25.16 -23.89 1.33
C ARG D 181 -25.11 -25.36 0.97
N GLY D 182 -24.48 -25.66 -0.17
CA GLY D 182 -24.30 -27.02 -0.63
C GLY D 182 -25.24 -27.45 -1.73
N ASP D 183 -26.30 -26.70 -2.00
CA ASP D 183 -27.27 -27.08 -3.01
C ASP D 183 -26.83 -26.57 -4.39
N ILE D 184 -27.55 -27.00 -5.42
CA ILE D 184 -27.18 -26.74 -6.81
C ILE D 184 -28.33 -25.99 -7.47
N VAL D 185 -27.99 -24.91 -8.19
CA VAL D 185 -28.98 -24.07 -8.85
C VAL D 185 -28.59 -23.93 -10.32
N PHE D 186 -29.47 -24.34 -11.21
CA PHE D 186 -29.25 -24.20 -12.65
C PHE D 186 -30.05 -23.01 -13.16
N VAL D 187 -29.49 -21.82 -13.02
CA VAL D 187 -30.17 -20.59 -13.37
C VAL D 187 -29.89 -20.26 -14.83
N ASP D 188 -30.89 -19.68 -15.49
CA ASP D 188 -30.71 -19.23 -16.86
C ASP D 188 -29.68 -18.12 -16.90
N ARG D 189 -29.02 -17.97 -18.06
CA ARG D 189 -27.97 -16.97 -18.17
C ARG D 189 -28.53 -15.56 -18.16
N ALA D 190 -29.63 -15.32 -18.86
CA ALA D 190 -30.20 -13.99 -18.99
C ALA D 190 -31.27 -13.75 -17.91
N ALA D 191 -30.84 -13.89 -16.67
CA ALA D 191 -31.72 -13.70 -15.53
C ALA D 191 -31.52 -12.30 -14.95
N CYS D 192 -32.62 -11.66 -14.57
CA CYS D 192 -32.59 -10.29 -14.09
C CYS D 192 -31.69 -10.15 -12.86
N PHE D 193 -31.40 -8.91 -12.49
CA PHE D 193 -30.48 -8.67 -11.38
C PHE D 193 -31.05 -9.16 -10.05
N ALA D 194 -32.38 -9.11 -9.89
CA ALA D 194 -32.97 -9.57 -8.65
C ALA D 194 -32.68 -11.04 -8.41
N ILE D 195 -32.81 -11.86 -9.44
CA ILE D 195 -32.50 -13.28 -9.31
C ILE D 195 -31.02 -13.49 -9.00
N GLN D 196 -30.15 -12.70 -9.63
CA GLN D 196 -28.71 -12.84 -9.36
C GLN D 196 -28.38 -12.51 -7.91
N LYS D 197 -28.97 -11.45 -7.38
CA LYS D 197 -28.70 -11.11 -5.98
C LYS D 197 -29.35 -12.11 -5.02
N GLY D 198 -30.49 -12.67 -5.39
CA GLY D 198 -31.07 -13.73 -4.59
C GLY D 198 -30.17 -14.95 -4.53
N LEU D 199 -29.60 -15.34 -5.67
CA LEU D 199 -28.69 -16.48 -5.69
C LEU D 199 -27.42 -16.17 -4.91
N GLN D 200 -26.91 -14.95 -5.02
CA GLN D 200 -25.70 -14.60 -4.28
C GLN D 200 -25.94 -14.57 -2.77
N ALA D 201 -27.13 -14.16 -2.34
CA ALA D 201 -27.41 -14.10 -0.91
C ALA D 201 -27.31 -15.48 -0.27
N SER D 202 -27.90 -16.49 -0.90
CA SER D 202 -27.63 -17.86 -0.52
C SER D 202 -26.25 -18.27 -0.98
N ARG D 203 -25.72 -19.33 -0.38
CA ARG D 203 -24.36 -19.76 -0.68
C ARG D 203 -24.33 -21.03 -1.53
N SER D 204 -25.37 -21.26 -2.32
CA SER D 204 -25.43 -22.47 -3.12
C SER D 204 -24.49 -22.36 -4.32
N ASP D 205 -24.32 -23.48 -5.03
CA ASP D 205 -23.44 -23.55 -6.17
C ASP D 205 -24.23 -23.26 -7.45
N ILE D 206 -23.92 -22.15 -8.11
CA ILE D 206 -24.71 -21.64 -9.22
C ILE D 206 -24.12 -22.12 -10.53
N LYS D 207 -24.97 -22.71 -11.37
CA LYS D 207 -24.58 -23.20 -12.69
C LYS D 207 -25.44 -22.50 -13.72
N LEU D 208 -24.81 -21.72 -14.60
CA LEU D 208 -25.52 -20.90 -15.58
C LEU D 208 -25.53 -21.63 -16.91
N PHE D 209 -26.71 -21.94 -17.41
CA PHE D 209 -26.83 -22.54 -18.73
C PHE D 209 -27.20 -21.49 -19.77
N LYS D 210 -27.05 -21.87 -21.04
CA LYS D 210 -27.27 -20.92 -22.12
C LYS D 210 -28.74 -20.56 -22.23
N HIS D 211 -28.99 -19.36 -22.75
CA HIS D 211 -30.34 -18.79 -22.77
C HIS D 211 -31.27 -19.64 -23.61
N ASN D 212 -32.32 -20.17 -22.98
CA ASN D 212 -33.35 -20.98 -23.65
C ASN D 212 -32.74 -22.11 -24.47
N ASP D 213 -31.76 -22.80 -23.89
CA ASP D 213 -31.05 -23.87 -24.58
C ASP D 213 -31.16 -25.11 -23.71
N MET D 214 -32.13 -25.98 -24.01
CA MET D 214 -32.33 -27.18 -23.21
C MET D 214 -31.24 -28.24 -23.41
N ALA D 215 -30.53 -28.19 -24.52
CA ALA D 215 -29.38 -29.08 -24.66
C ALA D 215 -28.34 -28.80 -23.58
N ASP D 216 -28.09 -27.52 -23.31
CA ASP D 216 -27.13 -27.16 -22.27
C ASP D 216 -27.64 -27.53 -20.88
N LEU D 217 -28.94 -27.34 -20.63
CA LEU D 217 -29.48 -27.73 -19.33
C LEU D 217 -29.40 -29.24 -19.13
N GLU D 218 -29.74 -30.02 -20.16
CA GLU D 218 -29.66 -31.46 -20.01
C GLU D 218 -28.21 -31.90 -19.84
N ARG D 219 -27.28 -31.23 -20.52
CA ARG D 219 -25.87 -31.54 -20.33
C ARG D 219 -25.44 -31.30 -18.88
N LEU D 220 -25.82 -30.16 -18.31
CA LEU D 220 -25.48 -29.87 -16.93
C LEU D 220 -26.12 -30.87 -15.97
N LEU D 221 -27.38 -31.24 -16.24
CA LEU D 221 -28.07 -32.19 -15.38
C LEU D 221 -27.41 -33.56 -15.41
N LYS D 222 -26.98 -34.02 -16.60
CA LYS D 222 -26.30 -35.30 -16.70
C LYS D 222 -24.96 -35.29 -16.00
N GLU D 223 -24.20 -34.19 -16.14
CA GLU D 223 -22.95 -34.09 -15.40
C GLU D 223 -23.21 -34.15 -13.90
N GLN D 224 -24.30 -33.52 -13.44
CA GLN D 224 -24.64 -33.61 -12.03
C GLN D 224 -25.03 -35.03 -11.63
N GLU D 225 -25.68 -35.78 -12.54
CA GLU D 225 -25.98 -37.18 -12.24
C GLU D 225 -24.70 -37.98 -12.03
N ILE D 226 -23.70 -37.76 -12.89
CA ILE D 226 -22.42 -38.45 -12.74
C ILE D 226 -21.77 -38.08 -11.42
N GLU D 227 -21.73 -36.78 -11.11
CA GLU D 227 -21.12 -36.36 -9.83
C GLU D 227 -21.89 -36.93 -8.63
N ASP D 228 -23.20 -37.11 -8.77
CA ASP D 228 -23.98 -37.77 -7.73
C ASP D 228 -23.56 -39.23 -7.57
N GLN D 229 -23.43 -39.94 -8.68
CA GLN D 229 -23.04 -41.34 -8.60
C GLN D 229 -21.63 -41.49 -8.04
N LYS D 230 -20.81 -40.44 -8.16
CA LYS D 230 -19.48 -40.49 -7.56
C LYS D 230 -19.55 -40.56 -6.04
N ASN D 231 -20.45 -39.79 -5.43
CA ASN D 231 -20.62 -39.73 -3.98
C ASN D 231 -22.11 -39.74 -3.63
N PRO D 232 -22.66 -40.89 -3.24
CA PRO D 232 -24.10 -40.97 -2.99
C PRO D 232 -24.52 -40.36 -1.67
N ARG D 233 -23.68 -40.47 -0.64
CA ARG D 233 -24.05 -39.99 0.68
C ARG D 233 -24.30 -38.48 0.67
N LYS D 234 -23.46 -37.73 -0.02
CA LYS D 234 -23.71 -36.30 -0.19
C LYS D 234 -24.90 -36.04 -1.10
N ALA D 235 -25.03 -36.85 -2.17
CA ALA D 235 -26.12 -36.66 -3.11
C ALA D 235 -27.48 -36.94 -2.50
N ARG D 236 -27.54 -37.56 -1.33
CA ARG D 236 -28.82 -37.76 -0.66
C ARG D 236 -29.33 -36.49 0.03
N VAL D 237 -28.46 -35.52 0.29
CA VAL D 237 -28.85 -34.31 1.02
C VAL D 237 -28.54 -33.05 0.21
N THR D 238 -28.63 -33.15 -1.11
CA THR D 238 -28.47 -32.01 -2.00
C THR D 238 -29.73 -31.82 -2.81
N ARG D 239 -30.25 -30.60 -2.81
CA ARG D 239 -31.46 -30.25 -3.53
C ARG D 239 -31.10 -29.47 -4.79
N ARG D 240 -31.81 -29.74 -5.88
CA ARG D 240 -31.50 -29.16 -7.18
C ARG D 240 -32.64 -28.26 -7.63
N PHE D 241 -32.33 -27.00 -7.90
CA PHE D 241 -33.31 -26.00 -8.31
C PHE D 241 -32.99 -25.51 -9.71
N ILE D 242 -34.03 -25.26 -10.49
CA ILE D 242 -33.94 -24.61 -11.79
C ILE D 242 -34.67 -23.29 -11.67
N VAL D 243 -33.94 -22.18 -11.74
CA VAL D 243 -34.53 -20.86 -11.58
C VAL D 243 -34.66 -20.24 -12.96
N VAL D 244 -35.90 -20.01 -13.41
CA VAL D 244 -36.14 -19.46 -14.72
C VAL D 244 -37.17 -18.34 -14.61
N GLU D 245 -37.21 -17.50 -15.64
CA GLU D 245 -38.15 -16.39 -15.70
C GLU D 245 -39.15 -16.63 -16.81
N GLY D 246 -40.40 -16.21 -16.58
CA GLY D 246 -41.45 -16.48 -17.53
C GLY D 246 -41.29 -15.73 -18.83
N LEU D 247 -40.85 -14.47 -18.77
CA LEU D 247 -40.64 -13.66 -19.95
C LEU D 247 -39.53 -12.69 -19.62
N TYR D 248 -38.34 -12.91 -20.17
CA TYR D 248 -37.15 -12.23 -19.68
C TYR D 248 -37.18 -10.74 -20.03
N MET D 249 -36.78 -9.92 -19.07
CA MET D 249 -36.68 -8.49 -19.33
C MET D 249 -35.45 -8.14 -20.16
N ASN D 250 -34.34 -8.85 -19.96
CA ASN D 250 -33.12 -8.57 -20.69
C ASN D 250 -33.20 -8.99 -22.15
N THR D 251 -34.16 -9.80 -22.54
CA THR D 251 -34.23 -10.22 -23.93
C THR D 251 -35.60 -10.02 -24.55
N GLY D 252 -36.68 -10.23 -23.80
CA GLY D 252 -38.00 -10.23 -24.36
C GLY D 252 -38.49 -11.56 -24.89
N THR D 253 -37.74 -12.65 -24.67
CA THR D 253 -38.11 -13.97 -25.13
C THR D 253 -38.72 -14.79 -23.99
N ILE D 254 -39.50 -15.80 -24.37
CA ILE D 254 -40.30 -16.59 -23.45
C ILE D 254 -39.66 -17.97 -23.29
N CYS D 255 -39.72 -18.51 -22.06
CA CYS D 255 -39.06 -19.76 -21.74
C CYS D 255 -39.91 -20.97 -22.13
N PRO D 256 -39.27 -22.06 -22.58
CA PRO D 256 -40.01 -23.27 -22.98
C PRO D 256 -40.37 -24.17 -21.82
N LEU D 257 -41.49 -23.93 -21.16
CA LEU D 257 -41.89 -24.75 -20.03
C LEU D 257 -42.22 -26.20 -20.36
N PRO D 258 -42.71 -26.54 -21.56
CA PRO D 258 -42.96 -27.98 -21.82
C PRO D 258 -41.76 -28.88 -21.66
N GLU D 259 -40.56 -28.40 -22.02
CA GLU D 259 -39.36 -29.20 -21.79
C GLU D 259 -38.76 -29.00 -20.41
N LEU D 260 -38.90 -27.81 -19.81
CA LEU D 260 -38.43 -27.65 -18.44
C LEU D 260 -39.18 -28.55 -17.47
N VAL D 261 -40.49 -28.72 -17.68
CA VAL D 261 -41.26 -29.59 -16.81
C VAL D 261 -40.79 -31.04 -16.94
N LYS D 262 -40.58 -31.49 -18.18
CA LYS D 262 -40.12 -32.86 -18.38
C LYS D 262 -38.74 -33.08 -17.78
N LEU D 263 -37.83 -32.11 -17.94
CA LEU D 263 -36.51 -32.23 -17.35
C LEU D 263 -36.59 -32.24 -15.82
N LYS D 264 -37.46 -31.42 -15.25
CA LYS D 264 -37.64 -31.43 -13.80
C LYS D 264 -38.11 -32.79 -13.32
N TYR D 265 -39.10 -33.36 -14.00
CA TYR D 265 -39.62 -34.65 -13.55
C TYR D 265 -38.62 -35.78 -13.78
N LYS D 266 -37.79 -35.68 -14.81
CA LYS D 266 -36.82 -36.75 -15.07
C LYS D 266 -35.63 -36.67 -14.13
N TYR D 267 -35.14 -35.48 -13.82
CA TYR D 267 -33.87 -35.32 -13.11
C TYR D 267 -34.02 -34.82 -11.68
N LYS D 268 -35.22 -34.92 -11.10
CA LYS D 268 -35.42 -34.65 -9.68
C LYS D 268 -35.00 -33.22 -9.30
N ALA D 269 -35.52 -32.24 -10.04
CA ALA D 269 -35.23 -30.83 -9.79
C ALA D 269 -36.50 -30.12 -9.34
N ARG D 270 -36.38 -28.82 -9.07
CA ARG D 270 -37.53 -28.02 -8.63
C ARG D 270 -37.48 -26.68 -9.33
N ILE D 271 -38.57 -26.31 -10.00
CA ILE D 271 -38.59 -25.08 -10.80
C ILE D 271 -39.04 -23.93 -9.93
N PHE D 272 -38.28 -22.83 -9.96
CA PHE D 272 -38.68 -21.56 -9.39
C PHE D 272 -38.90 -20.60 -10.55
N LEU D 273 -40.14 -20.15 -10.74
CA LEU D 273 -40.50 -19.34 -11.90
C LEU D 273 -40.71 -17.90 -11.47
N GLU D 274 -40.15 -16.96 -12.25
CA GLU D 274 -40.39 -15.51 -11.99
C GLU D 274 -41.29 -14.97 -13.10
N GLU D 275 -42.54 -14.63 -12.80
CA GLU D 275 -43.49 -14.21 -13.88
C GLU D 275 -43.65 -12.70 -13.94
N SER D 276 -42.81 -11.93 -13.23
CA SER D 276 -42.92 -10.44 -13.17
C SER D 276 -43.52 -9.83 -14.44
N LEU D 277 -42.87 -9.99 -15.60
CA LEU D 277 -43.30 -9.35 -16.84
C LEU D 277 -44.41 -10.09 -17.56
N SER D 278 -44.65 -11.37 -17.26
CA SER D 278 -45.69 -12.12 -17.95
C SER D 278 -46.94 -12.32 -17.10
N PHE D 279 -46.97 -11.80 -15.87
CA PHE D 279 -48.07 -12.08 -14.97
C PHE D 279 -49.40 -11.57 -15.54
N GLY D 280 -49.46 -10.29 -15.88
CA GLY D 280 -50.70 -9.68 -16.30
C GLY D 280 -50.88 -9.49 -17.80
N VAL D 281 -50.04 -10.10 -18.63
CA VAL D 281 -50.10 -9.82 -20.06
C VAL D 281 -50.35 -11.07 -20.89
N LEU D 282 -49.92 -12.23 -20.39
CA LEU D 282 -49.89 -13.46 -21.18
C LEU D 282 -50.99 -14.41 -20.74
N GLY D 283 -51.66 -15.00 -21.72
CA GLY D 283 -52.74 -15.93 -21.48
C GLY D 283 -54.10 -15.28 -21.71
N GLU D 284 -55.10 -16.13 -21.91
CA GLU D 284 -56.45 -15.63 -22.14
C GLU D 284 -56.98 -14.88 -20.92
N HIS D 285 -56.70 -15.38 -19.73
CA HIS D 285 -57.12 -14.74 -18.50
C HIS D 285 -55.97 -14.07 -17.76
N GLY D 286 -54.79 -14.01 -18.37
CA GLY D 286 -53.67 -13.32 -17.78
C GLY D 286 -53.15 -13.93 -16.49
N ARG D 287 -52.97 -15.25 -16.48
CA ARG D 287 -52.37 -15.93 -15.34
C ARG D 287 -50.88 -16.17 -15.52
N GLY D 288 -50.30 -15.75 -16.64
CA GLY D 288 -48.87 -15.91 -16.81
C GLY D 288 -48.49 -16.81 -17.96
N VAL D 289 -47.29 -17.37 -17.90
CA VAL D 289 -46.81 -18.24 -18.96
C VAL D 289 -47.41 -19.64 -18.83
N THR D 290 -47.79 -20.05 -17.61
CA THR D 290 -48.37 -21.37 -17.41
C THR D 290 -49.69 -21.51 -18.17
N GLU D 291 -50.49 -20.45 -18.19
CA GLU D 291 -51.73 -20.49 -18.97
C GLU D 291 -51.45 -20.39 -20.46
N HIS D 292 -50.44 -19.62 -20.86
CA HIS D 292 -50.10 -19.53 -22.27
C HIS D 292 -49.70 -20.88 -22.83
N TYR D 293 -48.91 -21.65 -22.07
CA TYR D 293 -48.52 -22.98 -22.50
C TYR D 293 -49.55 -24.05 -22.15
N GLY D 294 -50.47 -23.76 -21.24
CA GLY D 294 -51.41 -24.75 -20.78
C GLY D 294 -50.88 -25.67 -19.72
N ILE D 295 -49.63 -25.49 -19.29
CA ILE D 295 -49.05 -26.32 -18.25
C ILE D 295 -49.87 -26.20 -16.98
N ASN D 296 -49.96 -27.31 -16.25
CA ASN D 296 -50.64 -27.31 -14.96
C ASN D 296 -49.91 -26.35 -14.01
N ILE D 297 -50.67 -25.76 -13.09
CA ILE D 297 -50.08 -24.82 -12.15
C ILE D 297 -49.34 -25.54 -11.03
N ASP D 298 -49.61 -26.84 -10.82
CA ASP D 298 -49.00 -27.56 -9.72
C ASP D 298 -47.56 -27.96 -9.99
N ASP D 299 -47.20 -28.19 -11.26
CA ASP D 299 -45.84 -28.62 -11.58
C ASP D 299 -44.82 -27.59 -11.15
N ILE D 300 -45.11 -26.31 -11.37
CA ILE D 300 -44.23 -25.23 -10.94
C ILE D 300 -44.39 -25.05 -9.43
N ASP D 301 -43.26 -25.02 -8.72
CA ASP D 301 -43.31 -24.95 -7.27
C ASP D 301 -43.66 -23.55 -6.77
N LEU D 302 -42.84 -22.56 -7.10
CA LEU D 302 -42.97 -21.22 -6.56
C LEU D 302 -43.00 -20.24 -7.72
N ILE D 303 -44.10 -19.48 -7.85
CA ILE D 303 -44.24 -18.47 -8.88
C ILE D 303 -44.16 -17.11 -8.21
N SER D 304 -43.11 -16.36 -8.48
CA SER D 304 -42.89 -15.07 -7.84
C SER D 304 -42.98 -13.97 -8.89
N ALA D 305 -43.72 -12.91 -8.57
CA ALA D 305 -43.92 -11.79 -9.47
C ALA D 305 -43.93 -10.52 -8.65
N ASN D 306 -44.05 -9.39 -9.33
CA ASN D 306 -44.20 -8.12 -8.65
C ASN D 306 -45.42 -7.40 -9.19
N MET D 307 -46.09 -6.66 -8.30
CA MET D 307 -47.34 -6.00 -8.60
C MET D 307 -47.15 -4.60 -9.17
N GLU D 308 -45.91 -4.24 -9.50
CA GLU D 308 -45.61 -2.88 -9.89
C GLU D 308 -45.89 -2.62 -11.37
N ASN D 309 -45.65 -3.61 -12.22
CA ASN D 309 -45.75 -3.41 -13.67
C ASN D 309 -47.20 -3.37 -14.14
N ALA D 310 -47.93 -4.48 -13.99
CA ALA D 310 -49.27 -4.54 -14.56
C ALA D 310 -50.31 -3.98 -13.61
N LEU D 311 -50.20 -4.29 -12.32
CA LEU D 311 -51.18 -3.82 -11.34
C LEU D 311 -50.98 -2.36 -10.97
N ALA D 312 -49.81 -1.79 -11.23
CA ALA D 312 -49.51 -0.38 -10.96
C ALA D 312 -49.74 -0.04 -9.48
N SER D 313 -49.08 -0.80 -8.61
CA SER D 313 -49.01 -0.49 -7.19
C SER D 313 -47.81 -1.23 -6.61
N ILE D 314 -47.01 -0.52 -5.80
CA ILE D 314 -45.75 -1.07 -5.34
C ILE D 314 -45.97 -2.36 -4.56
N GLY D 315 -45.03 -3.29 -4.70
CA GLY D 315 -45.08 -4.51 -3.93
C GLY D 315 -44.54 -5.69 -4.73
N GLY D 316 -44.79 -6.88 -4.21
CA GLY D 316 -44.46 -8.11 -4.89
C GLY D 316 -45.17 -9.25 -4.20
N PHE D 317 -45.14 -10.42 -4.83
CA PHE D 317 -45.84 -11.55 -4.22
C PHE D 317 -45.30 -12.86 -4.75
N CYS D 318 -45.30 -13.87 -3.89
CA CYS D 318 -44.93 -15.23 -4.27
C CYS D 318 -46.11 -16.15 -3.99
N CYS D 319 -46.51 -16.93 -4.98
CA CYS D 319 -47.62 -17.85 -4.80
C CYS D 319 -47.17 -19.29 -5.02
N GLY D 320 -47.84 -20.20 -4.31
CA GLY D 320 -47.51 -21.61 -4.40
C GLY D 320 -48.32 -22.40 -3.41
N ARG D 321 -48.01 -23.69 -3.33
CA ARG D 321 -48.64 -24.55 -2.34
C ARG D 321 -48.23 -24.10 -0.94
N SER D 322 -49.12 -24.33 0.03
CA SER D 322 -48.85 -23.87 1.38
C SER D 322 -47.59 -24.48 1.95
N PHE D 323 -47.27 -25.72 1.54
CA PHE D 323 -46.06 -26.38 2.00
C PHE D 323 -44.81 -25.56 1.67
N VAL D 324 -44.80 -24.95 0.48
CA VAL D 324 -43.65 -24.15 0.07
C VAL D 324 -43.71 -22.75 0.66
N ILE D 325 -44.90 -22.15 0.65
CA ILE D 325 -45.03 -20.73 1.00
C ILE D 325 -44.83 -20.51 2.50
N ASP D 326 -45.37 -21.40 3.34
CA ASP D 326 -45.38 -21.12 4.77
C ASP D 326 -44.00 -21.00 5.38
N HIS D 327 -42.95 -21.44 4.67
CA HIS D 327 -41.61 -21.26 5.18
C HIS D 327 -41.15 -19.81 5.08
N GLN D 328 -41.67 -19.07 4.10
CA GLN D 328 -41.23 -17.71 3.87
C GLN D 328 -41.73 -16.76 4.95
N ARG D 329 -42.85 -17.09 5.60
CA ARG D 329 -43.39 -16.22 6.63
C ARG D 329 -42.47 -16.11 7.82
N LEU D 330 -41.53 -17.04 7.98
CA LEU D 330 -40.59 -17.02 9.08
C LEU D 330 -39.13 -16.93 8.65
N SER D 331 -38.78 -17.39 7.46
CA SER D 331 -37.40 -17.33 7.00
C SER D 331 -37.21 -16.37 5.83
N GLY D 332 -38.22 -15.57 5.50
CA GLY D 332 -38.06 -14.56 4.47
C GLY D 332 -37.66 -13.23 5.05
N GLN D 333 -36.44 -12.78 4.76
CA GLN D 333 -35.92 -11.59 5.41
C GLN D 333 -36.68 -10.33 5.00
N GLY D 334 -37.00 -10.20 3.72
CA GLY D 334 -37.76 -9.05 3.28
C GLY D 334 -39.17 -8.99 3.84
N TYR D 335 -39.65 -10.07 4.44
CA TYR D 335 -40.97 -10.18 5.03
C TYR D 335 -40.94 -9.99 6.55
N CYS D 336 -40.04 -10.69 7.23
CA CYS D 336 -40.00 -10.62 8.69
C CYS D 336 -39.47 -9.29 9.18
N PHE D 337 -38.40 -8.79 8.56
CA PHE D 337 -37.64 -7.64 9.09
C PHE D 337 -37.95 -6.35 8.36
N SER D 338 -39.19 -6.10 7.96
CA SER D 338 -39.51 -4.84 7.32
C SER D 338 -41.00 -4.59 7.42
N ALA D 339 -41.36 -3.32 7.31
CA ALA D 339 -42.75 -2.91 7.47
C ALA D 339 -43.61 -3.49 6.36
N SER D 340 -44.91 -3.52 6.60
CA SER D 340 -45.85 -4.09 5.66
C SER D 340 -46.24 -3.06 4.61
N LEU D 341 -46.89 -3.54 3.56
CA LEU D 341 -47.29 -2.69 2.46
C LEU D 341 -48.37 -1.70 2.92
N PRO D 342 -48.25 -0.42 2.59
CA PRO D 342 -49.26 0.56 3.00
C PRO D 342 -50.64 0.17 2.48
N PRO D 343 -51.69 0.43 3.26
CA PRO D 343 -53.02 -0.07 2.89
C PRO D 343 -53.55 0.47 1.57
N LEU D 344 -53.25 1.72 1.22
CA LEU D 344 -53.79 2.28 -0.01
C LEU D 344 -53.27 1.54 -1.23
N LEU D 345 -52.00 1.18 -1.23
CA LEU D 345 -51.44 0.40 -2.34
C LEU D 345 -52.08 -0.97 -2.43
N ALA D 346 -52.34 -1.61 -1.29
CA ALA D 346 -52.98 -2.92 -1.30
C ALA D 346 -54.40 -2.83 -1.86
N ALA D 347 -55.15 -1.80 -1.48
CA ALA D 347 -56.50 -1.66 -2.03
C ALA D 347 -56.46 -1.35 -3.52
N ALA D 348 -55.47 -0.56 -3.96
CA ALA D 348 -55.32 -0.32 -5.39
C ALA D 348 -55.04 -1.62 -6.13
N ALA D 349 -54.19 -2.48 -5.57
CA ALA D 349 -53.91 -3.76 -6.20
C ALA D 349 -55.15 -4.64 -6.24
N ILE D 350 -55.96 -4.62 -5.17
CA ILE D 350 -57.19 -5.42 -5.17
C ILE D 350 -58.14 -4.93 -6.26
N GLU D 351 -58.28 -3.61 -6.40
CA GLU D 351 -59.17 -3.09 -7.44
C GLU D 351 -58.63 -3.41 -8.84
N ALA D 352 -57.31 -3.38 -9.01
CA ALA D 352 -56.73 -3.77 -10.29
C ALA D 352 -57.01 -5.23 -10.59
N LEU D 353 -56.92 -6.10 -9.58
CA LEU D 353 -57.25 -7.51 -9.78
C LEU D 353 -58.72 -7.68 -10.15
N ASN D 354 -59.61 -6.91 -9.52
CA ASN D 354 -61.01 -6.95 -9.91
C ASN D 354 -61.17 -6.59 -11.38
N ILE D 355 -60.53 -5.51 -11.81
CA ILE D 355 -60.69 -5.05 -13.19
C ILE D 355 -60.13 -6.09 -14.17
N MET D 356 -59.00 -6.71 -13.82
CA MET D 356 -58.47 -7.79 -14.64
C MET D 356 -59.43 -8.97 -14.70
N GLU D 357 -60.14 -9.27 -13.60
CA GLU D 357 -61.06 -10.39 -13.60
C GLU D 357 -62.34 -10.10 -14.36
N GLU D 358 -62.78 -8.84 -14.44
CA GLU D 358 -64.05 -8.55 -15.10
C GLU D 358 -63.95 -8.76 -16.61
N ASN D 359 -63.09 -8.02 -17.30
CA ASN D 359 -63.00 -8.12 -18.75
C ASN D 359 -61.64 -8.66 -19.16
N PRO D 360 -61.58 -9.87 -19.71
CA PRO D 360 -60.28 -10.41 -20.15
C PRO D 360 -59.92 -10.09 -21.59
N GLY D 361 -60.60 -9.11 -22.20
CA GLY D 361 -60.27 -8.73 -23.57
C GLY D 361 -59.07 -7.81 -23.69
N ILE D 362 -58.67 -7.16 -22.60
CA ILE D 362 -57.53 -6.26 -22.66
C ILE D 362 -56.25 -7.04 -22.96
N PHE D 363 -56.17 -8.29 -22.51
CA PHE D 363 -55.03 -9.13 -22.89
C PHE D 363 -55.00 -9.34 -24.41
N ALA D 364 -56.15 -9.58 -25.02
CA ALA D 364 -56.20 -9.76 -26.47
C ALA D 364 -55.78 -8.49 -27.19
N VAL D 365 -56.27 -7.33 -26.74
CA VAL D 365 -55.93 -6.10 -27.44
C VAL D 365 -54.45 -5.75 -27.26
N LEU D 366 -53.90 -6.02 -26.08
CA LEU D 366 -52.46 -5.83 -25.89
C LEU D 366 -51.67 -6.77 -26.80
N LYS D 367 -52.13 -8.01 -26.95
CA LYS D 367 -51.45 -8.95 -27.83
C LYS D 367 -51.45 -8.44 -29.27
N GLU D 368 -52.59 -7.93 -29.74
CA GLU D 368 -52.63 -7.48 -31.12
C GLU D 368 -51.83 -6.19 -31.32
N LYS D 369 -51.74 -5.34 -30.30
CA LYS D 369 -50.89 -4.16 -30.44
C LYS D 369 -49.41 -4.53 -30.47
N CYS D 370 -49.00 -5.51 -29.65
CA CYS D 370 -47.63 -6.00 -29.72
C CYS D 370 -47.35 -6.58 -31.10
N GLY D 371 -48.31 -7.33 -31.65
CA GLY D 371 -48.13 -7.84 -33.01
C GLY D 371 -47.95 -6.73 -34.03
N GLN D 372 -48.79 -5.68 -33.94
CA GLN D 372 -48.71 -4.58 -34.90
C GLN D 372 -47.38 -3.86 -34.82
N ILE D 373 -46.94 -3.50 -33.61
CA ILE D 373 -45.69 -2.75 -33.50
C ILE D 373 -44.50 -3.62 -33.89
N HIS D 374 -44.50 -4.90 -33.50
CA HIS D 374 -43.38 -5.75 -33.86
C HIS D 374 -43.31 -5.95 -35.36
N LYS D 375 -44.45 -6.11 -36.03
CA LYS D 375 -44.43 -6.25 -37.48
C LYS D 375 -43.96 -4.96 -38.15
N ALA D 376 -44.38 -3.79 -37.64
CA ALA D 376 -43.99 -2.54 -38.28
C ALA D 376 -42.51 -2.24 -38.07
N LEU D 377 -41.94 -2.61 -36.92
CA LEU D 377 -40.55 -2.27 -36.66
C LEU D 377 -39.56 -3.02 -37.53
N GLN D 378 -39.99 -4.02 -38.29
CA GLN D 378 -39.07 -4.70 -39.19
C GLN D 378 -38.74 -3.78 -40.36
N GLY D 379 -37.48 -3.40 -40.47
CA GLY D 379 -37.06 -2.52 -41.56
C GLY D 379 -36.20 -1.35 -41.12
N ILE D 380 -35.87 -1.27 -39.83
CA ILE D 380 -34.93 -0.25 -39.37
C ILE D 380 -33.58 -0.51 -40.03
N SER D 381 -32.97 0.56 -40.55
CA SER D 381 -31.72 0.38 -41.28
C SER D 381 -30.58 -0.03 -40.35
N GLY D 382 -30.41 0.69 -39.24
CA GLY D 382 -29.29 0.47 -38.36
C GLY D 382 -29.55 -0.33 -37.11
N LEU D 383 -30.79 -0.78 -36.89
CA LEU D 383 -31.16 -1.45 -35.65
C LEU D 383 -31.82 -2.78 -35.96
N LYS D 384 -31.78 -3.67 -34.98
CA LYS D 384 -32.48 -4.94 -35.05
C LYS D 384 -33.41 -5.08 -33.85
N VAL D 385 -34.53 -5.75 -34.06
CA VAL D 385 -35.52 -5.97 -33.03
C VAL D 385 -35.16 -7.25 -32.28
N VAL D 386 -35.06 -7.16 -30.96
CA VAL D 386 -34.75 -8.32 -30.12
C VAL D 386 -35.97 -8.53 -29.22
N GLY D 387 -36.82 -9.47 -29.59
CA GLY D 387 -38.07 -9.66 -28.90
C GLY D 387 -39.00 -10.49 -29.76
N GLU D 388 -40.21 -10.69 -29.24
CA GLU D 388 -41.17 -11.59 -29.85
C GLU D 388 -42.52 -10.91 -30.01
N SER D 389 -43.33 -11.43 -30.94
CA SER D 389 -44.61 -10.82 -31.26
C SER D 389 -45.60 -10.91 -30.10
N LEU D 390 -45.32 -11.73 -29.11
CA LEU D 390 -46.15 -11.80 -27.91
C LEU D 390 -45.64 -10.90 -26.79
N SER D 391 -44.34 -10.64 -26.76
CA SER D 391 -43.74 -9.91 -25.64
C SER D 391 -44.21 -8.47 -25.64
N PRO D 392 -44.68 -7.94 -24.51
CA PRO D 392 -45.08 -6.53 -24.45
C PRO D 392 -43.91 -5.56 -24.56
N ALA D 393 -42.84 -5.80 -23.82
CA ALA D 393 -41.70 -4.90 -23.77
C ALA D 393 -40.49 -5.58 -24.40
N PHE D 394 -40.05 -5.08 -25.54
CA PHE D 394 -38.90 -5.67 -26.20
C PHE D 394 -37.83 -4.61 -26.46
N HIS D 395 -36.82 -4.99 -27.22
CA HIS D 395 -35.61 -4.20 -27.35
C HIS D 395 -35.33 -3.86 -28.81
N LEU D 396 -34.54 -2.80 -28.98
CA LEU D 396 -33.96 -2.41 -30.26
C LEU D 396 -32.46 -2.27 -30.03
N GLN D 397 -31.68 -3.15 -30.66
CA GLN D 397 -30.24 -3.17 -30.47
C GLN D 397 -29.55 -2.80 -31.77
N LEU D 398 -28.24 -2.61 -31.68
CA LEU D 398 -27.44 -2.21 -32.84
C LEU D 398 -27.01 -3.44 -33.63
N GLU D 399 -27.21 -3.40 -34.94
CA GLU D 399 -26.85 -4.54 -35.78
C GLU D 399 -25.36 -4.81 -35.72
N GLU D 400 -24.55 -3.78 -35.97
CA GLU D 400 -23.09 -3.90 -36.01
C GLU D 400 -22.53 -2.99 -34.94
N SER D 401 -21.91 -3.58 -33.93
CA SER D 401 -21.45 -2.83 -32.76
C SER D 401 -20.03 -2.33 -32.99
N THR D 402 -19.79 -1.09 -32.59
CA THR D 402 -18.45 -0.53 -32.66
C THR D 402 -17.56 -1.17 -31.60
N GLY D 403 -16.29 -0.76 -31.58
CA GLY D 403 -15.34 -1.36 -30.66
C GLY D 403 -15.69 -1.12 -29.21
N SER D 404 -16.09 0.10 -28.87
CA SER D 404 -16.37 0.47 -27.49
C SER D 404 -17.87 0.49 -27.24
N ARG D 405 -18.27 0.01 -26.06
CA ARG D 405 -19.67 0.03 -25.69
C ARG D 405 -20.19 1.46 -25.52
N GLU D 406 -19.32 2.38 -25.10
CA GLU D 406 -19.75 3.75 -24.83
C GLU D 406 -20.26 4.42 -26.11
N GLN D 407 -19.63 4.14 -27.25
CA GLN D 407 -20.10 4.73 -28.49
C GLN D 407 -21.49 4.22 -28.85
N ASP D 408 -21.75 2.93 -28.62
CA ASP D 408 -23.09 2.40 -28.82
C ASP D 408 -24.09 3.08 -27.89
N VAL D 409 -23.71 3.26 -26.64
CA VAL D 409 -24.59 3.91 -25.66
C VAL D 409 -24.93 5.31 -26.12
N ARG D 410 -23.94 6.07 -26.59
CA ARG D 410 -24.20 7.45 -26.99
C ARG D 410 -24.96 7.54 -28.31
N LEU D 411 -24.75 6.60 -29.23
CA LEU D 411 -25.57 6.56 -30.44
C LEU D 411 -27.03 6.31 -30.10
N LEU D 412 -27.29 5.35 -29.21
CA LEU D 412 -28.65 5.07 -28.81
C LEU D 412 -29.25 6.24 -28.05
N GLN D 413 -28.45 6.94 -27.25
CA GLN D 413 -28.93 8.13 -26.55
C GLN D 413 -29.30 9.24 -27.54
N GLU D 414 -28.51 9.39 -28.60
CA GLU D 414 -28.86 10.36 -29.64
C GLU D 414 -30.20 10.01 -30.27
N ILE D 415 -30.41 8.71 -30.56
CA ILE D 415 -31.69 8.31 -31.13
C ILE D 415 -32.83 8.60 -30.17
N VAL D 416 -32.63 8.30 -28.89
CA VAL D 416 -33.67 8.52 -27.88
C VAL D 416 -34.03 10.00 -27.81
N ASP D 417 -33.03 10.87 -27.76
CA ASP D 417 -33.29 12.31 -27.66
C ASP D 417 -33.99 12.84 -28.90
N GLN D 418 -33.55 12.41 -30.09
CA GLN D 418 -34.20 12.89 -31.30
C GLN D 418 -35.65 12.42 -31.37
N CYS D 419 -35.92 11.20 -30.91
CA CYS D 419 -37.31 10.74 -30.85
C CYS D 419 -38.11 11.55 -29.85
N MET D 420 -37.51 11.87 -28.70
CA MET D 420 -38.22 12.64 -27.68
C MET D 420 -38.61 14.01 -28.20
N ASN D 421 -37.71 14.67 -28.93
CA ASN D 421 -38.06 15.96 -29.53
C ASN D 421 -39.21 15.84 -30.52
N ARG D 422 -39.48 14.64 -31.03
CA ARG D 422 -40.55 14.41 -31.98
C ARG D 422 -41.79 13.83 -31.31
N SER D 423 -41.89 13.97 -29.99
CA SER D 423 -43.08 13.61 -29.21
C SER D 423 -43.30 12.11 -29.11
N ILE D 424 -42.22 11.34 -29.02
CA ILE D 424 -42.27 9.92 -28.65
C ILE D 424 -41.17 9.67 -27.62
N ALA D 425 -41.57 9.27 -26.43
CA ALA D 425 -40.64 9.16 -25.30
C ALA D 425 -40.17 7.72 -25.18
N LEU D 426 -38.91 7.47 -25.50
CA LEU D 426 -38.31 6.16 -25.36
C LEU D 426 -37.34 6.18 -24.17
N THR D 427 -36.75 5.02 -23.91
CA THR D 427 -35.75 4.93 -22.87
C THR D 427 -34.76 3.84 -23.23
N GLN D 428 -33.56 3.94 -22.68
CA GLN D 428 -32.53 2.96 -22.93
C GLN D 428 -32.38 2.07 -21.70
N ALA D 429 -32.15 0.78 -21.94
CA ALA D 429 -32.01 -0.16 -20.85
C ALA D 429 -30.76 0.19 -20.04
N ARG D 430 -30.93 0.25 -18.73
CA ARG D 430 -29.85 0.64 -17.81
C ARG D 430 -29.41 -0.58 -17.01
N TYR D 431 -28.11 -0.88 -17.05
CA TYR D 431 -27.53 -1.99 -16.33
C TYR D 431 -26.37 -1.48 -15.50
N LEU D 432 -26.01 -2.26 -14.48
CA LEU D 432 -24.80 -2.00 -13.70
C LEU D 432 -23.67 -2.78 -14.35
N GLU D 433 -22.79 -2.06 -15.07
CA GLU D 433 -21.77 -2.73 -15.87
C GLU D 433 -20.81 -3.52 -15.00
N LYS D 434 -20.50 -3.03 -13.81
CA LYS D 434 -19.52 -3.70 -12.97
C LYS D 434 -20.07 -4.98 -12.35
N GLU D 435 -21.38 -5.07 -12.17
CA GLU D 435 -21.97 -6.11 -11.33
C GLU D 435 -22.64 -7.24 -12.10
N GLU D 436 -23.19 -6.97 -13.28
CA GLU D 436 -23.88 -8.00 -14.04
C GLU D 436 -22.95 -9.16 -14.33
N LYS D 437 -23.43 -10.40 -14.12
CA LYS D 437 -22.66 -11.56 -14.51
C LYS D 437 -22.67 -11.75 -16.02
N CYS D 438 -23.83 -11.62 -16.64
CA CYS D 438 -23.99 -11.69 -18.09
C CYS D 438 -24.57 -10.36 -18.54
N LEU D 439 -23.73 -9.48 -19.07
CA LEU D 439 -24.11 -8.10 -19.33
C LEU D 439 -24.68 -7.99 -20.73
N PRO D 440 -25.94 -7.62 -20.90
CA PRO D 440 -26.54 -7.57 -22.24
C PRO D 440 -26.01 -6.40 -23.05
N PRO D 441 -26.13 -6.47 -24.38
CA PRO D 441 -25.73 -5.32 -25.19
C PRO D 441 -26.65 -4.14 -24.94
N PRO D 442 -26.17 -2.91 -25.17
CA PRO D 442 -27.04 -1.74 -24.98
C PRO D 442 -28.17 -1.75 -25.98
N SER D 443 -29.32 -1.20 -25.56
CA SER D 443 -30.51 -1.33 -26.38
C SER D 443 -31.56 -0.33 -25.94
N ILE D 444 -32.20 0.31 -26.92
CA ILE D 444 -33.42 1.06 -26.62
C ILE D 444 -34.51 0.06 -26.25
N ARG D 445 -35.46 0.50 -25.45
CA ARG D 445 -36.53 -0.35 -24.97
C ARG D 445 -37.86 0.18 -25.47
N VAL D 446 -38.64 -0.67 -26.12
CA VAL D 446 -39.96 -0.30 -26.62
C VAL D 446 -41.00 -1.06 -25.83
N VAL D 447 -41.93 -0.33 -25.23
CA VAL D 447 -42.95 -0.90 -24.34
C VAL D 447 -44.31 -0.56 -24.92
N VAL D 448 -45.17 -1.56 -25.04
CA VAL D 448 -46.47 -1.41 -25.67
C VAL D 448 -47.55 -1.53 -24.59
N THR D 449 -48.75 -1.04 -24.92
CA THR D 449 -49.82 -0.94 -23.94
C THR D 449 -51.15 -0.86 -24.69
N VAL D 450 -52.22 -1.26 -24.00
CA VAL D 450 -53.56 -1.25 -24.58
C VAL D 450 -54.05 0.16 -24.89
N GLU D 451 -53.42 1.18 -24.29
CA GLU D 451 -53.94 2.54 -24.39
C GLU D 451 -53.47 3.24 -25.67
N GLN D 452 -52.30 2.89 -26.19
CA GLN D 452 -51.76 3.57 -27.36
C GLN D 452 -52.55 3.17 -28.60
N THR D 453 -53.06 4.16 -29.32
CA THR D 453 -53.91 3.94 -30.47
C THR D 453 -53.09 3.30 -31.60
N GLU D 454 -53.77 2.76 -32.61
CA GLU D 454 -53.07 2.23 -33.78
C GLU D 454 -52.26 3.32 -34.47
N GLU D 455 -52.84 4.51 -34.62
CA GLU D 455 -52.14 5.59 -35.29
C GLU D 455 -50.86 5.96 -34.56
N GLU D 456 -50.92 5.99 -33.22
CA GLU D 456 -49.71 6.30 -32.45
C GLU D 456 -48.64 5.23 -32.65
N LEU D 457 -49.04 3.97 -32.83
CA LEU D 457 -48.07 2.91 -33.10
C LEU D 457 -47.42 3.08 -34.47
N GLU D 458 -48.24 3.37 -35.49
CA GLU D 458 -47.68 3.60 -36.82
C GLU D 458 -46.73 4.80 -36.81
N ARG D 459 -47.12 5.88 -36.14
CA ARG D 459 -46.27 7.06 -36.09
C ARG D 459 -44.99 6.79 -35.30
N ALA D 460 -45.07 6.00 -34.23
CA ALA D 460 -43.86 5.63 -33.52
C ALA D 460 -42.92 4.84 -34.41
N ALA D 461 -43.46 3.89 -35.18
CA ALA D 461 -42.62 3.11 -36.09
C ALA D 461 -41.94 4.01 -37.11
N SER D 462 -42.71 4.91 -37.73
CA SER D 462 -42.13 5.78 -38.75
C SER D 462 -41.09 6.73 -38.16
N THR D 463 -41.37 7.30 -36.99
CA THR D 463 -40.42 8.20 -36.34
C THR D 463 -39.13 7.48 -36.02
N ILE D 464 -39.21 6.27 -35.47
CA ILE D 464 -37.99 5.55 -35.14
C ILE D 464 -37.24 5.18 -36.42
N LYS D 465 -37.95 4.82 -37.49
CA LYS D 465 -37.30 4.52 -38.75
C LYS D 465 -36.48 5.71 -39.23
N GLU D 466 -37.12 6.87 -39.35
CA GLU D 466 -36.43 8.05 -39.89
C GLU D 466 -35.27 8.46 -38.99
N VAL D 467 -35.48 8.50 -37.68
CA VAL D 467 -34.43 8.94 -36.78
C VAL D 467 -33.25 7.99 -36.81
N ALA D 468 -33.52 6.68 -36.82
CA ALA D 468 -32.43 5.71 -36.79
C ALA D 468 -31.67 5.70 -38.11
N GLN D 469 -32.36 5.84 -39.24
CA GLN D 469 -31.65 5.90 -40.52
C GLN D 469 -30.79 7.16 -40.59
N ALA D 470 -31.30 8.29 -40.10
CA ALA D 470 -30.51 9.52 -40.12
C ALA D 470 -29.29 9.43 -39.21
N VAL D 471 -29.49 8.97 -37.97
CA VAL D 471 -28.40 8.98 -37.00
C VAL D 471 -27.35 7.93 -37.35
N LEU D 472 -27.78 6.74 -37.77
CA LEU D 472 -26.83 5.69 -38.09
C LEU D 472 -26.09 5.97 -39.38
N LEU D 473 -26.59 6.90 -40.20
CA LEU D 473 -25.89 7.33 -41.41
C LEU D 473 -24.72 8.25 -41.07
N ARG E 8 -60.05 -19.22 51.30
CA ARG E 8 -58.96 -18.49 50.66
C ARG E 8 -57.75 -19.39 50.43
N ALA E 9 -57.69 -20.51 51.17
CA ALA E 9 -56.59 -21.44 50.99
C ALA E 9 -56.63 -22.09 49.61
N TRP E 10 -57.82 -22.35 49.09
CA TRP E 10 -57.93 -23.00 47.79
C TRP E 10 -57.38 -22.11 46.68
N LYS E 11 -57.66 -20.81 46.75
CA LYS E 11 -57.10 -19.90 45.75
C LYS E 11 -55.58 -19.86 45.82
N GLN E 12 -55.03 -19.91 47.04
CA GLN E 12 -53.59 -19.95 47.21
C GLN E 12 -52.99 -21.20 46.57
N MET E 13 -53.63 -22.36 46.81
CA MET E 13 -53.14 -23.60 46.20
C MET E 13 -53.24 -23.54 44.68
N SER E 14 -54.34 -23.00 44.16
CA SER E 14 -54.50 -22.91 42.72
C SER E 14 -53.45 -22.02 42.08
N TRP E 15 -53.14 -20.88 42.72
CA TRP E 15 -52.08 -20.03 42.19
C TRP E 15 -50.72 -20.69 42.30
N PHE E 16 -50.49 -21.47 43.36
CA PHE E 16 -49.24 -22.22 43.43
C PHE E 16 -49.11 -23.19 42.27
N TYR E 17 -50.20 -23.88 41.94
CA TYR E 17 -50.18 -24.79 40.80
C TYR E 17 -49.94 -24.02 39.49
N TYR E 18 -50.55 -22.86 39.35
CA TYR E 18 -50.33 -22.05 38.15
C TYR E 18 -48.86 -21.64 38.04
N GLN E 19 -48.24 -21.29 39.17
CA GLN E 19 -46.81 -20.99 39.17
C GLN E 19 -45.99 -22.20 38.76
N TYR E 20 -46.39 -23.39 39.21
CA TYR E 20 -45.72 -24.61 38.78
C TYR E 20 -45.78 -24.76 37.26
N LEU E 21 -46.97 -24.54 36.69
CA LEU E 21 -47.13 -24.63 35.24
C LEU E 21 -46.24 -23.63 34.52
N LEU E 22 -46.18 -22.39 35.02
CA LEU E 22 -45.34 -21.37 34.38
C LEU E 22 -43.87 -21.74 34.45
N VAL E 23 -43.40 -22.20 35.61
CA VAL E 23 -41.98 -22.45 35.80
C VAL E 23 -41.51 -23.64 34.99
N THR E 24 -42.27 -24.75 35.01
CA THR E 24 -41.82 -25.98 34.37
C THR E 24 -42.23 -26.07 32.89
N ALA E 25 -42.60 -24.95 32.28
CA ALA E 25 -42.92 -24.86 30.85
C ALA E 25 -44.13 -25.69 30.48
N LEU E 26 -44.79 -26.32 31.47
CA LEU E 26 -45.99 -27.10 31.21
C LEU E 26 -47.18 -26.24 30.78
N TYR E 27 -47.08 -24.92 30.92
CA TYR E 27 -48.19 -24.06 30.53
C TYR E 27 -48.47 -24.19 29.04
N MET E 28 -47.41 -24.31 28.24
CA MET E 28 -47.53 -24.40 26.79
C MET E 28 -48.06 -25.75 26.33
N LEU E 29 -47.79 -26.81 27.09
CA LEU E 29 -48.06 -28.17 26.65
C LEU E 29 -49.53 -28.54 26.77
N GLU E 30 -49.97 -29.44 25.90
CA GLU E 30 -51.35 -29.89 25.87
C GLU E 30 -51.67 -30.72 27.10
N PRO E 31 -52.96 -30.87 27.45
CA PRO E 31 -53.30 -31.52 28.72
C PRO E 31 -52.75 -32.92 28.90
N TRP E 32 -52.76 -33.75 27.85
CA TRP E 32 -52.22 -35.08 28.02
C TRP E 32 -50.71 -35.05 28.24
N GLU E 33 -50.02 -34.05 27.69
CA GLU E 33 -48.60 -33.87 27.97
C GLU E 33 -48.39 -33.51 29.44
N ARG E 34 -49.28 -32.69 30.00
CA ARG E 34 -49.20 -32.38 31.42
C ARG E 34 -49.42 -33.64 32.27
N THR E 35 -50.39 -34.48 31.89
CA THR E 35 -50.60 -35.71 32.65
C THR E 35 -49.40 -36.64 32.57
N VAL E 36 -48.79 -36.75 31.38
CA VAL E 36 -47.59 -37.56 31.24
C VAL E 36 -46.50 -37.06 32.18
N PHE E 37 -46.23 -35.74 32.16
CA PHE E 37 -45.15 -35.21 32.98
C PHE E 37 -45.45 -35.36 34.46
N ASN E 38 -46.69 -35.10 34.87
CA ASN E 38 -47.04 -35.24 36.29
C ASN E 38 -46.90 -36.68 36.75
N SER E 39 -47.36 -37.63 35.94
CA SER E 39 -47.21 -39.04 36.30
C SER E 39 -45.74 -39.42 36.42
N MET E 40 -44.92 -38.95 35.49
CA MET E 40 -43.49 -39.25 35.56
C MET E 40 -42.87 -38.70 36.84
N LEU E 41 -43.19 -37.45 37.18
CA LEU E 41 -42.63 -36.83 38.38
C LEU E 41 -43.06 -37.57 39.64
N VAL E 42 -44.35 -37.89 39.75
CA VAL E 42 -44.85 -38.58 40.95
C VAL E 42 -44.23 -39.97 41.04
N SER E 43 -44.08 -40.66 39.91
CA SER E 43 -43.47 -41.99 39.94
C SER E 43 -42.04 -41.93 40.43
N ILE E 44 -41.24 -40.99 39.89
CA ILE E 44 -39.84 -40.89 40.33
C ILE E 44 -39.77 -40.50 41.80
N VAL E 45 -40.64 -39.58 42.24
CA VAL E 45 -40.62 -39.15 43.63
C VAL E 45 -40.97 -40.30 44.56
N GLY E 46 -41.97 -41.09 44.20
CA GLY E 46 -42.33 -42.24 45.02
C GLY E 46 -41.24 -43.29 45.07
N MET E 47 -40.57 -43.53 43.94
CA MET E 47 -39.45 -44.46 43.93
C MET E 47 -38.33 -43.99 44.85
N ALA E 48 -37.99 -42.69 44.79
CA ALA E 48 -36.95 -42.16 45.66
C ALA E 48 -37.36 -42.23 47.12
N LEU E 49 -38.64 -41.98 47.41
CA LEU E 49 -39.12 -42.06 48.78
C LEU E 49 -39.02 -43.49 49.32
N TYR E 50 -39.38 -44.49 48.51
CA TYR E 50 -39.22 -45.88 48.93
C TYR E 50 -37.75 -46.22 49.15
N THR E 51 -36.88 -45.76 48.24
CA THR E 51 -35.45 -46.03 48.39
C THR E 51 -34.91 -45.43 49.67
N GLY E 52 -35.32 -44.21 50.01
CA GLY E 52 -34.92 -43.62 51.27
C GLY E 52 -35.48 -44.36 52.46
N TYR E 53 -36.72 -44.85 52.35
CA TYR E 53 -37.32 -45.61 53.44
C TYR E 53 -36.53 -46.87 53.74
N VAL E 54 -36.10 -47.59 52.69
CA VAL E 54 -35.44 -48.87 52.91
C VAL E 54 -33.93 -48.72 53.13
N PHE E 55 -33.25 -47.87 52.36
CA PHE E 55 -31.80 -47.73 52.48
C PHE E 55 -31.40 -46.65 53.49
N MET E 56 -31.89 -45.42 53.30
CA MET E 56 -31.42 -44.30 54.10
C MET E 56 -31.85 -44.44 55.56
N PRO E 57 -31.05 -43.92 56.49
CA PRO E 57 -31.42 -43.99 57.90
C PRO E 57 -32.63 -43.13 58.23
N GLN E 58 -33.32 -43.51 59.30
CA GLN E 58 -34.47 -42.76 59.77
C GLN E 58 -34.07 -41.46 60.47
N HIS E 59 -32.78 -41.25 60.72
CA HIS E 59 -32.34 -40.01 61.34
C HIS E 59 -32.67 -38.80 60.48
N ILE E 60 -32.65 -38.95 59.16
CA ILE E 60 -33.10 -37.88 58.27
C ILE E 60 -34.57 -37.57 58.51
N MET E 61 -35.39 -38.61 58.68
CA MET E 61 -36.79 -38.41 59.03
C MET E 61 -36.93 -37.73 60.38
N ALA E 62 -36.10 -38.11 61.35
CA ALA E 62 -36.12 -37.45 62.65
C ALA E 62 -35.75 -35.98 62.54
N ILE E 63 -34.73 -35.67 61.72
CA ILE E 63 -34.33 -34.28 61.52
C ILE E 63 -35.45 -33.49 60.86
N LEU E 64 -36.10 -34.08 59.86
CA LEU E 64 -37.21 -33.39 59.20
C LEU E 64 -38.37 -33.15 60.17
N HIS E 65 -38.67 -34.14 61.01
CA HIS E 65 -39.74 -33.97 61.98
C HIS E 65 -39.41 -32.89 62.99
N TYR E 66 -38.16 -32.84 63.45
CA TYR E 66 -37.73 -31.79 64.36
C TYR E 66 -37.83 -30.42 63.71
N PHE E 67 -37.43 -30.33 62.43
CA PHE E 67 -37.53 -29.06 61.72
C PHE E 67 -38.98 -28.61 61.56
N GLU E 68 -39.87 -29.56 61.26
CA GLU E 68 -41.29 -29.22 61.08
C GLU E 68 -41.90 -28.67 62.35
N ILE E 69 -41.58 -29.28 63.50
CA ILE E 69 -42.11 -28.84 64.78
C ILE E 69 -41.16 -27.85 65.44
N GLY F 53 -14.11 12.00 23.31
CA GLY F 53 -15.48 11.61 23.61
C GLY F 53 -16.04 12.30 24.83
N LEU F 54 -16.69 13.44 24.61
CA LEU F 54 -17.23 14.26 25.69
C LEU F 54 -18.75 14.23 25.66
N TYR F 55 -19.36 13.91 26.79
CA TYR F 55 -20.81 13.90 26.93
C TYR F 55 -21.23 15.15 27.68
N LYS F 56 -21.88 16.08 26.97
CA LYS F 56 -22.31 17.33 27.60
C LYS F 56 -23.30 17.07 28.71
N ARG F 57 -24.25 16.17 28.49
CA ARG F 57 -25.18 15.71 29.50
C ARG F 57 -24.84 14.29 29.92
N PRO F 58 -25.25 13.87 31.11
CA PRO F 58 -24.87 12.54 31.58
C PRO F 58 -25.39 11.45 30.67
N PHE F 59 -24.62 10.37 30.57
CA PHE F 59 -24.94 9.22 29.73
C PHE F 59 -25.01 7.99 30.62
N ASN F 60 -26.18 7.75 31.20
CA ASN F 60 -26.40 6.64 32.12
C ASN F 60 -27.35 5.61 31.52
N GLU F 61 -26.92 4.36 31.51
CA GLU F 61 -27.71 3.26 30.97
C GLU F 61 -27.51 2.04 31.85
N ALA F 62 -28.58 1.28 32.07
CA ALA F 62 -28.56 0.17 33.01
C ALA F 62 -29.03 -1.11 32.33
N PHE F 63 -28.18 -2.13 32.34
CA PHE F 63 -28.52 -3.48 31.87
C PHE F 63 -28.27 -4.43 33.03
N GLU F 64 -29.27 -4.59 33.90
CA GLU F 64 -29.10 -5.42 35.07
C GLU F 64 -28.97 -6.90 34.68
N GLU F 65 -28.14 -7.62 35.43
CA GLU F 65 -27.73 -8.96 35.06
C GLU F 65 -28.82 -9.99 35.31
N THR F 66 -28.80 -11.04 34.50
CA THR F 66 -29.70 -12.18 34.69
C THR F 66 -29.47 -12.81 36.05
N PRO F 67 -30.51 -13.04 36.84
CA PRO F 67 -30.32 -13.74 38.12
C PRO F 67 -29.83 -15.16 37.89
N MET F 68 -29.44 -15.82 38.99
CA MET F 68 -29.03 -17.21 38.90
C MET F 68 -30.23 -18.13 38.76
N LEU F 69 -31.11 -18.11 39.76
CA LEU F 69 -32.24 -19.04 39.78
C LEU F 69 -33.11 -18.88 38.54
N VAL F 70 -33.21 -17.67 38.02
CA VAL F 70 -34.01 -17.44 36.82
C VAL F 70 -33.37 -18.12 35.61
N ALA F 71 -32.04 -18.04 35.49
CA ALA F 71 -31.37 -18.73 34.40
C ALA F 71 -31.54 -20.24 34.52
N VAL F 72 -31.43 -20.77 35.74
CA VAL F 72 -31.60 -22.20 35.93
C VAL F 72 -33.00 -22.65 35.53
N LEU F 73 -34.03 -21.89 35.95
CA LEU F 73 -35.40 -22.26 35.62
C LEU F 73 -35.68 -22.09 34.13
N THR F 74 -35.08 -21.08 33.49
CA THR F 74 -35.19 -20.96 32.04
C THR F 74 -34.65 -22.19 31.35
N TYR F 75 -33.49 -22.67 31.79
CA TYR F 75 -32.88 -23.84 31.16
C TYR F 75 -33.73 -25.08 31.40
N VAL F 76 -34.29 -25.24 32.59
CA VAL F 76 -35.17 -26.39 32.85
C VAL F 76 -36.39 -26.34 31.93
N GLY F 77 -36.99 -25.16 31.77
CA GLY F 77 -38.14 -25.05 30.90
C GLY F 77 -37.82 -25.38 29.46
N TYR F 78 -36.69 -24.86 28.97
CA TYR F 78 -36.28 -25.17 27.60
C TYR F 78 -36.00 -26.66 27.44
N GLY F 79 -35.43 -27.29 28.46
CA GLY F 79 -35.21 -28.73 28.39
C GLY F 79 -36.51 -29.51 28.30
N VAL F 80 -37.50 -29.14 29.12
CA VAL F 80 -38.78 -29.85 29.06
C VAL F 80 -39.41 -29.68 27.69
N LEU F 81 -39.37 -28.46 27.15
CA LEU F 81 -39.93 -28.22 25.82
C LEU F 81 -39.20 -29.04 24.76
N THR F 82 -37.88 -29.14 24.87
CA THR F 82 -37.11 -29.90 23.88
C THR F 82 -37.43 -31.39 23.94
N LEU F 83 -37.50 -31.96 25.14
CA LEU F 83 -37.82 -33.38 25.25
C LEU F 83 -39.22 -33.68 24.72
N PHE F 84 -40.21 -32.87 25.11
CA PHE F 84 -41.54 -33.15 24.61
C PHE F 84 -41.68 -32.84 23.13
N GLY F 85 -40.87 -31.93 22.58
CA GLY F 85 -40.82 -31.76 21.15
C GLY F 85 -40.27 -32.98 20.44
N TYR F 86 -39.22 -33.58 21.00
CA TYR F 86 -38.70 -34.83 20.45
C TYR F 86 -39.76 -35.92 20.49
N LEU F 87 -40.49 -36.02 21.60
CA LEU F 87 -41.53 -37.04 21.70
C LEU F 87 -42.64 -36.81 20.68
N ARG F 88 -43.07 -35.56 20.52
CA ARG F 88 -44.11 -35.27 19.55
C ARG F 88 -43.64 -35.53 18.13
N ASP F 89 -42.40 -35.19 17.81
CA ASP F 89 -41.86 -35.49 16.49
C ASP F 89 -41.79 -36.99 16.24
N PHE F 90 -41.39 -37.75 17.27
CA PHE F 90 -41.35 -39.20 17.15
C PHE F 90 -42.73 -39.79 16.89
N LEU F 91 -43.75 -39.30 17.62
CA LEU F 91 -45.11 -39.76 17.38
C LEU F 91 -45.59 -39.36 15.99
N ARG F 92 -45.21 -38.17 15.53
CA ARG F 92 -45.62 -37.73 14.19
C ARG F 92 -44.98 -38.59 13.11
N TYR F 93 -43.72 -38.98 13.30
CA TYR F 93 -43.02 -39.76 12.28
C TYR F 93 -43.67 -41.13 12.08
N TRP F 94 -43.96 -41.83 13.17
CA TRP F 94 -44.57 -43.15 13.11
C TRP F 94 -46.06 -43.09 12.80
N ARG F 95 -46.58 -41.92 12.45
CA ARG F 95 -47.98 -41.73 12.06
C ARG F 95 -48.97 -42.17 13.13
N ILE F 96 -48.51 -42.29 14.37
CA ILE F 96 -49.43 -42.62 15.46
C ILE F 96 -50.37 -41.46 15.73
N GLU F 97 -49.91 -40.24 15.52
CA GLU F 97 -50.71 -39.03 15.73
C GLU F 97 -50.89 -38.30 14.41
N LYS F 98 -52.11 -37.82 14.18
CA LYS F 98 -52.39 -37.03 12.98
C LYS F 98 -51.65 -35.71 13.03
N CYS F 99 -51.10 -35.30 11.89
CA CYS F 99 -50.31 -34.09 11.77
C CYS F 99 -51.07 -33.05 10.95
N HIS F 100 -51.18 -31.85 11.49
CA HIS F 100 -51.83 -30.75 10.76
C HIS F 100 -50.81 -29.95 9.95
N HIS F 101 -50.03 -30.66 9.15
CA HIS F 101 -48.98 -30.04 8.35
C HIS F 101 -49.11 -30.52 6.91
N ALA F 102 -48.79 -29.62 5.98
CA ALA F 102 -48.82 -29.98 4.57
C ALA F 102 -47.65 -30.89 4.23
N THR F 103 -47.90 -31.83 3.32
CA THR F 103 -46.89 -32.79 2.89
C THR F 103 -46.68 -32.65 1.39
N GLU F 104 -45.45 -32.94 0.96
CA GLU F 104 -45.09 -32.76 -0.45
C GLU F 104 -45.99 -33.61 -1.33
N ARG F 105 -46.33 -33.08 -2.51
CA ARG F 105 -47.29 -33.75 -3.37
C ARG F 105 -46.77 -35.12 -3.79
N GLU F 106 -47.71 -36.04 -4.05
CA GLU F 106 -47.37 -37.44 -4.21
C GLU F 106 -46.40 -37.67 -5.36
N GLU F 107 -46.46 -36.86 -6.41
CA GLU F 107 -45.54 -37.02 -7.52
C GLU F 107 -44.14 -36.52 -7.20
N GLN F 108 -43.93 -35.90 -6.04
CA GLN F 108 -42.62 -35.36 -5.67
C GLN F 108 -42.12 -35.93 -4.35
N LYS F 109 -42.60 -37.10 -3.95
CA LYS F 109 -42.12 -37.72 -2.72
C LYS F 109 -40.71 -38.27 -2.89
N ASP F 110 -40.36 -38.71 -4.10
CA ASP F 110 -39.03 -39.24 -4.38
C ASP F 110 -37.98 -38.14 -4.49
N PHE F 111 -38.38 -36.88 -4.60
CA PHE F 111 -37.44 -35.78 -4.59
C PHE F 111 -36.75 -35.70 -3.24
N VAL F 112 -35.57 -35.07 -3.22
CA VAL F 112 -34.92 -34.79 -1.95
C VAL F 112 -35.83 -33.89 -1.12
N SER F 113 -35.92 -34.20 0.17
CA SER F 113 -36.82 -33.45 1.05
C SER F 113 -36.45 -31.97 1.04
N LEU F 114 -37.46 -31.12 0.84
CA LEU F 114 -37.22 -29.69 0.73
C LEU F 114 -36.69 -29.12 2.04
N TYR F 115 -37.34 -29.44 3.16
CA TYR F 115 -36.92 -28.99 4.47
C TYR F 115 -36.30 -30.14 5.24
N GLN F 116 -35.10 -29.93 5.76
CA GLN F 116 -34.54 -30.87 6.72
C GLN F 116 -35.26 -30.71 8.05
N ASP F 117 -35.52 -31.84 8.72
CA ASP F 117 -36.39 -31.82 9.90
C ASP F 117 -35.84 -30.88 10.97
N PHE F 118 -34.59 -31.11 11.38
CA PHE F 118 -34.03 -30.35 12.50
C PHE F 118 -34.07 -28.85 12.23
N GLU F 119 -33.97 -28.45 10.97
CA GLU F 119 -33.97 -27.02 10.64
C GLU F 119 -35.21 -26.34 11.17
N ASN F 120 -36.37 -26.99 11.09
CA ASN F 120 -37.62 -26.40 11.52
C ASN F 120 -38.00 -26.80 12.94
N PHE F 121 -37.12 -27.51 13.66
CA PHE F 121 -37.47 -28.01 14.99
C PHE F 121 -38.09 -26.92 15.84
N TYR F 122 -37.33 -25.85 16.11
CA TYR F 122 -37.79 -24.79 16.99
C TYR F 122 -39.10 -24.19 16.52
N THR F 123 -39.34 -24.16 15.21
CA THR F 123 -40.57 -23.57 14.71
C THR F 123 -41.79 -24.42 15.05
N ARG F 124 -41.67 -25.74 14.98
CA ARG F 124 -42.87 -26.56 15.12
C ARG F 124 -43.18 -26.92 16.56
N ASN F 125 -42.17 -27.02 17.41
CA ASN F 125 -42.38 -27.53 18.76
C ASN F 125 -42.43 -26.44 19.82
N LEU F 126 -41.80 -25.29 19.58
CA LEU F 126 -41.84 -24.19 20.54
C LEU F 126 -42.63 -22.98 20.04
N TYR F 127 -42.31 -22.48 18.85
CA TYR F 127 -42.96 -21.28 18.34
C TYR F 127 -44.43 -21.52 18.06
N MET F 128 -44.78 -22.68 17.52
CA MET F 128 -46.17 -22.95 17.16
C MET F 128 -47.10 -23.01 18.36
N ARG F 129 -46.57 -23.25 19.55
CA ARG F 129 -47.44 -23.34 20.72
C ARG F 129 -47.94 -21.98 21.16
N ILE F 130 -47.15 -20.93 20.93
CA ILE F 130 -47.49 -19.58 21.36
C ILE F 130 -47.56 -18.65 20.16
N ARG F 131 -47.97 -19.19 19.01
CA ARG F 131 -48.07 -18.40 17.79
C ARG F 131 -49.17 -17.36 17.84
N ASP F 132 -50.10 -17.47 18.79
CA ASP F 132 -51.24 -16.57 18.82
C ASP F 132 -50.88 -15.15 19.25
N ASN F 133 -49.65 -14.92 19.73
CA ASN F 133 -49.21 -13.59 20.14
C ASN F 133 -48.60 -12.77 19.01
N TRP F 134 -48.61 -13.29 17.78
CA TRP F 134 -47.97 -12.62 16.67
C TRP F 134 -48.92 -12.62 15.48
N ASN F 135 -48.69 -11.66 14.57
CA ASN F 135 -49.53 -11.49 13.38
C ASN F 135 -50.97 -11.16 13.75
N ARG F 136 -51.17 -10.29 14.72
CA ARG F 136 -52.52 -9.95 15.13
C ARG F 136 -53.13 -9.00 14.11
N PRO F 137 -54.25 -9.37 13.49
CA PRO F 137 -54.84 -8.59 12.39
C PRO F 137 -55.64 -7.36 12.83
N ILE F 138 -54.93 -6.24 13.04
CA ILE F 138 -55.63 -5.01 13.37
C ILE F 138 -56.47 -4.56 12.18
N CYS F 139 -57.50 -3.77 12.47
CA CYS F 139 -58.45 -3.35 11.45
C CYS F 139 -58.81 -1.88 11.61
N SER F 140 -57.83 -1.06 11.98
CA SER F 140 -58.05 0.37 12.15
C SER F 140 -56.70 1.07 12.10
N VAL F 141 -56.73 2.39 12.15
CA VAL F 141 -55.49 3.17 12.11
C VAL F 141 -54.70 2.92 13.39
N PRO F 142 -53.41 2.60 13.32
CA PRO F 142 -52.65 2.21 14.52
C PRO F 142 -52.26 3.40 15.39
N GLY F 143 -53.25 4.13 15.86
CA GLY F 143 -52.99 5.28 16.70
C GLY F 143 -52.69 4.89 18.13
N ALA F 144 -53.16 5.69 19.09
CA ALA F 144 -53.01 5.31 20.48
C ALA F 144 -53.87 4.11 20.83
N ARG F 145 -54.97 3.90 20.10
CA ARG F 145 -55.85 2.77 20.31
C ARG F 145 -56.18 2.14 18.97
N VAL F 146 -56.04 0.82 18.89
CA VAL F 146 -56.22 0.10 17.64
C VAL F 146 -57.28 -0.99 17.86
N ASP F 147 -57.96 -1.36 16.79
CA ASP F 147 -58.99 -2.39 16.83
C ASP F 147 -58.39 -3.68 16.29
N ILE F 148 -58.41 -4.73 17.11
CA ILE F 148 -57.82 -6.02 16.77
C ILE F 148 -58.93 -7.01 16.49
N MET F 149 -58.87 -7.65 15.34
CA MET F 149 -59.86 -8.67 15.00
C MET F 149 -59.60 -9.94 15.81
N GLU F 150 -60.66 -10.49 16.39
CA GLU F 150 -60.54 -11.60 17.31
C GLU F 150 -60.50 -12.92 16.56
N ARG F 151 -59.55 -13.77 16.90
CA ARG F 151 -59.35 -15.05 16.26
C ARG F 151 -59.08 -16.12 17.31
N GLN F 152 -59.51 -17.35 17.03
CA GLN F 152 -59.36 -18.47 17.94
C GLN F 152 -58.96 -19.70 17.16
N SER F 153 -58.26 -20.62 17.83
CA SER F 153 -57.76 -21.83 17.20
C SER F 153 -58.21 -23.05 18.00
N HIS F 154 -58.82 -24.01 17.30
CA HIS F 154 -59.19 -25.28 17.90
C HIS F 154 -58.14 -26.37 17.69
N ASP F 155 -57.11 -26.10 16.89
CA ASP F 155 -56.08 -27.07 16.58
C ASP F 155 -54.77 -26.76 17.29
N TYR F 156 -54.84 -26.05 18.41
CA TYR F 156 -53.67 -25.58 19.14
C TYR F 156 -52.73 -24.78 18.22
N ASN F 157 -53.27 -23.67 17.72
CA ASN F 157 -52.55 -22.62 16.99
C ASN F 157 -52.06 -23.07 15.62
N TRP F 158 -52.47 -24.25 15.15
CA TRP F 158 -52.08 -24.66 13.80
C TRP F 158 -52.88 -23.92 12.74
N SER F 159 -54.16 -23.64 13.01
CA SER F 159 -55.02 -22.91 12.09
C SER F 159 -55.95 -22.03 12.88
N PHE F 160 -56.13 -20.79 12.41
CA PHE F 160 -56.91 -19.78 13.11
C PHE F 160 -58.19 -19.48 12.37
N LYS F 161 -59.30 -19.39 13.10
CA LYS F 161 -60.59 -19.03 12.55
C LYS F 161 -61.02 -17.71 13.16
N TYR F 162 -61.48 -16.78 12.32
CA TYR F 162 -61.83 -15.44 12.77
C TYR F 162 -63.26 -15.43 13.27
N THR F 163 -63.42 -15.27 14.58
CA THR F 163 -64.74 -15.06 15.14
C THR F 163 -65.27 -13.69 14.75
N GLY F 164 -66.57 -13.50 14.92
CA GLY F 164 -67.19 -12.27 14.47
C GLY F 164 -66.71 -11.04 15.21
N ASN F 165 -66.51 -11.15 16.52
CA ASN F 165 -66.23 -9.99 17.35
C ASN F 165 -64.90 -9.35 16.96
N ILE F 166 -64.84 -8.03 17.11
CA ILE F 166 -63.60 -7.27 16.98
C ILE F 166 -63.35 -6.54 18.29
N ILE F 167 -62.15 -6.68 18.82
CA ILE F 167 -61.79 -6.05 20.09
C ILE F 167 -61.52 -4.57 19.82
N LYS F 168 -62.23 -3.70 20.52
CA LYS F 168 -62.18 -2.26 20.26
C LYS F 168 -61.45 -1.55 21.39
N GLY F 169 -60.73 -0.49 21.04
CA GLY F 169 -60.04 0.32 22.03
C GLY F 169 -58.89 -0.38 22.73
N VAL F 170 -58.13 -1.19 22.01
CA VAL F 170 -56.93 -1.80 22.59
C VAL F 170 -55.83 -0.75 22.65
N ILE F 171 -55.27 -0.54 23.83
CA ILE F 171 -54.13 0.35 23.97
C ILE F 171 -52.96 -0.25 23.21
N ASN F 172 -52.38 0.53 22.31
CA ASN F 172 -51.41 0.02 21.34
C ASN F 172 -50.01 0.39 21.79
N MET F 173 -49.23 -0.60 22.19
CA MET F 173 -47.84 -0.42 22.60
C MET F 173 -46.89 -1.24 21.72
N GLY F 174 -47.30 -1.50 20.47
CA GLY F 174 -46.45 -2.25 19.57
C GLY F 174 -46.22 -1.53 18.26
N SER F 175 -46.93 -0.44 18.04
CA SER F 175 -46.79 0.36 16.84
C SER F 175 -45.69 1.40 17.02
N TYR F 176 -45.14 1.84 15.90
CA TYR F 176 -43.90 2.61 15.88
C TYR F 176 -44.10 4.11 15.78
N ASN F 177 -45.33 4.61 15.85
CA ASN F 177 -45.54 6.05 15.63
C ASN F 177 -45.05 6.82 16.86
N TYR F 178 -43.73 7.05 16.89
CA TYR F 178 -43.15 7.76 18.03
C TYR F 178 -43.71 9.17 18.15
N LEU F 179 -43.85 9.87 17.03
CA LEU F 179 -44.36 11.23 17.05
C LEU F 179 -45.87 11.30 16.84
N GLY F 180 -46.52 10.16 16.66
CA GLY F 180 -47.98 10.14 16.53
C GLY F 180 -48.50 10.79 15.26
N PHE F 181 -47.88 10.51 14.12
CA PHE F 181 -48.36 11.00 12.84
C PHE F 181 -49.29 10.02 12.14
N ALA F 182 -49.61 8.88 12.76
CA ALA F 182 -50.48 7.88 12.14
C ALA F 182 -51.93 8.24 12.45
N ARG F 183 -52.52 9.07 11.60
CA ARG F 183 -53.91 9.48 11.73
C ARG F 183 -54.58 9.41 10.37
N ASN F 184 -55.88 9.17 10.37
CA ASN F 184 -56.68 9.15 9.15
C ASN F 184 -57.31 10.49 8.84
N THR F 185 -57.00 11.52 9.62
CA THR F 185 -57.44 12.88 9.33
C THR F 185 -56.30 13.85 9.63
N GLY F 186 -56.33 15.00 8.96
CA GLY F 186 -55.30 16.00 9.17
C GLY F 186 -54.79 16.60 7.88
N SER F 187 -53.80 17.50 7.99
CA SER F 187 -53.24 18.12 6.79
C SER F 187 -52.50 17.11 5.93
N CYS F 188 -51.75 16.19 6.54
CA CYS F 188 -50.99 15.22 5.78
C CYS F 188 -51.91 14.33 4.94
N GLN F 189 -53.00 13.87 5.53
CA GLN F 189 -53.92 12.99 4.82
C GLN F 189 -54.58 13.71 3.65
N GLU F 190 -54.97 14.97 3.83
CA GLU F 190 -55.58 15.71 2.74
C GLU F 190 -54.59 15.98 1.61
N ALA F 191 -53.35 16.30 1.95
CA ALA F 191 -52.33 16.48 0.92
C ALA F 191 -52.08 15.19 0.16
N ALA F 192 -52.03 14.06 0.88
CA ALA F 192 -51.86 12.78 0.22
C ALA F 192 -53.05 12.46 -0.68
N ALA F 193 -54.25 12.87 -0.28
CA ALA F 193 -55.42 12.66 -1.13
C ALA F 193 -55.32 13.49 -2.40
N LYS F 194 -54.84 14.73 -2.30
CA LYS F 194 -54.64 15.55 -3.51
C LYS F 194 -53.64 14.89 -4.46
N VAL F 195 -52.51 14.43 -3.91
CA VAL F 195 -51.49 13.82 -4.75
C VAL F 195 -52.00 12.51 -5.35
N LEU F 196 -52.81 11.77 -4.60
CA LEU F 196 -53.39 10.55 -5.15
C LEU F 196 -54.34 10.87 -6.29
N GLU F 197 -55.15 11.92 -6.15
CA GLU F 197 -56.06 12.30 -7.23
C GLU F 197 -55.30 12.73 -8.47
N GLU F 198 -54.19 13.45 -8.30
CA GLU F 198 -53.47 13.96 -9.46
C GLU F 198 -52.54 12.92 -10.07
N TYR F 199 -51.53 12.49 -9.32
CA TYR F 199 -50.49 11.61 -9.84
C TYR F 199 -50.97 10.17 -9.97
N GLY F 200 -51.74 9.68 -9.01
CA GLY F 200 -52.13 8.29 -8.98
C GLY F 200 -51.25 7.46 -8.07
N ALA F 201 -51.73 6.26 -7.74
CA ALA F 201 -51.02 5.39 -6.83
C ALA F 201 -49.97 4.58 -7.58
N GLY F 202 -48.73 4.66 -7.12
CA GLY F 202 -47.67 3.87 -7.69
C GLY F 202 -47.11 4.42 -9.00
N VAL F 203 -45.80 4.33 -9.15
CA VAL F 203 -45.12 4.66 -10.40
C VAL F 203 -44.64 3.35 -11.01
N CYS F 204 -44.54 3.32 -12.34
CA CYS F 204 -44.41 2.07 -13.06
C CYS F 204 -43.05 1.87 -13.71
N SER F 205 -42.03 2.62 -13.31
CA SER F 205 -40.72 2.41 -13.92
C SER F 205 -39.62 2.88 -12.98
N THR F 206 -38.39 2.45 -13.30
CA THR F 206 -37.24 2.72 -12.46
C THR F 206 -36.88 4.19 -12.47
N ARG F 207 -36.10 4.62 -11.47
CA ARG F 207 -35.73 6.03 -11.35
C ARG F 207 -34.96 6.51 -12.57
N GLN F 208 -33.99 5.71 -13.03
CA GLN F 208 -33.12 6.19 -14.10
C GLN F 208 -33.88 6.40 -15.39
N GLU F 209 -34.83 5.53 -15.73
CA GLU F 209 -35.39 5.56 -17.07
C GLU F 209 -36.49 6.61 -17.22
N ILE F 210 -37.66 6.39 -16.61
CA ILE F 210 -38.73 7.38 -16.71
C ILE F 210 -39.41 7.54 -15.37
N GLY F 211 -39.01 6.75 -14.38
CA GLY F 211 -39.68 6.76 -13.11
C GLY F 211 -39.29 7.87 -12.18
N ASN F 212 -38.40 8.76 -12.59
CA ASN F 212 -38.09 9.93 -11.78
C ASN F 212 -39.12 11.03 -12.05
N LEU F 213 -39.64 11.61 -11.00
CA LEU F 213 -40.67 12.64 -11.08
C LEU F 213 -40.17 13.89 -10.37
N ASP F 214 -41.05 14.88 -10.25
CA ASP F 214 -40.70 16.08 -9.50
C ASP F 214 -40.83 15.88 -7.99
N LYS F 215 -41.79 15.07 -7.55
CA LYS F 215 -42.00 14.85 -6.12
C LYS F 215 -40.77 14.24 -5.49
N HIS F 216 -40.10 13.33 -6.18
CA HIS F 216 -38.91 12.70 -5.63
C HIS F 216 -37.81 13.74 -5.41
N GLU F 217 -37.65 14.67 -6.35
CA GLU F 217 -36.64 15.72 -6.18
C GLU F 217 -37.00 16.65 -5.02
N GLU F 218 -38.28 17.00 -4.89
CA GLU F 218 -38.69 17.82 -3.75
C GLU F 218 -38.40 17.12 -2.44
N LEU F 219 -38.72 15.82 -2.35
CA LEU F 219 -38.46 15.09 -1.13
C LEU F 219 -36.97 15.01 -0.83
N GLU F 220 -36.15 14.79 -1.85
CA GLU F 220 -34.72 14.68 -1.62
C GLU F 220 -34.13 15.99 -1.11
N GLU F 221 -34.52 17.11 -1.70
CA GLU F 221 -33.99 18.39 -1.21
C GLU F 221 -34.53 18.69 0.19
N LEU F 222 -35.79 18.33 0.47
CA LEU F 222 -36.33 18.57 1.80
C LEU F 222 -35.60 17.74 2.85
N VAL F 223 -35.28 16.49 2.53
CA VAL F 223 -34.53 15.65 3.46
C VAL F 223 -33.15 16.25 3.70
N ALA F 224 -32.50 16.71 2.62
CA ALA F 224 -31.17 17.29 2.77
C ALA F 224 -31.20 18.51 3.67
N ARG F 225 -32.25 19.34 3.56
CA ARG F 225 -32.39 20.48 4.48
C ARG F 225 -32.70 20.01 5.89
N PHE F 226 -33.52 18.97 6.04
CA PHE F 226 -33.89 18.47 7.35
C PHE F 226 -32.67 18.03 8.14
N LEU F 227 -31.93 17.04 7.62
CA LEU F 227 -30.78 16.52 8.36
C LEU F 227 -29.72 17.60 8.56
N GLY F 228 -29.53 18.45 7.57
CA GLY F 228 -28.45 19.41 7.57
C GLY F 228 -27.29 19.06 6.66
N VAL F 229 -27.23 17.84 6.16
CA VAL F 229 -26.16 17.42 5.26
C VAL F 229 -26.41 18.00 3.87
N GLU F 230 -25.40 17.92 2.99
CA GLU F 230 -25.48 18.59 1.70
C GLU F 230 -26.55 17.98 0.81
N ALA F 231 -26.59 16.65 0.73
CA ALA F 231 -27.53 16.01 -0.19
C ALA F 231 -28.04 14.72 0.41
N ALA F 232 -29.16 14.24 -0.13
CA ALA F 232 -29.76 13.00 0.32
C ALA F 232 -30.59 12.40 -0.79
N MET F 233 -30.74 11.08 -0.75
CA MET F 233 -31.48 10.31 -1.74
C MET F 233 -32.49 9.42 -1.05
N ALA F 234 -33.64 9.23 -1.70
CA ALA F 234 -34.76 8.52 -1.09
C ALA F 234 -35.04 7.21 -1.83
N TYR F 235 -35.35 6.17 -1.07
CA TYR F 235 -35.65 4.84 -1.60
C TYR F 235 -37.01 4.40 -1.07
N GLY F 236 -37.52 3.30 -1.64
CA GLY F 236 -38.82 2.79 -1.29
C GLY F 236 -38.86 1.76 -0.19
N MET F 237 -37.72 1.47 0.45
CA MET F 237 -37.66 0.47 1.51
C MET F 237 -36.35 0.61 2.28
N GLY F 238 -36.42 0.76 3.60
CA GLY F 238 -35.21 0.91 4.38
C GLY F 238 -34.34 -0.34 4.34
N PHE F 239 -34.98 -1.51 4.42
CA PHE F 239 -34.27 -2.77 4.20
C PHE F 239 -33.52 -2.73 2.88
N ALA F 240 -34.22 -2.30 1.82
CA ALA F 240 -33.59 -2.17 0.52
C ALA F 240 -32.49 -1.12 0.54
N THR F 241 -32.70 -0.01 1.26
CA THR F 241 -31.66 1.00 1.38
C THR F 241 -30.35 0.40 1.87
N ASN F 242 -30.40 -0.32 3.00
CA ASN F 242 -29.19 -0.91 3.54
C ASN F 242 -28.63 -1.95 2.59
N SER F 243 -29.44 -2.93 2.20
CA SER F 243 -28.96 -4.07 1.43
C SER F 243 -28.54 -3.70 0.02
N MET F 244 -28.86 -2.49 -0.44
CA MET F 244 -28.56 -2.08 -1.79
C MET F 244 -27.59 -0.93 -1.87
N ASN F 245 -27.26 -0.28 -0.75
CA ASN F 245 -26.23 0.74 -0.77
C ASN F 245 -25.00 0.41 0.04
N ILE F 246 -25.05 -0.56 0.94
CA ILE F 246 -23.81 -1.02 1.57
C ILE F 246 -22.91 -1.70 0.53
N PRO F 247 -23.41 -2.59 -0.34
CA PRO F 247 -22.52 -3.21 -1.32
C PRO F 247 -21.91 -2.24 -2.32
N ALA F 248 -22.51 -1.07 -2.53
CA ALA F 248 -21.93 -0.11 -3.46
C ALA F 248 -20.72 0.61 -2.87
N LEU F 249 -20.72 0.85 -1.56
CA LEU F 249 -19.65 1.61 -0.94
C LEU F 249 -18.36 0.81 -0.81
N VAL F 250 -18.46 -0.46 -0.44
CA VAL F 250 -17.29 -1.28 -0.15
C VAL F 250 -17.28 -2.50 -1.08
N GLY F 251 -16.17 -3.21 -1.06
CA GLY F 251 -16.01 -4.39 -1.86
C GLY F 251 -14.93 -5.28 -1.28
N LYS F 252 -14.37 -6.13 -2.13
CA LYS F 252 -13.27 -6.98 -1.70
C LYS F 252 -12.06 -6.13 -1.35
N GLY F 253 -11.37 -6.51 -0.28
CA GLY F 253 -10.23 -5.76 0.18
C GLY F 253 -10.54 -4.66 1.15
N CYS F 254 -11.72 -4.65 1.76
CA CYS F 254 -12.09 -3.67 2.75
C CYS F 254 -12.62 -4.39 3.98
N LEU F 255 -12.57 -3.73 5.12
CA LEU F 255 -13.03 -4.30 6.37
C LEU F 255 -14.30 -3.60 6.83
N ILE F 256 -15.26 -4.39 7.30
CA ILE F 256 -16.52 -3.89 7.81
C ILE F 256 -16.59 -4.27 9.28
N LEU F 257 -16.56 -3.27 10.16
CA LEU F 257 -16.67 -3.49 11.60
C LEU F 257 -18.11 -3.22 12.00
N SER F 258 -18.85 -4.29 12.29
CA SER F 258 -20.26 -4.16 12.60
C SER F 258 -20.50 -4.51 14.07
N ASP F 259 -21.47 -3.83 14.66
CA ASP F 259 -21.84 -4.06 16.04
C ASP F 259 -22.30 -5.51 16.23
N GLU F 260 -22.39 -5.93 17.49
CA GLU F 260 -22.87 -7.28 17.76
C GLU F 260 -24.34 -7.43 17.38
N LEU F 261 -25.14 -6.41 17.66
CA LEU F 261 -26.59 -6.47 17.41
C LEU F 261 -26.93 -5.43 16.35
N ASN F 262 -26.80 -5.81 15.09
CA ASN F 262 -27.25 -4.98 13.98
C ASN F 262 -28.50 -5.59 13.36
N HIS F 263 -29.32 -4.73 12.77
CA HIS F 263 -30.50 -5.18 12.06
C HIS F 263 -30.09 -6.14 10.95
N ALA F 264 -30.99 -7.05 10.60
CA ALA F 264 -30.68 -8.04 9.57
C ALA F 264 -30.37 -7.39 8.24
N SER F 265 -30.87 -6.19 7.98
CA SER F 265 -30.56 -5.51 6.73
C SER F 265 -29.08 -5.16 6.63
N LEU F 266 -28.50 -4.65 7.72
CA LEU F 266 -27.08 -4.30 7.69
C LEU F 266 -26.21 -5.54 7.54
N VAL F 267 -26.55 -6.62 8.23
CA VAL F 267 -25.79 -7.87 8.10
C VAL F 267 -25.88 -8.41 6.68
N LEU F 268 -27.09 -8.39 6.10
CA LEU F 268 -27.26 -8.86 4.73
C LEU F 268 -26.48 -7.99 3.75
N GLY F 269 -26.53 -6.68 3.93
CA GLY F 269 -25.78 -5.80 3.05
C GLY F 269 -24.29 -6.02 3.14
N ALA F 270 -23.79 -6.25 4.36
CA ALA F 270 -22.38 -6.56 4.52
C ALA F 270 -22.01 -7.89 3.87
N ARG F 271 -22.89 -8.89 3.99
CA ARG F 271 -22.61 -10.19 3.39
C ARG F 271 -22.60 -10.12 1.86
N LEU F 272 -23.53 -9.35 1.28
CA LEU F 272 -23.61 -9.28 -0.18
C LEU F 272 -22.33 -8.70 -0.77
N SER F 273 -21.77 -7.67 -0.14
CA SER F 273 -20.47 -7.18 -0.54
C SER F 273 -19.39 -8.13 -0.06
N GLY F 274 -18.27 -8.15 -0.78
CA GLY F 274 -17.22 -9.10 -0.47
C GLY F 274 -16.32 -8.74 0.69
N ALA F 275 -16.57 -7.61 1.35
CA ALA F 275 -15.67 -7.13 2.39
C ALA F 275 -15.65 -8.10 3.58
N THR F 276 -14.48 -8.18 4.22
CA THR F 276 -14.35 -8.98 5.43
C THR F 276 -15.14 -8.35 6.56
N ILE F 277 -15.82 -9.18 7.35
CA ILE F 277 -16.73 -8.72 8.39
C ILE F 277 -16.19 -9.17 9.74
N ARG F 278 -15.97 -8.20 10.63
CA ARG F 278 -15.55 -8.48 11.99
C ARG F 278 -16.53 -7.81 12.95
N ILE F 279 -16.85 -8.51 14.03
CA ILE F 279 -17.91 -8.11 14.94
C ILE F 279 -17.28 -7.73 16.27
N PHE F 280 -17.59 -6.54 16.76
CA PHE F 280 -17.14 -6.10 18.07
C PHE F 280 -18.30 -6.13 19.05
N LYS F 281 -17.96 -6.23 20.34
CA LYS F 281 -18.96 -6.36 21.38
C LYS F 281 -19.87 -5.14 21.42
N HIS F 282 -21.12 -5.35 21.79
CA HIS F 282 -22.13 -4.31 21.70
C HIS F 282 -21.76 -3.12 22.58
N ASN F 283 -21.51 -1.98 21.93
CA ASN F 283 -21.21 -0.72 22.60
C ASN F 283 -20.07 -0.87 23.60
N ASN F 284 -19.01 -1.57 23.17
CA ASN F 284 -17.81 -1.74 23.98
C ASN F 284 -16.67 -1.09 23.21
N MET F 285 -16.33 0.15 23.59
CA MET F 285 -15.40 0.92 22.79
C MET F 285 -13.99 0.39 22.88
N GLN F 286 -13.66 -0.31 23.97
CA GLN F 286 -12.36 -0.97 24.05
C GLN F 286 -12.21 -2.02 22.95
N SER F 287 -13.26 -2.81 22.71
CA SER F 287 -13.20 -3.83 21.68
C SER F 287 -13.11 -3.20 20.29
N LEU F 288 -13.84 -2.12 20.06
CA LEU F 288 -13.73 -1.40 18.79
C LEU F 288 -12.32 -0.89 18.57
N GLU F 289 -11.72 -0.30 19.61
CA GLU F 289 -10.37 0.23 19.47
C GLU F 289 -9.36 -0.87 19.21
N LYS F 290 -9.48 -1.99 19.92
CA LYS F 290 -8.57 -3.10 19.69
C LYS F 290 -8.70 -3.65 18.28
N LEU F 291 -9.94 -3.80 17.80
CA LEU F 291 -10.15 -4.29 16.45
C LEU F 291 -9.58 -3.32 15.41
N LEU F 292 -9.76 -2.02 15.62
CA LEU F 292 -9.21 -1.04 14.70
C LEU F 292 -7.69 -1.10 14.66
N LYS F 293 -7.05 -1.18 15.83
CA LYS F 293 -5.59 -1.22 15.85
C LYS F 293 -5.07 -2.48 15.18
N ASP F 294 -5.66 -3.63 15.50
CA ASP F 294 -5.19 -4.88 14.90
C ASP F 294 -5.43 -4.89 13.39
N ALA F 295 -6.57 -4.34 12.94
CA ALA F 295 -6.85 -4.31 11.52
C ALA F 295 -5.87 -3.42 10.77
N ILE F 296 -5.58 -2.24 11.32
CA ILE F 296 -4.66 -1.33 10.64
C ILE F 296 -3.25 -1.90 10.63
N VAL F 297 -2.84 -2.55 11.72
CA VAL F 297 -1.47 -3.03 11.83
C VAL F 297 -1.27 -4.31 11.01
N TYR F 298 -2.01 -5.37 11.34
CA TYR F 298 -1.75 -6.67 10.75
C TYR F 298 -2.30 -6.83 9.34
N GLY F 299 -3.08 -5.87 8.85
CA GLY F 299 -3.53 -5.93 7.47
C GLY F 299 -4.46 -7.10 7.19
N GLN F 300 -4.53 -7.46 5.90
CA GLN F 300 -5.45 -8.49 5.45
C GLN F 300 -5.04 -9.86 5.98
N PRO F 301 -5.96 -10.82 6.02
CA PRO F 301 -5.68 -12.09 6.71
C PRO F 301 -4.59 -12.94 6.06
N ARG F 302 -4.69 -13.17 4.76
CA ARG F 302 -3.73 -14.06 4.09
C ARG F 302 -2.52 -13.29 3.57
N THR F 303 -2.75 -12.34 2.67
CA THR F 303 -1.69 -11.50 2.12
C THR F 303 -1.71 -10.20 2.90
N ARG F 304 -0.72 -10.01 3.78
CA ARG F 304 -0.86 -8.98 4.80
C ARG F 304 -0.63 -7.59 4.23
N ARG F 305 -1.39 -7.25 3.20
CA ARG F 305 -1.41 -5.91 2.64
C ARG F 305 -2.34 -5.02 3.44
N PRO F 306 -2.17 -3.70 3.36
CA PRO F 306 -3.08 -2.80 4.07
C PRO F 306 -4.49 -2.85 3.49
N TRP F 307 -5.46 -2.58 4.36
CA TRP F 307 -6.85 -2.54 3.94
C TRP F 307 -7.09 -1.35 3.03
N LYS F 308 -7.94 -1.54 2.01
CA LYS F 308 -8.34 -0.39 1.20
C LYS F 308 -9.14 0.61 2.02
N LYS F 309 -10.06 0.13 2.85
CA LYS F 309 -10.96 0.98 3.62
C LYS F 309 -11.38 0.22 4.87
N ILE F 310 -11.83 0.97 5.87
CA ILE F 310 -12.41 0.40 7.08
C ILE F 310 -13.72 1.12 7.35
N LEU F 311 -14.81 0.36 7.45
CA LEU F 311 -16.15 0.91 7.61
C LEU F 311 -16.77 0.40 8.91
N ILE F 312 -17.41 1.29 9.65
CA ILE F 312 -18.03 0.97 10.93
C ILE F 312 -19.54 1.14 10.77
N LEU F 313 -20.27 0.05 10.95
CA LEU F 313 -21.73 0.05 10.85
C LEU F 313 -22.31 0.13 12.25
N VAL F 314 -23.04 1.20 12.54
CA VAL F 314 -23.67 1.37 13.85
C VAL F 314 -25.10 1.87 13.65
N GLU F 315 -25.89 1.78 14.72
CA GLU F 315 -27.29 2.17 14.71
C GLU F 315 -27.53 3.30 15.70
N GLY F 316 -28.61 4.05 15.47
CA GLY F 316 -28.98 5.10 16.39
C GLY F 316 -29.49 4.54 17.71
N ILE F 317 -30.66 3.91 17.68
CA ILE F 317 -31.20 3.19 18.83
C ILE F 317 -31.37 1.74 18.43
N TYR F 318 -30.87 0.83 19.27
CA TYR F 318 -31.10 -0.58 19.06
C TYR F 318 -32.45 -0.94 19.65
N SER F 319 -33.38 -1.37 18.79
CA SER F 319 -34.78 -1.49 19.20
C SER F 319 -34.95 -2.51 20.31
N MET F 320 -34.32 -3.68 20.18
CA MET F 320 -34.48 -4.72 21.20
C MET F 320 -33.84 -4.29 22.53
N GLU F 321 -32.60 -3.81 22.49
CA GLU F 321 -31.92 -3.44 23.72
C GLU F 321 -32.44 -2.12 24.27
N GLY F 322 -32.71 -1.16 23.40
CA GLY F 322 -33.06 0.17 23.83
C GLY F 322 -31.87 1.09 24.09
N SER F 323 -30.65 0.63 23.80
CA SER F 323 -29.46 1.37 24.13
C SER F 323 -29.10 2.33 23.01
N ILE F 324 -28.78 3.57 23.38
CA ILE F 324 -28.31 4.56 22.41
C ILE F 324 -26.81 4.38 22.22
N VAL F 325 -26.35 4.53 20.98
CA VAL F 325 -24.94 4.29 20.68
C VAL F 325 -24.11 5.43 21.23
N ARG F 326 -22.90 5.09 21.72
CA ARG F 326 -21.97 6.10 22.22
C ARG F 326 -21.34 6.79 21.01
N LEU F 327 -22.07 7.74 20.46
CA LEU F 327 -21.62 8.40 19.24
C LEU F 327 -20.33 9.20 19.40
N PRO F 328 -20.15 10.03 20.44
CA PRO F 328 -18.90 10.82 20.51
C PRO F 328 -17.64 9.97 20.51
N GLU F 329 -17.65 8.83 21.19
CA GLU F 329 -16.48 7.98 21.18
C GLU F 329 -16.29 7.31 19.84
N VAL F 330 -17.39 6.96 19.17
CA VAL F 330 -17.27 6.39 17.82
C VAL F 330 -16.61 7.39 16.89
N ILE F 331 -17.03 8.65 16.95
CA ILE F 331 -16.45 9.67 16.07
C ILE F 331 -14.99 9.93 16.46
N ALA F 332 -14.69 9.91 17.76
CA ALA F 332 -13.31 10.12 18.19
C ALA F 332 -12.40 9.03 17.62
N LEU F 333 -12.78 7.76 17.78
CA LEU F 333 -11.98 6.67 17.24
C LEU F 333 -11.93 6.72 15.72
N LYS F 334 -13.03 7.12 15.07
CA LYS F 334 -13.04 7.24 13.62
C LYS F 334 -12.01 8.25 13.15
N LYS F 335 -12.01 9.43 13.75
CA LYS F 335 -11.05 10.46 13.34
C LYS F 335 -9.62 10.07 13.68
N LYS F 336 -9.44 9.38 14.81
CA LYS F 336 -8.10 8.98 15.21
C LYS F 336 -7.52 7.93 14.27
N TYR F 337 -8.31 6.93 13.88
CA TYR F 337 -7.82 5.83 13.07
C TYR F 337 -8.23 5.91 11.61
N LYS F 338 -8.83 7.02 11.19
CA LYS F 338 -9.15 7.28 9.78
C LYS F 338 -10.07 6.19 9.21
N ALA F 339 -11.16 5.92 9.90
CA ALA F 339 -12.17 4.99 9.42
C ALA F 339 -13.34 5.78 8.82
N TYR F 340 -14.35 5.05 8.35
CA TYR F 340 -15.57 5.65 7.82
C TYR F 340 -16.75 5.17 8.63
N LEU F 341 -17.79 5.99 8.71
CA LEU F 341 -18.92 5.73 9.60
C LEU F 341 -20.21 5.64 8.81
N TYR F 342 -20.94 4.55 9.03
CA TYR F 342 -22.29 4.34 8.52
C TYR F 342 -23.22 4.31 9.72
N LEU F 343 -24.18 5.22 9.75
CA LEU F 343 -25.06 5.39 10.92
C LEU F 343 -26.49 5.17 10.50
N ASP F 344 -27.07 4.06 10.95
CA ASP F 344 -28.48 3.75 10.71
C ASP F 344 -29.31 4.45 11.79
N GLU F 345 -30.13 5.41 11.37
CA GLU F 345 -30.96 6.19 12.28
C GLU F 345 -32.43 5.88 12.08
N ALA F 346 -32.76 4.60 11.93
CA ALA F 346 -34.16 4.24 11.70
C ALA F 346 -35.03 4.62 12.89
N HIS F 347 -34.57 4.37 14.10
CA HIS F 347 -35.38 4.57 15.29
C HIS F 347 -35.21 5.93 15.94
N SER F 348 -34.14 6.66 15.62
CA SER F 348 -33.79 7.87 16.33
C SER F 348 -34.03 9.14 15.53
N ILE F 349 -34.52 9.04 14.30
CA ILE F 349 -34.59 10.22 13.44
C ILE F 349 -35.74 11.14 13.82
N GLY F 350 -36.80 10.62 14.41
CA GLY F 350 -37.89 11.48 14.81
C GLY F 350 -38.07 11.56 16.31
N ALA F 351 -37.51 10.58 17.02
CA ALA F 351 -37.67 10.54 18.47
C ALA F 351 -36.64 11.42 19.17
N LEU F 352 -35.36 11.11 19.00
CA LEU F 352 -34.31 11.75 19.77
C LEU F 352 -34.00 13.15 19.26
N GLY F 353 -33.60 14.02 20.17
CA GLY F 353 -33.22 15.37 19.83
C GLY F 353 -34.23 16.40 20.30
N PRO F 354 -33.74 17.58 20.69
CA PRO F 354 -34.67 18.63 21.16
C PRO F 354 -35.66 19.07 20.10
N THR F 355 -35.27 19.03 18.83
CA THR F 355 -36.18 19.26 17.70
C THR F 355 -36.32 18.04 16.80
N GLY F 356 -35.83 16.88 17.23
CA GLY F 356 -36.00 15.66 16.46
C GLY F 356 -35.26 15.57 15.15
N ARG F 357 -34.01 16.00 15.10
CA ARG F 357 -33.18 15.83 13.91
C ARG F 357 -32.37 14.55 13.95
N GLY F 358 -32.44 13.78 15.03
CA GLY F 358 -31.77 12.51 15.10
C GLY F 358 -30.99 12.38 16.39
N VAL F 359 -29.98 11.52 16.36
CA VAL F 359 -29.09 11.35 17.50
C VAL F 359 -27.93 12.34 17.45
N VAL F 360 -27.56 12.83 16.26
CA VAL F 360 -26.49 13.81 16.17
C VAL F 360 -26.91 15.13 16.82
N GLU F 361 -28.19 15.51 16.72
CA GLU F 361 -28.65 16.66 17.49
C GLU F 361 -28.72 16.32 18.97
N TYR F 362 -29.12 15.10 19.29
CA TYR F 362 -29.21 14.69 20.69
C TYR F 362 -27.89 14.86 21.41
N PHE F 363 -26.81 14.34 20.82
CA PHE F 363 -25.49 14.53 21.39
C PHE F 363 -24.90 15.91 21.09
N GLY F 364 -25.51 16.67 20.18
CA GLY F 364 -25.02 17.98 19.83
C GLY F 364 -23.88 18.00 18.85
N LEU F 365 -23.49 16.85 18.30
CA LEU F 365 -22.34 16.79 17.41
C LEU F 365 -22.68 17.41 16.05
N ASP F 366 -21.71 17.37 15.15
CA ASP F 366 -21.82 17.94 13.81
C ASP F 366 -22.22 16.86 12.82
N PRO F 367 -23.27 17.07 12.02
CA PRO F 367 -23.67 16.06 11.04
C PRO F 367 -22.61 15.81 9.98
N GLU F 368 -21.71 16.76 9.75
CA GLU F 368 -20.69 16.57 8.72
C GLU F 368 -19.64 15.56 9.11
N ASP F 369 -19.57 15.20 10.40
CA ASP F 369 -18.59 14.21 10.83
C ASP F 369 -19.02 12.79 10.45
N VAL F 370 -20.32 12.52 10.43
CA VAL F 370 -20.83 11.21 10.07
C VAL F 370 -20.79 11.09 8.54
N ASP F 371 -20.13 10.04 8.04
CA ASP F 371 -19.93 9.93 6.61
C ASP F 371 -21.23 9.60 5.88
N VAL F 372 -21.90 8.53 6.28
CA VAL F 372 -23.16 8.12 5.67
C VAL F 372 -24.23 8.06 6.75
N MET F 373 -25.34 8.75 6.54
CA MET F 373 -26.44 8.75 7.50
C MET F 373 -27.65 8.09 6.85
N MET F 374 -27.89 6.83 7.15
CA MET F 374 -29.09 6.17 6.70
C MET F 374 -30.28 6.64 7.53
N GLY F 375 -31.47 6.31 7.07
CA GLY F 375 -32.65 6.63 7.86
C GLY F 375 -33.89 6.05 7.21
N THR F 376 -34.97 6.05 7.98
CA THR F 376 -36.20 5.42 7.54
C THR F 376 -37.39 6.25 7.99
N PHE F 377 -38.35 6.44 7.09
CA PHE F 377 -39.54 7.22 7.39
C PHE F 377 -40.66 6.37 7.98
N THR F 378 -40.47 5.05 8.11
CA THR F 378 -41.56 4.21 8.57
C THR F 378 -41.94 4.49 10.01
N1 LLP F 379 -33.46 -0.96 10.22
C2 LLP F 379 -33.90 -0.70 11.50
C2' LLP F 379 -32.90 -0.46 12.59
C3 LLP F 379 -35.25 -0.65 11.78
O3 LLP F 379 -35.66 -0.39 13.07
C4 LLP F 379 -36.20 -0.86 10.79
C4' LLP F 379 -37.53 -0.18 11.01
C5 LLP F 379 -35.75 -1.12 9.50
C6 LLP F 379 -34.39 -1.17 9.24
C5' LLP F 379 -36.71 -1.38 8.36
OP4 LLP F 379 -37.55 -0.29 8.07
P LLP F 379 -38.49 -0.38 6.76
OP1 LLP F 379 -39.25 0.90 6.56
OP2 LLP F 379 -37.63 -0.67 5.56
OP3 LLP F 379 -39.46 -1.52 6.96
N LLP F 379 -40.93 4.66 10.87
CA LLP F 379 -41.18 4.73 12.31
CB LLP F 379 -39.87 4.60 13.07
CG LLP F 379 -38.95 3.52 12.55
CD LLP F 379 -39.59 2.17 12.62
CE LLP F 379 -38.58 1.05 12.46
NZ LLP F 379 -37.74 1.19 11.24
C LLP F 379 -41.90 6.02 12.68
O LLP F 379 -43.05 6.01 13.13
N SER F 380 -41.25 7.16 12.45
CA SER F 380 -41.72 8.42 13.00
C SER F 380 -42.69 9.14 12.07
N PHE F 381 -42.34 9.28 10.80
CA PHE F 381 -43.09 10.12 9.88
C PHE F 381 -44.35 9.44 9.35
N GLY F 382 -44.56 8.16 9.63
CA GLY F 382 -45.80 7.51 9.29
C GLY F 382 -45.98 7.14 7.84
N ALA F 383 -44.89 7.00 7.08
CA ALA F 383 -44.98 6.59 5.69
C ALA F 383 -43.75 5.76 5.34
N SER F 384 -43.97 4.69 4.58
CA SER F 384 -42.89 3.76 4.27
C SER F 384 -41.86 4.42 3.35
N GLY F 385 -40.61 4.03 3.50
CA GLY F 385 -39.55 4.55 2.68
C GLY F 385 -38.22 4.48 3.40
N GLY F 386 -37.21 5.06 2.76
CA GLY F 386 -35.88 5.12 3.35
C GLY F 386 -35.11 6.25 2.72
N TYR F 387 -33.95 6.55 3.30
CA TYR F 387 -33.13 7.63 2.77
C TYR F 387 -31.68 7.45 3.19
N ILE F 388 -30.79 8.08 2.43
CA ILE F 388 -29.37 8.17 2.75
C ILE F 388 -28.92 9.61 2.57
N GLY F 389 -28.22 10.13 3.57
CA GLY F 389 -27.74 11.50 3.53
C GLY F 389 -26.22 11.56 3.62
N GLY F 390 -25.63 12.50 2.89
CA GLY F 390 -24.20 12.68 2.90
C GLY F 390 -23.80 13.82 1.99
N LYS F 391 -22.49 13.91 1.74
CA LYS F 391 -21.95 14.92 0.84
C LYS F 391 -22.36 14.62 -0.60
N LYS F 392 -22.32 15.66 -1.44
CA LYS F 392 -22.85 15.53 -2.79
C LYS F 392 -22.06 14.53 -3.63
N GLU F 393 -20.76 14.34 -3.34
CA GLU F 393 -20.01 13.33 -4.07
C GLU F 393 -20.58 11.94 -3.81
N LEU F 394 -20.85 11.62 -2.54
CA LEU F 394 -21.45 10.34 -2.20
C LEU F 394 -22.82 10.18 -2.85
N ILE F 395 -23.63 11.23 -2.81
CA ILE F 395 -24.99 11.11 -3.33
C ILE F 395 -24.97 10.94 -4.85
N ASP F 396 -24.06 11.61 -5.55
CA ASP F 396 -23.96 11.39 -6.99
C ASP F 396 -23.47 9.98 -7.29
N TYR F 397 -22.48 9.50 -6.55
CA TYR F 397 -21.99 8.14 -6.78
C TYR F 397 -23.09 7.12 -6.53
N LEU F 398 -23.95 7.36 -5.53
CA LEU F 398 -25.05 6.44 -5.28
C LEU F 398 -26.12 6.56 -6.35
N ARG F 399 -26.46 7.78 -6.76
CA ARG F 399 -27.43 7.96 -7.83
C ARG F 399 -26.99 7.26 -9.10
N THR F 400 -25.68 7.06 -9.26
CA THR F 400 -25.20 6.33 -10.44
C THR F 400 -25.10 4.82 -10.19
N HIS F 401 -24.61 4.39 -9.02
CA HIS F 401 -24.24 2.99 -8.80
C HIS F 401 -25.02 2.33 -7.68
N SER F 402 -26.27 2.71 -7.45
CA SER F 402 -27.10 2.06 -6.45
C SER F 402 -27.99 1.03 -7.12
N HIS F 403 -28.04 -0.18 -6.55
CA HIS F 403 -28.77 -1.27 -7.18
C HIS F 403 -30.24 -0.92 -7.36
N SER F 404 -30.85 -0.31 -6.35
CA SER F 404 -32.25 0.07 -6.43
C SER F 404 -32.49 1.28 -7.31
N ALA F 405 -31.47 2.13 -7.50
CA ALA F 405 -31.62 3.23 -8.44
C ALA F 405 -31.72 2.74 -9.87
N VAL F 406 -31.11 1.58 -10.15
CA VAL F 406 -31.02 1.07 -11.51
C VAL F 406 -32.10 0.04 -11.80
N TYR F 407 -32.41 -0.84 -10.84
CA TYR F 407 -33.26 -2.00 -11.11
C TYR F 407 -34.58 -2.02 -10.35
N ALA F 408 -34.89 -1.04 -9.51
CA ALA F 408 -36.04 -1.13 -8.64
C ALA F 408 -36.96 0.06 -8.82
N THR F 409 -38.26 -0.18 -8.69
CA THR F 409 -39.26 0.87 -8.81
C THR F 409 -39.12 1.87 -7.67
N SER F 410 -39.35 3.14 -7.99
CA SER F 410 -39.16 4.22 -7.04
C SER F 410 -40.35 4.32 -6.08
N LEU F 411 -40.34 5.36 -5.24
CA LEU F 411 -41.40 5.56 -4.27
C LEU F 411 -42.73 5.89 -4.95
N SER F 412 -43.80 5.75 -4.19
CA SER F 412 -45.12 6.14 -4.64
C SER F 412 -45.32 7.63 -4.40
N PRO F 413 -46.20 8.28 -5.15
CA PRO F 413 -46.39 9.73 -5.00
C PRO F 413 -47.14 10.11 -3.73
N PRO F 414 -48.24 9.43 -3.36
CA PRO F 414 -48.89 9.81 -2.09
C PRO F 414 -47.99 9.62 -0.89
N VAL F 415 -47.14 8.59 -0.90
CA VAL F 415 -46.23 8.39 0.22
C VAL F 415 -45.23 9.53 0.33
N VAL F 416 -44.66 9.96 -0.80
CA VAL F 416 -43.70 11.07 -0.72
C VAL F 416 -44.41 12.35 -0.31
N GLU F 417 -45.68 12.52 -0.70
CA GLU F 417 -46.40 13.69 -0.22
C GLU F 417 -46.61 13.64 1.29
N GLN F 418 -46.93 12.47 1.83
CA GLN F 418 -47.09 12.35 3.27
C GLN F 418 -45.77 12.62 3.99
N ILE F 419 -44.66 12.11 3.47
CA ILE F 419 -43.37 12.37 4.09
C ILE F 419 -43.04 13.86 4.06
N ILE F 420 -43.30 14.51 2.94
CA ILE F 420 -43.01 15.94 2.82
C ILE F 420 -43.84 16.73 3.81
N THR F 421 -45.13 16.41 3.92
CA THR F 421 -45.98 17.16 4.86
C THR F 421 -45.56 16.91 6.30
N SER F 422 -45.19 15.68 6.65
CA SER F 422 -44.73 15.40 8.00
C SER F 422 -43.45 16.15 8.33
N MET F 423 -42.51 16.18 7.39
CA MET F 423 -41.26 16.90 7.63
C MET F 423 -41.50 18.40 7.76
N LYS F 424 -42.37 18.96 6.93
CA LYS F 424 -42.68 20.38 7.06
C LYS F 424 -43.41 20.68 8.37
N CYS F 425 -44.21 19.74 8.86
CA CYS F 425 -44.84 19.94 10.17
C CYS F 425 -43.81 19.92 11.28
N ILE F 426 -42.85 18.99 11.23
CA ILE F 426 -41.84 18.91 12.27
C ILE F 426 -40.96 20.15 12.26
N MET F 427 -40.52 20.59 11.08
CA MET F 427 -39.58 21.71 11.04
C MET F 427 -40.23 23.04 11.34
N GLY F 428 -41.54 23.12 11.50
CA GLY F 428 -42.20 24.38 11.73
C GLY F 428 -42.48 25.18 10.49
N GLN F 429 -42.23 24.61 9.30
CA GLN F 429 -42.55 25.31 8.06
C GLN F 429 -44.05 25.52 7.90
N ASP F 430 -44.86 24.65 8.51
CA ASP F 430 -46.30 24.83 8.45
C ASP F 430 -46.75 26.09 9.16
N GLY F 431 -45.99 26.53 10.17
CA GLY F 431 -46.32 27.69 10.95
C GLY F 431 -47.03 27.41 12.25
N THR F 432 -47.49 26.17 12.48
CA THR F 432 -48.21 25.80 13.68
C THR F 432 -47.30 24.99 14.60
N SER F 433 -47.66 24.95 15.88
CA SER F 433 -46.80 24.43 16.93
C SER F 433 -46.96 22.92 17.16
N LEU F 434 -47.42 22.17 16.17
CA LEU F 434 -47.49 20.72 16.34
C LEU F 434 -46.09 20.11 16.41
N GLY F 435 -45.13 20.66 15.65
CA GLY F 435 -43.80 20.08 15.63
C GLY F 435 -43.09 20.18 16.97
N LYS F 436 -43.30 21.27 17.69
CA LYS F 436 -42.66 21.46 18.99
C LYS F 436 -43.32 20.61 20.06
N GLU F 437 -44.64 20.51 20.05
CA GLU F 437 -45.36 19.84 21.13
C GLU F 437 -45.07 18.34 21.15
N CYS F 438 -45.01 17.72 19.96
CA CYS F 438 -44.91 16.26 19.91
C CYS F 438 -43.61 15.76 20.52
N VAL F 439 -42.49 16.43 20.27
CA VAL F 439 -41.20 15.96 20.77
C VAL F 439 -41.15 16.09 22.28
N GLN F 440 -41.60 17.23 22.82
CA GLN F 440 -41.62 17.41 24.26
C GLN F 440 -42.53 16.40 24.94
N GLN F 441 -43.70 16.15 24.35
CA GLN F 441 -44.62 15.20 24.96
C GLN F 441 -44.05 13.79 24.91
N LEU F 442 -43.38 13.42 23.82
CA LEU F 442 -42.75 12.10 23.76
C LEU F 442 -41.66 11.96 24.81
N ALA F 443 -40.85 13.00 25.02
CA ALA F 443 -39.82 12.92 26.06
C ALA F 443 -40.45 12.76 27.44
N GLU F 444 -41.50 13.53 27.72
CA GLU F 444 -42.16 13.40 29.02
C GLU F 444 -42.74 12.00 29.21
N ASN F 445 -43.37 11.46 28.16
CA ASN F 445 -43.92 10.11 28.26
C ASN F 445 -42.83 9.08 28.53
N THR F 446 -41.70 9.19 27.83
CA THR F 446 -40.63 8.22 28.03
C THR F 446 -40.10 8.27 29.45
N ARG F 447 -39.79 9.47 29.95
CA ARG F 447 -39.25 9.56 31.30
C ARG F 447 -40.25 9.04 32.33
N TYR F 448 -41.53 9.42 32.20
CA TYR F 448 -42.55 8.99 33.15
C TYR F 448 -42.69 7.47 33.15
N PHE F 449 -42.79 6.86 31.96
CA PHE F 449 -43.01 5.43 31.88
C PHE F 449 -41.82 4.65 32.43
N ARG F 450 -40.60 5.04 32.03
CA ARG F 450 -39.44 4.31 32.51
C ARG F 450 -39.29 4.45 34.02
N ARG F 451 -39.53 5.64 34.56
CA ARG F 451 -39.45 5.81 36.01
C ARG F 451 -40.47 4.91 36.72
N ARG F 452 -41.71 4.92 36.24
CA ARG F 452 -42.74 4.17 36.94
C ARG F 452 -42.47 2.67 36.89
N LEU F 453 -42.00 2.15 35.75
CA LEU F 453 -41.73 0.72 35.71
C LEU F 453 -40.49 0.35 36.53
N LYS F 454 -39.42 1.12 36.43
CA LYS F 454 -38.23 0.81 37.22
C LYS F 454 -38.51 0.90 38.72
N GLU F 455 -39.50 1.68 39.14
CA GLU F 455 -39.80 1.76 40.57
C GLU F 455 -40.83 0.74 41.02
N MET F 456 -41.34 -0.10 40.11
CA MET F 456 -42.22 -1.19 40.50
C MET F 456 -41.48 -2.48 40.81
N GLY F 457 -40.23 -2.62 40.36
CA GLY F 457 -39.45 -3.81 40.60
C GLY F 457 -39.12 -4.62 39.38
N PHE F 458 -39.39 -4.12 38.17
CA PHE F 458 -39.11 -4.86 36.96
C PHE F 458 -37.64 -4.71 36.59
N ILE F 459 -37.24 -5.36 35.50
CA ILE F 459 -35.92 -5.16 34.90
C ILE F 459 -36.11 -4.56 33.52
N ILE F 460 -35.47 -3.42 33.29
CA ILE F 460 -35.60 -2.69 32.04
C ILE F 460 -34.20 -2.40 31.52
N TYR F 461 -34.06 -2.37 30.20
CA TYR F 461 -32.77 -2.20 29.55
C TYR F 461 -32.67 -0.82 28.91
N GLY F 462 -31.45 -0.45 28.58
CA GLY F 462 -31.20 0.67 27.69
C GLY F 462 -31.05 2.01 28.39
N ASN F 463 -30.60 2.99 27.62
CA ASN F 463 -30.43 4.35 28.10
C ASN F 463 -31.78 4.91 28.56
N GLU F 464 -31.73 5.79 29.55
CA GLU F 464 -32.94 6.30 30.15
C GLU F 464 -33.72 7.22 29.23
N ASP F 465 -33.16 7.60 28.09
CA ASP F 465 -33.81 8.54 27.18
C ASP F 465 -34.39 7.88 25.94
N SER F 466 -34.30 6.56 25.80
CA SER F 466 -34.79 5.94 24.59
C SER F 466 -36.26 5.55 24.74
N PRO F 467 -37.11 5.86 23.77
CA PRO F 467 -38.55 5.53 23.91
C PRO F 467 -38.85 4.05 24.01
N VAL F 468 -38.08 3.17 23.36
CA VAL F 468 -38.35 1.74 23.44
C VAL F 468 -37.97 1.23 24.82
N VAL F 469 -38.90 0.54 25.47
CA VAL F 469 -38.73 0.05 26.83
C VAL F 469 -38.81 -1.47 26.80
N PRO F 470 -37.70 -2.18 26.71
CA PRO F 470 -37.78 -3.64 26.79
C PRO F 470 -37.86 -4.15 28.22
N LEU F 471 -39.05 -4.56 28.63
CA LEU F 471 -39.21 -5.26 29.90
C LEU F 471 -38.78 -6.71 29.71
N MET F 472 -38.34 -7.36 30.78
CA MET F 472 -37.71 -8.66 30.65
C MET F 472 -38.51 -9.71 31.41
N LEU F 473 -38.70 -10.88 30.75
CA LEU F 473 -39.51 -11.98 31.25
C LEU F 473 -38.69 -13.21 31.61
N TYR F 474 -37.78 -13.61 30.73
CA TYR F 474 -36.71 -14.61 30.89
C TYR F 474 -37.16 -16.07 30.76
N MET F 475 -38.45 -16.38 30.63
CA MET F 475 -38.81 -17.78 30.55
C MET F 475 -39.73 -18.04 29.37
N PRO F 476 -39.68 -19.26 28.81
CA PRO F 476 -40.41 -19.53 27.56
C PRO F 476 -41.92 -19.63 27.70
N ALA F 477 -42.40 -20.03 28.88
CA ALA F 477 -43.84 -20.00 29.11
C ALA F 477 -44.35 -18.59 29.36
N LYS F 478 -43.54 -17.76 30.02
CA LYS F 478 -43.96 -16.41 30.34
C LYS F 478 -44.04 -15.54 29.10
N ILE F 479 -43.34 -15.87 28.03
CA ILE F 479 -43.49 -15.14 26.77
C ILE F 479 -44.93 -15.20 26.29
N GLY F 480 -45.49 -16.40 26.23
CA GLY F 480 -46.89 -16.52 25.84
C GLY F 480 -47.84 -15.99 26.90
N ALA F 481 -47.55 -16.27 28.17
CA ALA F 481 -48.47 -15.86 29.22
C ALA F 481 -48.62 -14.35 29.30
N PHE F 482 -47.52 -13.60 29.15
CA PHE F 482 -47.59 -12.15 29.24
C PHE F 482 -48.43 -11.59 28.11
N GLY F 483 -48.22 -12.07 26.89
CA GLY F 483 -49.02 -11.59 25.77
C GLY F 483 -50.50 -11.84 25.96
N ARG F 484 -50.86 -13.07 26.35
CA ARG F 484 -52.28 -13.38 26.52
C ARG F 484 -52.89 -12.58 27.68
N GLU F 485 -52.16 -12.41 28.78
CA GLU F 485 -52.70 -11.71 29.93
C GLU F 485 -52.81 -10.20 29.68
N MET F 486 -51.89 -9.63 28.90
CA MET F 486 -52.07 -8.26 28.45
C MET F 486 -53.31 -8.12 27.58
N LEU F 487 -53.44 -8.97 26.56
CA LEU F 487 -54.56 -8.78 25.64
C LEU F 487 -55.89 -9.00 26.34
N LYS F 488 -55.94 -9.82 27.38
CA LYS F 488 -57.19 -9.92 28.14
C LYS F 488 -57.53 -8.63 28.85
N ARG F 489 -56.56 -7.76 29.11
CA ARG F 489 -56.79 -6.51 29.83
C ARG F 489 -56.79 -5.28 28.92
N ASN F 490 -56.87 -5.49 27.61
CA ASN F 490 -56.93 -4.40 26.62
C ASN F 490 -55.63 -3.58 26.61
N ILE F 491 -54.50 -4.28 26.51
CA ILE F 491 -53.23 -3.69 26.15
C ILE F 491 -52.58 -4.58 25.10
N GLY F 492 -52.00 -3.97 24.08
CA GLY F 492 -51.26 -4.69 23.07
C GLY F 492 -49.78 -4.49 23.28
N VAL F 493 -49.06 -5.60 23.47
CA VAL F 493 -47.62 -5.57 23.69
C VAL F 493 -46.95 -6.50 22.71
N VAL F 494 -45.67 -6.24 22.47
CA VAL F 494 -44.87 -7.03 21.54
C VAL F 494 -43.91 -7.87 22.37
N VAL F 495 -44.04 -9.19 22.28
CA VAL F 495 -43.18 -10.11 23.02
C VAL F 495 -42.26 -10.79 22.03
N VAL F 496 -40.96 -10.77 22.31
CA VAL F 496 -39.97 -11.37 21.42
C VAL F 496 -39.06 -12.27 22.23
N GLY F 497 -38.60 -13.34 21.58
CA GLY F 497 -37.81 -14.36 22.25
C GLY F 497 -36.58 -14.81 21.49
N PHE F 498 -36.46 -16.11 21.26
CA PHE F 498 -35.21 -16.68 20.75
C PHE F 498 -34.81 -16.22 19.35
N PRO F 499 -35.68 -16.19 18.34
CA PRO F 499 -35.19 -15.86 16.99
C PRO F 499 -34.56 -14.48 16.88
N ALA F 500 -35.04 -13.52 17.67
CA ALA F 500 -34.54 -12.14 17.58
C ALA F 500 -33.70 -11.71 18.77
N THR F 501 -33.70 -12.46 19.86
CA THR F 501 -32.93 -12.16 21.06
C THR F 501 -32.19 -13.40 21.52
N PRO F 502 -31.12 -13.24 22.30
CA PRO F 502 -30.49 -14.40 22.94
C PRO F 502 -31.52 -15.25 23.67
N ILE F 503 -31.19 -16.54 23.83
CA ILE F 503 -32.17 -17.51 24.30
C ILE F 503 -32.64 -17.18 25.71
N ILE F 504 -31.72 -16.82 26.60
CA ILE F 504 -32.08 -16.58 27.99
C ILE F 504 -32.90 -15.31 28.13
N GLU F 505 -32.55 -14.27 27.36
CA GLU F 505 -33.19 -12.96 27.49
C GLU F 505 -34.39 -12.91 26.56
N SER F 506 -35.58 -13.06 27.14
CA SER F 506 -36.84 -12.94 26.40
C SER F 506 -37.57 -11.72 26.93
N ARG F 507 -38.03 -10.85 26.03
CA ARG F 507 -38.47 -9.53 26.43
C ARG F 507 -39.84 -9.21 25.88
N ALA F 508 -40.42 -8.17 26.46
CA ALA F 508 -41.65 -7.54 26.00
C ALA F 508 -41.30 -6.08 25.75
N ARG F 509 -41.21 -5.71 24.49
CA ARG F 509 -40.81 -4.36 24.11
C ARG F 509 -42.03 -3.45 24.05
N PHE F 510 -41.97 -2.32 24.75
CA PHE F 510 -42.96 -1.27 24.63
C PHE F 510 -42.41 -0.16 23.76
N CYS F 511 -43.26 0.42 22.92
CA CYS F 511 -42.86 1.57 22.09
C CYS F 511 -43.77 2.73 22.44
N LEU F 512 -43.21 3.73 23.10
CA LEU F 512 -43.98 4.89 23.53
C LEU F 512 -44.21 5.84 22.35
N SER F 513 -45.10 6.80 22.58
CA SER F 513 -45.57 7.65 21.50
C SER F 513 -46.04 8.98 22.08
N ALA F 514 -46.15 9.96 21.20
CA ALA F 514 -46.74 11.24 21.57
C ALA F 514 -48.26 11.20 21.53
N ALA F 515 -48.85 10.12 21.02
CA ALA F 515 -50.29 9.96 21.04
C ALA F 515 -50.80 9.54 22.40
N HIS F 516 -49.97 8.88 23.21
CA HIS F 516 -50.39 8.36 24.50
C HIS F 516 -50.49 9.50 25.50
N THR F 517 -51.71 9.92 25.81
CA THR F 517 -51.90 10.88 26.88
C THR F 517 -51.59 10.23 28.22
N LYS F 518 -51.68 11.02 29.30
CA LYS F 518 -51.27 10.50 30.60
C LYS F 518 -52.26 9.48 31.15
N GLU F 519 -53.54 9.58 30.78
CA GLU F 519 -54.51 8.60 31.25
C GLU F 519 -54.24 7.22 30.65
N ILE F 520 -53.86 7.17 29.38
CA ILE F 520 -53.54 5.89 28.75
C ILE F 520 -52.33 5.25 29.42
N LEU F 521 -51.29 6.05 29.70
CA LEU F 521 -50.13 5.51 30.40
C LEU F 521 -50.49 5.06 31.80
N ASP F 522 -51.36 5.80 32.49
CA ASP F 522 -51.78 5.38 33.83
C ASP F 522 -52.48 4.03 33.79
N THR F 523 -53.40 3.85 32.84
CA THR F 523 -54.09 2.57 32.74
C THR F 523 -53.13 1.45 32.39
N ALA F 524 -52.23 1.67 31.44
CA ALA F 524 -51.28 0.63 31.07
C ALA F 524 -50.37 0.27 32.24
N LEU F 525 -49.94 1.27 33.02
CA LEU F 525 -49.10 0.98 34.18
C LEU F 525 -49.87 0.18 35.23
N LYS F 526 -51.13 0.52 35.46
CA LYS F 526 -51.91 -0.26 36.43
C LYS F 526 -52.04 -1.71 36.00
N GLU F 527 -52.34 -1.96 34.73
CA GLU F 527 -52.50 -3.34 34.30
C GLU F 527 -51.17 -4.08 34.26
N ILE F 528 -50.07 -3.41 33.92
CA ILE F 528 -48.77 -4.08 33.93
C ILE F 528 -48.38 -4.42 35.36
N ASP F 529 -48.69 -3.55 36.32
CA ASP F 529 -48.43 -3.88 37.71
C ASP F 529 -49.22 -5.10 38.15
N GLU F 530 -50.50 -5.15 37.79
CA GLU F 530 -51.32 -6.30 38.17
C GLU F 530 -50.78 -7.60 37.57
N VAL F 531 -50.43 -7.58 36.28
CA VAL F 531 -49.93 -8.79 35.63
C VAL F 531 -48.58 -9.19 36.22
N GLY F 532 -47.69 -8.24 36.43
CA GLY F 532 -46.41 -8.56 37.05
C GLY F 532 -46.57 -9.20 38.41
N ASP F 533 -47.55 -8.74 39.19
CA ASP F 533 -47.88 -9.46 40.42
C ASP F 533 -48.34 -10.87 40.12
N LEU F 534 -49.13 -11.04 39.07
CA LEU F 534 -49.71 -12.35 38.75
C LEU F 534 -48.64 -13.34 38.30
N LEU F 535 -47.75 -12.92 37.40
CA LEU F 535 -46.77 -13.80 36.79
C LEU F 535 -45.42 -13.80 37.50
N GLN F 536 -45.23 -12.98 38.53
CA GLN F 536 -43.95 -12.84 39.22
C GLN F 536 -42.85 -12.41 38.24
N LEU F 537 -43.01 -11.21 37.68
CA LEU F 537 -42.08 -10.68 36.71
C LEU F 537 -41.13 -9.64 37.30
N LYS F 538 -41.11 -9.50 38.62
CA LYS F 538 -40.32 -8.47 39.29
C LYS F 538 -39.02 -9.11 39.80
N TYR F 539 -38.02 -9.16 38.93
CA TYR F 539 -36.75 -9.79 39.25
C TYR F 539 -35.69 -8.82 39.72
N SER F 540 -36.05 -7.56 40.01
CA SER F 540 -35.03 -6.56 40.30
C SER F 540 -34.56 -6.68 41.74
N ARG F 541 -33.24 -6.70 41.93
CA ARG F 541 -32.65 -6.68 43.26
C ARG F 541 -32.62 -5.28 43.84
N HIS F 542 -32.18 -4.30 43.04
CA HIS F 542 -31.85 -2.98 43.57
C HIS F 542 -33.10 -2.21 44.00
N ARG F 543 -34.15 -2.24 43.20
CA ARG F 543 -35.32 -1.41 43.44
C ARG F 543 -36.55 -2.29 43.61
N LEU F 544 -37.52 -1.78 44.36
CA LEU F 544 -38.78 -2.48 44.57
C LEU F 544 -39.88 -1.53 45.04
C310 POV G . 64.72 -18.92 15.27
C311 POV G . 63.33 -19.50 15.38
C312 POV G . 63.41 -21.02 15.47
C313 POV G . 62.03 -21.62 15.57
C314 POV G . 62.12 -23.14 15.65
C315 POV G . 60.75 -23.76 15.77
C316 POV G . 60.84 -25.27 15.67
C34 POV G . 68.84 -14.38 11.58
C35 POV G . 67.53 -14.35 12.36
C36 POV G . 67.47 -15.51 13.34
C37 POV G . 66.09 -15.64 13.92
C38 POV G . 66.04 -16.87 14.83
C39 POV G . 64.65 -17.45 14.89
C310 POV H . 66.71 -23.60 12.49
C311 POV H . 66.96 -25.10 12.48
C312 POV H . 65.75 -25.81 13.07
C313 POV H . 65.82 -27.30 12.82
C314 POV H . 64.48 -27.94 13.13
C36 POV H . 68.68 -19.10 11.87
C37 POV H . 68.91 -20.57 11.66
C38 POV H . 67.70 -21.35 12.16
C39 POV H . 67.93 -22.85 11.99
C310 POV I . -49.88 -41.61 23.76
C311 POV I . -48.38 -41.47 23.96
C312 POV I . -47.97 -42.14 25.25
C313 POV I . -46.48 -42.01 25.47
C314 POV I . -46.09 -42.65 26.79
C315 POV I . -44.59 -42.55 27.02
C316 POV I . -44.23 -43.04 28.40
C34 POV I . -55.87 -38.02 22.19
C35 POV I . -54.51 -38.28 21.57
C36 POV I . -53.90 -39.54 22.15
C37 POV I . -52.44 -39.67 21.74
C38 POV I . -51.85 -40.88 22.41
C39 POV I . -50.35 -40.70 22.63
C310 POV J . -50.84 -41.51 29.47
C311 POV J . -50.61 -42.13 30.84
C312 POV J . -49.15 -42.52 30.97
C313 POV J . -48.81 -42.87 32.40
C314 POV J . -47.30 -42.95 32.57
C36 POV J . -54.21 -39.95 26.17
C37 POV J . -54.00 -40.38 27.62
C38 POV J . -52.53 -40.72 27.85
C39 POV J . -52.31 -41.18 29.28
#